data_2Z95
#
_entry.id   2Z95
#
_cell.length_a   80.482
_cell.length_b   101.178
_cell.length_c   186.242
_cell.angle_alpha   90.00
_cell.angle_beta   90.00
_cell.angle_gamma   90.00
#
_symmetry.space_group_name_H-M   'P 21 21 21'
#
loop_
_entity.id
_entity.type
_entity.pdbx_description
1 polymer 'GDP-D-mannose dehydratase'
2 non-polymer 'NADPH DIHYDRO-NICOTINAMIDE-ADENINE-DINUCLEOTIDE PHOSPHATE'
3 non-polymer "GUANOSINE-5'-DIPHOSPHATE"
4 water water
#
_entity_poly.entity_id   1
_entity_poly.type   'polypeptide(L)'
_entity_poly.pdbx_seq_one_letter_code
;MSGKRALITGIRGQDGAYLAKLLLEKGYEVYGADRRSGEFASWRLKELGIENDVKIIHMDLLEFSNIIRTIEKVQPDEVY
NLAAQSFVGVSFEQPILTAEVDAIGVLRILEALRTVKPDTKFYQASTSEMFGKVQEIPQTEKTPFYPRSPYAVAKLFGHW
ITVNYREAYNMFACSGILFNHESPLRGIEFVTRKITYSLARIKYGLQDKLVLGNLNAKRDWGYAPEYVEAMWLMMQQPEP
DDYVIATGETHTVREFVEKAAKIAGFDIEWVGEGINEKGIDRNTGKVIVEVSEEFFRPAEVDILVGNPEKAMKKLGWKPR
TTFDELVEIMMEADLKRVRDREVSV
;
_entity_poly.pdbx_strand_id   A,B,C,D
#
loop_
_chem_comp.id
_chem_comp.type
_chem_comp.name
_chem_comp.formula
GDP RNA linking GUANOSINE-5'-DIPHOSPHATE 'C10 H15 N5 O11 P2'
NDP non-polymer 'NADPH DIHYDRO-NICOTINAMIDE-ADENINE-DINUCLEOTIDE PHOSPHATE' 'C21 H30 N7 O17 P3'
#
# COMPACT_ATOMS: atom_id res chain seq x y z
N GLY A 3 -34.36 10.88 11.15
CA GLY A 3 -33.74 9.55 10.90
C GLY A 3 -32.39 9.68 10.20
N LYS A 4 -31.31 9.62 10.98
CA LYS A 4 -29.96 9.74 10.42
C LYS A 4 -29.35 8.38 10.11
N ARG A 5 -28.33 8.40 9.25
CA ARG A 5 -27.63 7.16 8.90
C ARG A 5 -26.26 7.12 9.57
N ALA A 6 -26.03 6.06 10.34
CA ALA A 6 -24.75 5.90 11.00
C ALA A 6 -24.02 4.71 10.43
N LEU A 7 -22.70 4.84 10.32
CA LEU A 7 -21.85 3.77 9.82
C LEU A 7 -20.85 3.40 10.92
N ILE A 8 -20.92 2.15 11.39
CA ILE A 8 -20.03 1.66 12.45
C ILE A 8 -19.03 0.60 11.97
N THR A 9 -17.74 0.88 12.12
CA THR A 9 -16.71 -0.10 11.76
C THR A 9 -16.51 -0.86 13.08
N GLY A 10 -16.11 -2.13 13.01
CA GLY A 10 -15.94 -2.91 14.22
C GLY A 10 -17.32 -3.30 14.76
N ILE A 11 -18.32 -3.31 13.89
CA ILE A 11 -19.68 -3.63 14.30
C ILE A 11 -19.82 -4.92 15.09
N ARG A 12 -18.93 -5.87 14.86
CA ARG A 12 -18.95 -7.16 15.53
C ARG A 12 -18.43 -7.15 16.98
N GLY A 13 -17.79 -6.06 17.38
CA GLY A 13 -17.25 -6.02 18.72
C GLY A 13 -18.20 -5.54 19.79
N GLN A 14 -17.72 -5.57 21.03
CA GLN A 14 -18.51 -5.12 22.18
C GLN A 14 -19.12 -3.74 21.96
N ASP A 15 -18.28 -2.76 21.64
CA ASP A 15 -18.75 -1.39 21.44
C ASP A 15 -19.62 -1.14 20.22
N GLY A 16 -19.28 -1.80 19.12
CA GLY A 16 -20.07 -1.65 17.91
C GLY A 16 -21.45 -2.19 18.18
N ALA A 17 -21.52 -3.36 18.82
CA ALA A 17 -22.78 -4.00 19.16
C ALA A 17 -23.67 -3.09 19.99
N TYR A 18 -23.15 -2.63 21.14
CA TYR A 18 -23.91 -1.75 22.01
C TYR A 18 -24.24 -0.43 21.36
N LEU A 19 -23.31 0.14 20.59
CA LEU A 19 -23.57 1.40 19.93
C LEU A 19 -24.69 1.22 18.90
N ALA A 20 -24.69 0.09 18.20
CA ALA A 20 -25.72 -0.21 17.21
C ALA A 20 -27.07 -0.20 17.92
N LYS A 21 -27.11 -0.85 19.08
CA LYS A 21 -28.33 -0.92 19.87
C LYS A 21 -28.81 0.48 20.22
N LEU A 22 -27.91 1.31 20.73
CA LEU A 22 -28.26 2.66 21.12
C LEU A 22 -28.81 3.48 19.95
N LEU A 23 -28.10 3.49 18.81
CA LEU A 23 -28.54 4.27 17.67
C LEU A 23 -29.89 3.82 17.12
N LEU A 24 -30.13 2.51 17.13
CA LEU A 24 -31.41 1.98 16.66
C LEU A 24 -32.53 2.50 17.53
N GLU A 25 -32.30 2.56 18.84
CA GLU A 25 -33.33 3.04 19.76
C GLU A 25 -33.61 4.52 19.52
N LYS A 26 -32.61 5.24 19.02
CA LYS A 26 -32.80 6.65 18.75
C LYS A 26 -33.31 6.90 17.33
N GLY A 27 -33.70 5.82 16.65
CA GLY A 27 -34.24 5.94 15.31
C GLY A 27 -33.30 6.05 14.12
N TYR A 28 -32.03 5.71 14.31
CA TYR A 28 -31.06 5.75 13.22
C TYR A 28 -31.21 4.53 12.31
N GLU A 29 -30.58 4.61 11.15
CA GLU A 29 -30.51 3.47 10.23
C GLU A 29 -29.07 3.05 10.55
N VAL A 30 -28.84 1.79 10.91
CA VAL A 30 -27.48 1.41 11.25
C VAL A 30 -26.79 0.46 10.29
N TYR A 31 -25.66 0.90 9.76
CA TYR A 31 -24.84 0.14 8.82
C TYR A 31 -23.57 -0.34 9.49
N GLY A 32 -23.43 -1.64 9.67
CA GLY A 32 -22.23 -2.18 10.29
C GLY A 32 -21.19 -2.61 9.27
N ALA A 33 -20.04 -1.97 9.30
CA ALA A 33 -18.94 -2.30 8.38
C ALA A 33 -18.29 -3.58 8.88
N ASP A 34 -18.04 -4.49 7.94
CA ASP A 34 -17.44 -5.78 8.29
C ASP A 34 -16.58 -6.24 7.12
N ARG A 35 -15.53 -7.00 7.40
CA ARG A 35 -14.65 -7.48 6.36
C ARG A 35 -14.82 -8.98 6.05
N ALA A 41 -22.37 -14.01 10.50
CA ALA A 41 -23.25 -13.62 11.60
C ALA A 41 -22.44 -13.28 12.85
N SER A 42 -22.94 -12.33 13.65
CA SER A 42 -22.27 -11.91 14.88
C SER A 42 -23.02 -12.36 16.13
N TRP A 43 -22.33 -13.06 17.03
CA TRP A 43 -22.99 -13.52 18.24
C TRP A 43 -23.45 -12.38 19.15
N ARG A 44 -22.87 -11.20 18.99
CA ARG A 44 -23.24 -10.07 19.83
C ARG A 44 -24.51 -9.36 19.37
N LEU A 45 -24.57 -8.99 18.09
CA LEU A 45 -25.75 -8.31 17.58
C LEU A 45 -26.95 -9.22 17.84
N LYS A 46 -26.71 -10.53 17.76
CA LYS A 46 -27.74 -11.53 18.01
C LYS A 46 -28.16 -11.57 19.48
N GLU A 47 -27.19 -11.50 20.38
CA GLU A 47 -27.54 -11.53 21.80
C GLU A 47 -28.33 -10.29 22.18
N LEU A 48 -28.09 -9.19 21.47
CA LEU A 48 -28.79 -7.95 21.74
C LEU A 48 -30.11 -7.92 20.96
N GLY A 49 -30.33 -8.94 20.14
CA GLY A 49 -31.55 -9.05 19.37
C GLY A 49 -31.72 -8.01 18.26
N ILE A 50 -30.62 -7.61 17.64
CA ILE A 50 -30.69 -6.61 16.59
C ILE A 50 -29.96 -7.02 15.33
N GLU A 51 -29.58 -8.29 15.22
CA GLU A 51 -28.86 -8.74 14.03
C GLU A 51 -29.66 -8.54 12.76
N ASN A 52 -30.98 -8.41 12.87
CA ASN A 52 -31.80 -8.21 11.68
C ASN A 52 -32.14 -6.74 11.41
N ASP A 53 -31.66 -5.84 12.24
CA ASP A 53 -31.94 -4.42 12.02
C ASP A 53 -30.66 -3.68 11.66
N VAL A 54 -29.54 -4.35 11.83
CA VAL A 54 -28.25 -3.78 11.52
C VAL A 54 -27.86 -4.20 10.10
N LYS A 55 -27.77 -3.22 9.21
CA LYS A 55 -27.43 -3.47 7.82
C LYS A 55 -25.92 -3.65 7.65
N ILE A 56 -25.50 -4.90 7.42
CA ILE A 56 -24.09 -5.24 7.26
C ILE A 56 -23.58 -4.99 5.82
N ILE A 57 -22.51 -4.22 5.71
CA ILE A 57 -21.89 -3.93 4.42
C ILE A 57 -20.40 -4.17 4.52
N HIS A 58 -19.76 -4.47 3.39
CA HIS A 58 -18.32 -4.72 3.38
C HIS A 58 -17.49 -3.46 3.36
N MET A 59 -16.36 -3.51 4.07
CA MET A 59 -15.41 -2.40 4.15
C MET A 59 -14.16 -2.94 4.86
N ASP A 60 -12.98 -2.64 4.32
CA ASP A 60 -11.74 -3.09 4.91
C ASP A 60 -10.80 -1.90 5.07
N LEU A 61 -10.41 -1.61 6.30
CA LEU A 61 -9.55 -0.49 6.56
C LEU A 61 -8.15 -0.64 5.97
N LEU A 62 -7.83 -1.84 5.47
CA LEU A 62 -6.53 -2.11 4.89
C LEU A 62 -6.34 -1.57 3.49
N GLU A 63 -7.45 -1.22 2.84
CA GLU A 63 -7.41 -0.72 1.46
C GLU A 63 -8.32 0.49 1.32
N PHE A 64 -7.85 1.49 0.58
CA PHE A 64 -8.58 2.74 0.40
C PHE A 64 -9.80 2.81 -0.54
N SER A 65 -9.67 2.31 -1.76
CA SER A 65 -10.77 2.40 -2.72
C SER A 65 -12.11 1.84 -2.26
N ASN A 66 -12.10 0.75 -1.51
CA ASN A 66 -13.35 0.18 -1.07
C ASN A 66 -14.03 1.07 -0.02
N ILE A 67 -13.23 1.78 0.77
CA ILE A 67 -13.77 2.68 1.79
C ILE A 67 -14.48 3.83 1.07
N ILE A 68 -13.79 4.42 0.10
CA ILE A 68 -14.35 5.52 -0.71
C ILE A 68 -15.72 5.16 -1.23
N ARG A 69 -15.82 4.02 -1.92
CA ARG A 69 -17.08 3.57 -2.48
C ARG A 69 -18.13 3.29 -1.42
N THR A 70 -17.73 2.79 -0.26
CA THR A 70 -18.68 2.51 0.81
C THR A 70 -19.33 3.80 1.30
N ILE A 71 -18.55 4.87 1.38
CA ILE A 71 -19.09 6.14 1.84
C ILE A 71 -20.02 6.66 0.76
N GLU A 72 -19.63 6.50 -0.50
CA GLU A 72 -20.48 6.98 -1.60
C GLU A 72 -21.82 6.28 -1.62
N LYS A 73 -21.84 4.97 -1.36
CA LYS A 73 -23.08 4.22 -1.37
C LYS A 73 -23.92 4.44 -0.13
N VAL A 74 -23.29 4.40 1.05
CA VAL A 74 -24.02 4.56 2.30
C VAL A 74 -24.40 6.00 2.64
N GLN A 75 -23.60 6.96 2.19
CA GLN A 75 -23.88 8.36 2.47
C GLN A 75 -24.31 8.51 3.93
N PRO A 76 -23.38 8.30 4.87
CA PRO A 76 -23.73 8.41 6.29
C PRO A 76 -23.61 9.82 6.84
N ASP A 77 -24.33 10.08 7.91
CA ASP A 77 -24.29 11.38 8.58
C ASP A 77 -23.19 11.28 9.63
N GLU A 78 -23.09 10.09 10.21
CA GLU A 78 -22.12 9.80 11.26
C GLU A 78 -21.34 8.50 11.05
N VAL A 79 -20.03 8.59 11.19
CA VAL A 79 -19.16 7.41 11.07
C VAL A 79 -18.43 7.18 12.39
N TYR A 80 -18.62 5.99 12.98
CA TYR A 80 -17.96 5.65 14.23
C TYR A 80 -16.91 4.59 13.92
N ASN A 81 -15.64 4.94 14.03
CA ASN A 81 -14.58 3.98 13.75
C ASN A 81 -14.15 3.23 14.99
N LEU A 82 -14.82 2.12 15.27
CA LEU A 82 -14.53 1.30 16.43
C LEU A 82 -13.77 0.05 15.99
N ALA A 83 -13.36 0.02 14.73
CA ALA A 83 -12.63 -1.13 14.20
C ALA A 83 -11.15 -1.07 14.50
N ALA A 84 -10.56 -2.23 14.77
CA ALA A 84 -9.13 -2.28 15.06
C ALA A 84 -8.59 -3.67 15.43
N GLN A 85 -7.27 -3.70 15.58
CA GLN A 85 -6.51 -4.86 16.00
C GLN A 85 -6.17 -4.30 17.38
N SER A 86 -7.00 -4.62 18.38
CA SER A 86 -6.79 -4.05 19.70
C SER A 86 -5.94 -4.79 20.72
N PHE A 87 -5.37 -5.93 20.35
CA PHE A 87 -4.54 -6.67 21.30
C PHE A 87 -3.09 -6.19 21.33
N VAL A 88 -2.71 -5.60 22.46
CA VAL A 88 -1.36 -5.09 22.66
C VAL A 88 -0.34 -6.18 22.34
N GLY A 89 -0.51 -7.33 22.99
CA GLY A 89 0.40 -8.44 22.77
C GLY A 89 0.59 -8.71 21.28
N VAL A 90 -0.50 -8.98 20.58
CA VAL A 90 -0.41 -9.24 19.14
C VAL A 90 0.38 -8.15 18.44
N SER A 91 0.17 -6.89 18.83
CA SER A 91 0.86 -5.78 18.18
C SER A 91 2.38 -5.86 18.23
N PHE A 92 2.94 -6.57 19.20
CA PHE A 92 4.39 -6.68 19.24
C PHE A 92 4.86 -7.66 18.15
N GLU A 93 3.99 -8.59 17.79
CA GLU A 93 4.30 -9.59 16.76
C GLU A 93 3.89 -9.11 15.35
N GLN A 94 2.79 -8.38 15.26
CA GLN A 94 2.30 -7.87 13.99
C GLN A 94 2.17 -6.34 14.05
N PRO A 95 3.28 -5.66 14.34
CA PRO A 95 3.27 -4.20 14.43
C PRO A 95 2.90 -3.48 13.16
N ILE A 96 3.40 -3.95 12.03
CA ILE A 96 3.11 -3.30 10.77
C ILE A 96 1.64 -3.45 10.41
N LEU A 97 1.11 -4.66 10.53
CA LEU A 97 -0.30 -4.89 10.21
C LEU A 97 -1.13 -4.05 11.19
N THR A 98 -0.70 -4.00 12.45
CA THR A 98 -1.44 -3.22 13.43
C THR A 98 -1.45 -1.74 13.06
N ALA A 99 -0.31 -1.24 12.60
CA ALA A 99 -0.22 0.16 12.20
C ALA A 99 -1.12 0.45 10.99
N GLU A 100 -1.17 -0.47 10.03
CA GLU A 100 -1.98 -0.30 8.82
C GLU A 100 -3.48 -0.16 9.14
N VAL A 101 -3.94 -0.87 10.16
CA VAL A 101 -5.33 -0.79 10.56
C VAL A 101 -5.65 0.30 11.61
N ASP A 102 -4.88 0.34 12.69
CA ASP A 102 -5.12 1.30 13.76
C ASP A 102 -4.61 2.71 13.53
N ALA A 103 -3.69 2.87 12.59
CA ALA A 103 -3.16 4.19 12.30
C ALA A 103 -3.54 4.62 10.89
N ILE A 104 -2.95 4.00 9.88
CA ILE A 104 -3.26 4.37 8.51
C ILE A 104 -4.74 4.21 8.20
N GLY A 105 -5.37 3.15 8.72
CA GLY A 105 -6.78 2.94 8.46
C GLY A 105 -7.67 4.11 8.87
N VAL A 106 -7.30 4.78 9.97
CA VAL A 106 -8.04 5.93 10.48
C VAL A 106 -7.99 7.05 9.44
N LEU A 107 -6.79 7.29 8.93
CA LEU A 107 -6.57 8.31 7.91
C LEU A 107 -7.35 7.96 6.65
N ARG A 108 -7.36 6.69 6.28
CA ARG A 108 -8.08 6.27 5.08
C ARG A 108 -9.53 6.73 5.13
N ILE A 109 -10.19 6.56 6.28
CA ILE A 109 -11.57 6.98 6.38
C ILE A 109 -11.70 8.50 6.32
N LEU A 110 -10.85 9.21 7.05
CA LEU A 110 -10.88 10.67 7.04
C LEU A 110 -10.70 11.22 5.64
N GLU A 111 -9.71 10.68 4.94
CA GLU A 111 -9.40 11.08 3.58
C GLU A 111 -10.57 10.71 2.62
N ALA A 112 -11.28 9.64 2.92
CA ALA A 112 -12.43 9.23 2.11
C ALA A 112 -13.61 10.16 2.34
N LEU A 113 -13.73 10.65 3.57
CA LEU A 113 -14.81 11.58 3.89
C LEU A 113 -14.46 12.96 3.33
N ARG A 114 -13.18 13.31 3.41
CA ARG A 114 -12.76 14.59 2.86
C ARG A 114 -13.05 14.62 1.37
N THR A 115 -12.80 13.50 0.70
CA THR A 115 -12.97 13.36 -0.75
C THR A 115 -14.40 13.15 -1.26
N VAL A 116 -15.23 12.42 -0.54
CA VAL A 116 -16.59 12.17 -1.02
C VAL A 116 -17.77 12.77 -0.24
N LYS A 117 -17.61 13.03 1.05
CA LYS A 117 -18.72 13.58 1.84
C LYS A 117 -18.20 14.27 3.11
N PRO A 118 -17.53 15.43 2.95
CA PRO A 118 -16.93 16.28 3.99
C PRO A 118 -17.84 16.72 5.14
N ASP A 119 -19.15 16.60 4.94
CA ASP A 119 -20.10 17.01 5.97
C ASP A 119 -20.38 15.87 6.93
N THR A 120 -19.62 14.79 6.82
CA THR A 120 -19.81 13.63 7.66
C THR A 120 -19.14 13.74 9.03
N LYS A 121 -19.86 13.31 10.05
CA LYS A 121 -19.31 13.33 11.41
C LYS A 121 -18.46 12.09 11.60
N PHE A 122 -17.29 12.29 12.22
CA PHE A 122 -16.36 11.21 12.44
C PHE A 122 -15.89 11.05 13.89
N TYR A 123 -16.02 9.83 14.41
CA TYR A 123 -15.59 9.51 15.76
C TYR A 123 -14.47 8.47 15.67
N GLN A 124 -13.34 8.77 16.33
CA GLN A 124 -12.19 7.88 16.34
C GLN A 124 -12.05 7.27 17.72
N ALA A 125 -12.04 5.93 17.77
CA ALA A 125 -11.94 5.22 19.04
C ALA A 125 -10.52 5.18 19.60
N SER A 126 -10.15 6.21 20.36
CA SER A 126 -8.81 6.26 20.95
C SER A 126 -8.78 5.48 22.26
N THR A 127 -7.60 5.36 22.84
CA THR A 127 -7.45 4.57 24.05
C THR A 127 -6.54 5.16 25.12
N SER A 128 -6.77 4.77 26.36
CA SER A 128 -5.95 5.24 27.48
C SER A 128 -4.56 4.65 27.33
N GLU A 129 -4.43 3.65 26.47
CA GLU A 129 -3.15 3.01 26.23
C GLU A 129 -2.13 4.00 25.68
N MET A 130 -2.63 5.12 25.18
CA MET A 130 -1.76 6.15 24.62
C MET A 130 -0.99 6.89 25.70
N PHE A 131 -1.53 6.88 26.92
CA PHE A 131 -0.85 7.55 28.02
C PHE A 131 0.31 6.68 28.47
N GLY A 132 0.23 5.38 28.13
CA GLY A 132 1.28 4.44 28.47
C GLY A 132 1.99 4.70 29.78
N LYS A 133 3.22 5.21 29.71
CA LYS A 133 4.00 5.53 30.91
C LYS A 133 3.46 6.87 31.38
N VAL A 134 2.30 6.85 32.01
CA VAL A 134 1.61 8.04 32.49
C VAL A 134 2.52 9.19 32.92
N GLN A 135 2.19 10.37 32.44
CA GLN A 135 2.96 11.58 32.75
C GLN A 135 2.26 12.41 33.83
N GLU A 136 1.05 11.99 34.20
CA GLU A 136 0.29 12.67 35.24
C GLU A 136 -0.70 11.66 35.83
N ILE A 137 -1.15 11.91 37.06
CA ILE A 137 -2.11 11.03 37.68
C ILE A 137 -3.13 11.87 38.43
N PRO A 138 -4.42 11.80 38.04
CA PRO A 138 -4.96 10.97 36.96
C PRO A 138 -4.65 11.57 35.60
N GLN A 139 -5.17 10.97 34.54
CA GLN A 139 -4.93 11.46 33.19
C GLN A 139 -6.11 12.25 32.61
N THR A 140 -5.81 13.34 31.92
CA THR A 140 -6.83 14.17 31.28
C THR A 140 -6.41 14.36 29.81
N GLU A 141 -7.19 15.17 29.10
CA GLU A 141 -6.91 15.48 27.70
C GLU A 141 -5.57 16.22 27.56
N LYS A 142 -5.09 16.81 28.64
CA LYS A 142 -3.85 17.57 28.60
C LYS A 142 -2.63 16.79 29.06
N THR A 143 -2.83 15.57 29.52
CA THR A 143 -1.72 14.75 29.97
C THR A 143 -0.88 14.36 28.75
N PRO A 144 0.44 14.58 28.81
CA PRO A 144 1.29 14.22 27.68
C PRO A 144 1.22 12.73 27.38
N PHE A 145 1.19 12.37 26.10
CA PHE A 145 1.13 10.96 25.72
C PHE A 145 2.49 10.26 25.77
N TYR A 146 2.47 8.95 25.99
CA TYR A 146 3.70 8.15 26.05
C TYR A 146 3.36 6.67 25.76
N PRO A 147 3.08 6.35 24.49
CA PRO A 147 2.73 5.00 24.04
C PRO A 147 3.81 3.98 24.40
N ARG A 148 3.41 2.76 24.75
CA ARG A 148 4.42 1.75 25.11
C ARG A 148 4.34 0.44 24.33
N SER A 149 3.66 0.46 23.19
CA SER A 149 3.54 -0.73 22.34
C SER A 149 3.19 -0.27 20.92
N PRO A 150 3.48 -1.09 19.90
CA PRO A 150 3.15 -0.67 18.53
C PRO A 150 1.68 -0.26 18.43
N TYR A 151 0.83 -0.98 19.15
CA TYR A 151 -0.61 -0.71 19.17
C TYR A 151 -0.85 0.70 19.67
N ALA A 152 -0.23 1.03 20.80
CA ALA A 152 -0.39 2.35 21.40
C ALA A 152 0.12 3.44 20.44
N VAL A 153 1.27 3.23 19.82
CA VAL A 153 1.81 4.22 18.89
C VAL A 153 0.90 4.39 17.65
N ALA A 154 0.28 3.30 17.20
CA ALA A 154 -0.59 3.38 16.04
C ALA A 154 -1.83 4.18 16.43
N LYS A 155 -2.36 3.92 17.63
CA LYS A 155 -3.54 4.61 18.13
C LYS A 155 -3.28 6.11 18.29
N LEU A 156 -2.10 6.46 18.81
CA LEU A 156 -1.73 7.86 18.98
C LEU A 156 -1.75 8.52 17.60
N PHE A 157 -1.27 7.80 16.59
CA PHE A 157 -1.28 8.34 15.23
C PHE A 157 -2.72 8.65 14.83
N GLY A 158 -3.60 7.66 15.01
CA GLY A 158 -5.00 7.84 14.68
C GLY A 158 -5.59 9.05 15.39
N HIS A 159 -5.17 9.26 16.63
CA HIS A 159 -5.67 10.38 17.43
C HIS A 159 -5.26 11.69 16.78
N TRP A 160 -3.96 11.90 16.65
CA TRP A 160 -3.48 13.14 16.05
C TRP A 160 -3.97 13.38 14.63
N ILE A 161 -4.06 12.33 13.81
CA ILE A 161 -4.48 12.55 12.44
C ILE A 161 -5.94 12.97 12.44
N THR A 162 -6.67 12.60 13.49
CA THR A 162 -8.08 12.97 13.59
C THR A 162 -8.18 14.44 14.01
N VAL A 163 -7.27 14.85 14.89
CA VAL A 163 -7.23 16.22 15.35
C VAL A 163 -6.80 17.14 14.21
N ASN A 164 -5.85 16.67 13.41
CA ASN A 164 -5.34 17.47 12.30
C ASN A 164 -6.39 17.70 11.22
N TYR A 165 -7.22 16.69 10.95
CA TYR A 165 -8.26 16.84 9.93
C TYR A 165 -9.34 17.78 10.44
N ARG A 166 -9.50 17.83 11.76
CA ARG A 166 -10.50 18.72 12.34
C ARG A 166 -10.01 20.15 12.22
N GLU A 167 -8.73 20.35 12.49
CA GLU A 167 -8.15 21.68 12.45
C GLU A 167 -7.85 22.20 11.06
N ALA A 168 -7.38 21.33 10.18
CA ALA A 168 -7.04 21.74 8.83
C ALA A 168 -8.20 21.85 7.85
N TYR A 169 -9.21 21.01 8.01
CA TYR A 169 -10.33 21.05 7.08
C TYR A 169 -11.61 21.41 7.78
N ASN A 170 -11.50 21.73 9.06
CA ASN A 170 -12.64 22.09 9.87
C ASN A 170 -13.71 21.02 9.74
N MET A 171 -13.31 19.77 9.85
CA MET A 171 -14.24 18.66 9.75
C MET A 171 -14.74 18.32 11.14
N PHE A 172 -15.94 17.76 11.23
CA PHE A 172 -16.47 17.38 12.54
C PHE A 172 -15.83 16.03 12.85
N ALA A 173 -14.65 16.06 13.48
CA ALA A 173 -13.93 14.85 13.82
C ALA A 173 -13.59 14.85 15.31
N CYS A 174 -14.14 13.86 16.01
CA CYS A 174 -13.94 13.70 17.45
C CYS A 174 -13.04 12.53 17.79
N SER A 175 -12.33 12.63 18.91
CA SER A 175 -11.48 11.54 19.35
C SER A 175 -11.76 11.23 20.81
N GLY A 176 -12.30 10.05 21.06
CA GLY A 176 -12.59 9.65 22.42
C GLY A 176 -11.47 8.81 23.01
N ILE A 177 -10.80 9.36 24.01
CA ILE A 177 -9.72 8.66 24.69
C ILE A 177 -10.40 7.87 25.78
N LEU A 178 -10.83 6.66 25.44
CA LEU A 178 -11.53 5.82 26.39
C LEU A 178 -10.66 4.90 27.24
N PHE A 179 -11.05 4.74 28.49
CA PHE A 179 -10.36 3.87 29.43
C PHE A 179 -11.15 2.56 29.47
N ASN A 180 -10.57 1.51 30.04
CA ASN A 180 -11.23 0.21 30.13
C ASN A 180 -12.74 0.23 30.41
N HIS A 181 -13.50 -0.51 29.62
CA HIS A 181 -14.94 -0.65 29.81
C HIS A 181 -15.36 -2.06 29.46
N GLU A 182 -16.09 -2.66 30.37
CA GLU A 182 -16.53 -4.04 30.25
C GLU A 182 -18.05 -4.21 30.12
N SER A 183 -18.47 -5.45 29.95
CA SER A 183 -19.88 -5.80 29.81
C SER A 183 -20.00 -7.29 29.59
N PRO A 184 -21.24 -7.81 29.55
CA PRO A 184 -21.41 -9.25 29.32
C PRO A 184 -20.92 -9.65 27.93
N LEU A 185 -20.81 -8.68 27.03
CA LEU A 185 -20.36 -8.96 25.67
C LEU A 185 -18.84 -8.87 25.54
N ARG A 186 -18.18 -8.59 26.66
CA ARG A 186 -16.74 -8.48 26.68
C ARG A 186 -16.09 -9.79 26.27
N GLY A 187 -14.99 -9.71 25.53
CA GLY A 187 -14.30 -10.90 25.07
C GLY A 187 -13.77 -11.78 26.19
N ILE A 188 -13.77 -13.10 25.96
CA ILE A 188 -13.30 -14.04 26.97
C ILE A 188 -11.82 -13.80 27.30
N GLU A 189 -11.11 -13.23 26.32
CA GLU A 189 -9.69 -12.91 26.45
C GLU A 189 -9.41 -11.89 27.56
N PHE A 190 -10.45 -11.14 27.96
CA PHE A 190 -10.32 -10.13 28.99
C PHE A 190 -10.53 -10.65 30.41
N VAL A 191 -9.77 -10.10 31.35
CA VAL A 191 -9.80 -10.50 32.75
C VAL A 191 -11.17 -10.46 33.43
N THR A 192 -11.93 -9.39 33.17
CA THR A 192 -13.24 -9.26 33.79
C THR A 192 -14.15 -10.39 33.35
N ARG A 193 -14.20 -10.63 32.03
CA ARG A 193 -15.04 -11.70 31.50
C ARG A 193 -14.49 -13.07 31.89
N LYS A 194 -13.16 -13.21 31.89
CA LYS A 194 -12.56 -14.48 32.26
C LYS A 194 -12.95 -14.84 33.68
N ILE A 195 -12.93 -13.85 34.56
CA ILE A 195 -13.29 -14.07 35.95
C ILE A 195 -14.73 -14.53 36.12
N THR A 196 -15.67 -13.79 35.55
CA THR A 196 -17.08 -14.13 35.67
C THR A 196 -17.45 -15.39 34.92
N TYR A 197 -16.80 -15.62 33.77
CA TYR A 197 -17.10 -16.81 32.99
C TYR A 197 -16.63 -18.03 33.76
N SER A 198 -15.37 -17.96 34.21
CA SER A 198 -14.75 -19.04 34.97
C SER A 198 -15.54 -19.35 36.24
N LEU A 199 -15.78 -18.34 37.07
CA LEU A 199 -16.53 -18.54 38.31
C LEU A 199 -17.84 -19.26 38.08
N ALA A 200 -18.60 -18.85 37.07
CA ALA A 200 -19.88 -19.49 36.75
C ALA A 200 -19.68 -20.98 36.47
N ARG A 201 -18.70 -21.30 35.63
CA ARG A 201 -18.42 -22.69 35.29
C ARG A 201 -18.08 -23.49 36.55
N ILE A 202 -17.22 -22.93 37.39
CA ILE A 202 -16.83 -23.59 38.62
C ILE A 202 -18.06 -23.96 39.45
N LYS A 203 -19.02 -23.04 39.50
CA LYS A 203 -20.26 -23.24 40.25
C LYS A 203 -21.10 -24.35 39.61
N TYR A 204 -20.72 -24.76 38.40
CA TYR A 204 -21.44 -25.83 37.72
C TYR A 204 -20.56 -27.02 37.36
N GLY A 205 -19.48 -27.21 38.11
CA GLY A 205 -18.58 -28.33 37.88
C GLY A 205 -17.95 -28.47 36.51
N LEU A 206 -18.18 -27.50 35.64
CA LEU A 206 -17.60 -27.56 34.30
C LEU A 206 -16.13 -27.18 34.38
N GLN A 207 -15.73 -26.67 35.55
CA GLN A 207 -14.36 -26.23 35.77
C GLN A 207 -14.03 -26.35 37.26
N ASP A 208 -12.75 -26.41 37.59
CA ASP A 208 -12.32 -26.55 38.98
C ASP A 208 -11.84 -25.26 39.64
N LYS A 209 -10.81 -24.64 39.06
CA LYS A 209 -10.25 -23.43 39.64
C LYS A 209 -10.09 -22.28 38.65
N LEU A 210 -10.08 -21.07 39.20
CA LEU A 210 -9.89 -19.85 38.41
C LEU A 210 -8.42 -19.47 38.50
N VAL A 211 -7.72 -19.53 37.38
CA VAL A 211 -6.30 -19.21 37.34
C VAL A 211 -6.04 -17.80 36.82
N LEU A 212 -5.48 -16.94 37.69
CA LEU A 212 -5.18 -15.56 37.32
C LEU A 212 -3.71 -15.14 37.47
N GLY A 213 -3.48 -13.83 37.33
CA GLY A 213 -2.15 -13.28 37.46
C GLY A 213 -2.06 -12.45 38.73
N ASN A 214 -1.49 -11.25 38.64
CA ASN A 214 -1.35 -10.39 39.82
C ASN A 214 -2.72 -9.87 40.25
N LEU A 215 -3.17 -10.28 41.44
CA LEU A 215 -4.47 -9.87 41.96
C LEU A 215 -4.46 -8.41 42.46
N ASN A 216 -3.30 -7.77 42.43
CA ASN A 216 -3.20 -6.38 42.87
C ASN A 216 -3.27 -5.39 41.72
N ALA A 217 -3.24 -5.91 40.48
CA ALA A 217 -3.31 -5.05 39.31
C ALA A 217 -4.53 -4.13 39.46
N LYS A 218 -4.38 -2.88 39.04
CA LYS A 218 -5.47 -1.90 39.15
C LYS A 218 -5.91 -1.36 37.79
N ARG A 219 -7.22 -1.19 37.61
CA ARG A 219 -7.78 -0.67 36.37
C ARG A 219 -8.96 0.24 36.64
N ASP A 220 -9.22 1.14 35.70
CA ASP A 220 -10.35 2.05 35.73
C ASP A 220 -11.37 1.29 34.85
N TRP A 221 -12.34 0.61 35.46
CA TRP A 221 -13.34 -0.16 34.72
C TRP A 221 -14.71 0.50 34.65
N GLY A 222 -15.25 0.62 33.44
CA GLY A 222 -16.56 1.23 33.27
C GLY A 222 -17.53 0.25 32.62
N TYR A 223 -18.78 0.68 32.45
CA TYR A 223 -19.81 -0.15 31.84
C TYR A 223 -19.93 0.27 30.37
N ALA A 224 -19.50 -0.60 29.47
CA ALA A 224 -19.50 -0.33 28.02
C ALA A 224 -20.70 0.41 27.43
N PRO A 225 -21.93 -0.02 27.77
CA PRO A 225 -23.06 0.72 27.19
C PRO A 225 -22.98 2.23 27.45
N GLU A 226 -22.68 2.61 28.69
CA GLU A 226 -22.56 4.02 29.04
C GLU A 226 -21.40 4.70 28.29
N TYR A 227 -20.41 3.92 27.90
CA TYR A 227 -19.29 4.51 27.17
C TYR A 227 -19.63 4.81 25.72
N VAL A 228 -20.36 3.93 25.04
CA VAL A 228 -20.72 4.22 23.65
C VAL A 228 -21.72 5.36 23.65
N GLU A 229 -22.37 5.58 24.79
CA GLU A 229 -23.32 6.68 24.91
C GLU A 229 -22.55 7.99 24.90
N ALA A 230 -21.35 7.97 25.47
CA ALA A 230 -20.52 9.16 25.51
C ALA A 230 -20.06 9.46 24.10
N MET A 231 -19.89 8.40 23.29
CA MET A 231 -19.45 8.55 21.90
C MET A 231 -20.51 9.30 21.12
N TRP A 232 -21.76 8.89 21.33
CA TRP A 232 -22.90 9.51 20.68
C TRP A 232 -23.03 10.97 21.14
N LEU A 233 -22.85 11.19 22.45
CA LEU A 233 -22.94 12.54 23.03
C LEU A 233 -21.92 13.48 22.42
N MET A 234 -20.69 13.01 22.28
CA MET A 234 -19.65 13.84 21.68
C MET A 234 -20.11 14.28 20.30
N MET A 235 -20.58 13.31 19.53
CA MET A 235 -21.06 13.52 18.17
C MET A 235 -22.28 14.42 18.00
N GLN A 236 -23.03 14.65 19.08
CA GLN A 236 -24.23 15.49 19.01
C GLN A 236 -23.98 16.94 19.43
N GLN A 237 -22.72 17.28 19.70
CA GLN A 237 -22.39 18.63 20.10
C GLN A 237 -22.18 19.55 18.90
N PRO A 238 -22.33 20.86 19.09
CA PRO A 238 -22.15 21.79 17.98
C PRO A 238 -20.72 21.81 17.47
N GLU A 239 -19.77 21.70 18.40
CA GLU A 239 -18.36 21.73 18.04
C GLU A 239 -17.65 20.41 18.36
N PRO A 240 -16.77 19.95 17.45
CA PRO A 240 -16.05 18.69 17.69
C PRO A 240 -14.93 18.93 18.69
N ASP A 241 -14.67 17.92 19.52
CA ASP A 241 -13.61 18.00 20.52
C ASP A 241 -13.29 16.58 20.97
N ASP A 242 -12.24 16.42 21.77
CA ASP A 242 -11.82 15.13 22.27
C ASP A 242 -12.09 15.07 23.76
N TYR A 243 -12.44 13.89 24.25
CA TYR A 243 -12.76 13.69 25.65
C TYR A 243 -12.21 12.40 26.24
N VAL A 244 -11.81 12.45 27.51
CA VAL A 244 -11.35 11.26 28.19
C VAL A 244 -12.66 10.73 28.76
N ILE A 245 -12.87 9.42 28.68
CA ILE A 245 -14.09 8.82 29.22
C ILE A 245 -13.64 7.69 30.13
N ALA A 246 -13.99 7.79 31.40
CA ALA A 246 -13.59 6.79 32.37
C ALA A 246 -14.37 6.99 33.66
N THR A 247 -14.04 6.22 34.70
CA THR A 247 -14.74 6.36 35.96
C THR A 247 -13.99 7.24 36.95
N GLY A 248 -12.67 7.30 36.83
CA GLY A 248 -11.90 8.12 37.76
C GLY A 248 -11.48 7.40 39.04
N GLU A 249 -11.77 6.10 39.10
CA GLU A 249 -11.41 5.30 40.25
C GLU A 249 -10.86 3.97 39.75
N THR A 250 -9.95 3.37 40.51
CA THR A 250 -9.40 2.09 40.12
C THR A 250 -9.77 1.02 41.13
N HIS A 251 -9.75 -0.23 40.68
CA HIS A 251 -10.06 -1.37 41.52
C HIS A 251 -9.07 -2.44 41.18
N THR A 252 -8.84 -3.37 42.10
CA THR A 252 -7.89 -4.44 41.88
C THR A 252 -8.58 -5.65 41.31
N VAL A 253 -7.81 -6.53 40.71
CA VAL A 253 -8.38 -7.74 40.15
C VAL A 253 -9.00 -8.54 41.30
N ARG A 254 -8.46 -8.37 42.50
CA ARG A 254 -8.96 -9.08 43.68
C ARG A 254 -10.35 -8.60 44.04
N GLU A 255 -10.57 -7.28 44.03
CA GLU A 255 -11.89 -6.75 44.35
C GLU A 255 -12.92 -7.35 43.40
N PHE A 256 -12.54 -7.46 42.13
CA PHE A 256 -13.43 -8.01 41.12
C PHE A 256 -13.72 -9.49 41.34
N VAL A 257 -12.68 -10.29 41.55
CA VAL A 257 -12.87 -11.71 41.78
C VAL A 257 -13.79 -11.85 43.00
N GLU A 258 -13.30 -11.31 44.12
CA GLU A 258 -13.98 -11.30 45.40
C GLU A 258 -15.48 -10.96 45.30
N LYS A 259 -15.81 -9.84 44.66
CA LYS A 259 -17.22 -9.40 44.52
C LYS A 259 -18.04 -10.31 43.60
N ALA A 260 -17.40 -10.84 42.56
CA ALA A 260 -18.07 -11.72 41.62
C ALA A 260 -18.32 -13.07 42.27
N ALA A 261 -17.32 -13.57 42.99
CA ALA A 261 -17.45 -14.83 43.68
C ALA A 261 -18.61 -14.71 44.66
N LYS A 262 -18.72 -13.55 45.30
CA LYS A 262 -19.79 -13.31 46.26
C LYS A 262 -21.16 -13.41 45.59
N ILE A 263 -21.35 -12.68 44.49
CA ILE A 263 -22.61 -12.73 43.77
C ILE A 263 -22.90 -14.15 43.27
N ALA A 264 -21.85 -14.86 42.85
CA ALA A 264 -21.98 -16.22 42.35
C ALA A 264 -22.41 -17.20 43.43
N GLY A 265 -22.44 -16.74 44.68
CA GLY A 265 -22.84 -17.61 45.78
C GLY A 265 -21.71 -18.06 46.68
N PHE A 266 -20.49 -17.97 46.20
CA PHE A 266 -19.33 -18.38 46.99
C PHE A 266 -19.15 -17.47 48.20
N ASP A 267 -18.32 -17.93 49.14
CA ASP A 267 -18.04 -17.18 50.35
C ASP A 267 -16.53 -17.10 50.45
N ILE A 268 -15.91 -16.86 49.30
CA ILE A 268 -14.46 -16.78 49.19
C ILE A 268 -13.82 -15.99 50.33
N GLU A 269 -12.67 -16.49 50.78
CA GLU A 269 -11.92 -15.87 51.87
C GLU A 269 -10.45 -16.04 51.49
N TRP A 270 -9.82 -14.95 51.09
CA TRP A 270 -8.42 -14.99 50.67
C TRP A 270 -7.46 -15.42 51.77
N VAL A 271 -6.37 -16.06 51.37
CA VAL A 271 -5.34 -16.52 52.28
C VAL A 271 -4.07 -16.59 51.46
N GLY A 272 -2.91 -16.47 52.11
CA GLY A 272 -1.67 -16.50 51.37
C GLY A 272 -1.43 -15.16 50.70
N GLU A 273 -0.24 -14.97 50.15
CA GLU A 273 0.08 -13.71 49.48
C GLU A 273 0.97 -14.01 48.30
N GLY A 274 1.19 -13.00 47.47
CA GLY A 274 2.04 -13.18 46.31
C GLY A 274 1.53 -14.26 45.37
N ILE A 275 2.46 -14.87 44.63
CA ILE A 275 2.13 -15.92 43.67
C ILE A 275 1.36 -17.07 44.29
N ASN A 276 1.50 -17.25 45.60
CA ASN A 276 0.82 -18.31 46.31
C ASN A 276 -0.47 -17.86 46.99
N GLU A 277 -1.16 -16.90 46.39
CA GLU A 277 -2.40 -16.42 46.96
C GLU A 277 -3.53 -17.40 46.56
N LYS A 278 -4.56 -17.49 47.39
CA LYS A 278 -5.68 -18.39 47.11
C LYS A 278 -6.99 -17.91 47.74
N GLY A 279 -8.10 -18.28 47.09
CA GLY A 279 -9.41 -17.91 47.58
C GLY A 279 -10.17 -19.16 47.96
N ILE A 280 -10.54 -19.28 49.22
CA ILE A 280 -11.25 -20.45 49.70
C ILE A 280 -12.74 -20.21 49.91
N ASP A 281 -13.55 -21.08 49.32
CA ASP A 281 -14.99 -20.97 49.47
C ASP A 281 -15.34 -21.54 50.84
N ARG A 282 -15.58 -20.68 51.81
CA ARG A 282 -15.92 -21.12 53.16
C ARG A 282 -17.25 -21.87 53.19
N ASN A 283 -17.76 -22.21 52.02
CA ASN A 283 -19.02 -22.96 51.91
C ASN A 283 -18.69 -24.40 51.52
N THR A 284 -17.50 -24.61 50.97
CA THR A 284 -17.06 -25.95 50.57
C THR A 284 -15.74 -26.29 51.24
N GLY A 285 -14.81 -25.34 51.22
CA GLY A 285 -13.51 -25.56 51.83
C GLY A 285 -12.48 -25.85 50.75
N LYS A 286 -12.86 -25.64 49.50
CA LYS A 286 -11.97 -25.87 48.38
C LYS A 286 -11.46 -24.53 47.84
N VAL A 287 -10.34 -24.55 47.13
CA VAL A 287 -9.77 -23.33 46.57
C VAL A 287 -10.37 -23.00 45.20
N ILE A 288 -11.11 -21.90 45.15
CA ILE A 288 -11.77 -21.45 43.94
C ILE A 288 -10.78 -20.75 43.01
N VAL A 289 -10.02 -19.82 43.56
CA VAL A 289 -9.04 -19.05 42.79
C VAL A 289 -7.61 -19.22 43.26
N GLU A 290 -6.68 -19.13 42.32
CA GLU A 290 -5.26 -19.24 42.64
C GLU A 290 -4.44 -18.55 41.56
N VAL A 291 -3.22 -18.14 41.93
CA VAL A 291 -2.33 -17.43 41.03
C VAL A 291 -1.31 -18.34 40.38
N SER A 292 -1.08 -18.11 39.08
CA SER A 292 -0.12 -18.91 38.33
C SER A 292 1.01 -18.02 37.86
N GLU A 293 2.21 -18.59 37.78
CA GLU A 293 3.37 -17.85 37.30
C GLU A 293 3.15 -17.51 35.82
N GLU A 294 2.30 -18.30 35.18
CA GLU A 294 2.00 -18.12 33.77
C GLU A 294 1.40 -16.75 33.49
N PHE A 295 0.69 -16.21 34.48
CA PHE A 295 0.03 -14.92 34.35
C PHE A 295 0.61 -13.82 35.24
N PHE A 296 1.02 -14.19 36.46
CA PHE A 296 1.56 -13.23 37.40
C PHE A 296 2.74 -12.44 36.84
N ARG A 297 2.52 -11.14 36.65
CA ARG A 297 3.56 -10.26 36.13
C ARG A 297 3.92 -9.22 37.20
N PRO A 298 5.01 -8.47 36.96
CA PRO A 298 5.45 -7.44 37.91
C PRO A 298 4.42 -6.34 38.16
N ALA A 299 4.26 -5.98 39.42
CA ALA A 299 3.33 -4.92 39.81
C ALA A 299 3.69 -3.64 39.05
N GLU A 300 2.76 -3.17 38.22
CA GLU A 300 2.95 -1.97 37.40
C GLU A 300 2.94 -0.68 38.22
N VAL A 301 4.03 0.07 38.17
CA VAL A 301 4.12 1.32 38.93
C VAL A 301 3.24 2.41 38.31
N ASP A 302 3.07 2.35 36.99
CA ASP A 302 2.23 3.33 36.30
C ASP A 302 0.76 3.02 36.55
N ILE A 303 0.00 4.01 36.99
CA ILE A 303 -1.42 3.80 37.23
C ILE A 303 -2.30 4.58 36.26
N LEU A 304 -3.08 3.84 35.48
CA LEU A 304 -3.99 4.40 34.49
C LEU A 304 -5.39 4.58 35.08
N VAL A 305 -5.78 5.83 35.24
CA VAL A 305 -7.08 6.18 35.79
C VAL A 305 -7.36 7.54 35.15
N GLY A 306 -8.51 7.69 34.51
CA GLY A 306 -8.80 8.94 33.86
C GLY A 306 -9.64 9.90 34.67
N ASN A 307 -9.54 11.18 34.33
CA ASN A 307 -10.31 12.25 34.96
C ASN A 307 -11.21 12.76 33.86
N PRO A 308 -12.46 12.29 33.82
CA PRO A 308 -13.45 12.66 32.81
C PRO A 308 -14.28 13.90 33.13
N GLU A 309 -13.83 14.73 34.05
CA GLU A 309 -14.63 15.91 34.38
C GLU A 309 -14.99 16.79 33.17
N LYS A 310 -14.12 16.84 32.16
CA LYS A 310 -14.42 17.65 30.99
C LYS A 310 -15.66 17.10 30.30
N ALA A 311 -15.74 15.77 30.19
CA ALA A 311 -16.89 15.13 29.55
C ALA A 311 -18.12 15.25 30.42
N MET A 312 -17.94 15.15 31.74
CA MET A 312 -19.05 15.26 32.66
C MET A 312 -19.56 16.68 32.62
N LYS A 313 -18.64 17.61 32.39
CA LYS A 313 -18.96 19.03 32.29
C LYS A 313 -19.75 19.32 31.02
N LYS A 314 -19.05 19.39 29.89
CA LYS A 314 -19.64 19.71 28.58
C LYS A 314 -20.69 18.77 28.00
N LEU A 315 -20.54 17.48 28.23
CA LEU A 315 -21.48 16.51 27.67
C LEU A 315 -22.56 16.04 28.64
N GLY A 316 -22.43 16.40 29.91
CA GLY A 316 -23.42 15.99 30.89
C GLY A 316 -23.34 14.50 31.12
N TRP A 317 -22.31 13.87 30.54
CA TRP A 317 -22.10 12.43 30.68
C TRP A 317 -21.60 12.07 32.08
N LYS A 318 -21.98 10.87 32.54
CA LYS A 318 -21.56 10.39 33.86
C LYS A 318 -21.94 8.93 34.04
N PRO A 319 -21.03 8.13 34.59
CA PRO A 319 -21.33 6.71 34.80
C PRO A 319 -22.61 6.59 35.65
N ARG A 320 -23.48 5.66 35.30
CA ARG A 320 -24.72 5.47 36.05
C ARG A 320 -24.72 4.08 36.68
N THR A 321 -23.60 3.38 36.53
CA THR A 321 -23.44 2.05 37.08
C THR A 321 -22.24 2.10 37.98
N THR A 322 -22.40 1.59 39.19
CA THR A 322 -21.31 1.57 40.16
C THR A 322 -20.47 0.35 39.85
N PHE A 323 -19.25 0.32 40.37
CA PHE A 323 -18.38 -0.81 40.15
C PHE A 323 -19.06 -2.12 40.56
N ASP A 324 -19.78 -2.09 41.68
CA ASP A 324 -20.48 -3.28 42.16
C ASP A 324 -21.56 -3.72 41.19
N GLU A 325 -22.34 -2.76 40.69
CA GLU A 325 -23.40 -3.05 39.74
C GLU A 325 -22.82 -3.68 38.48
N LEU A 326 -21.68 -3.15 38.03
CA LEU A 326 -21.02 -3.69 36.84
C LEU A 326 -20.61 -5.14 37.09
N VAL A 327 -19.99 -5.39 38.24
CA VAL A 327 -19.55 -6.73 38.60
C VAL A 327 -20.73 -7.68 38.67
N GLU A 328 -21.84 -7.20 39.21
CA GLU A 328 -23.06 -8.00 39.34
C GLU A 328 -23.62 -8.32 37.95
N ILE A 329 -23.78 -7.29 37.11
CA ILE A 329 -24.29 -7.47 35.77
C ILE A 329 -23.54 -8.60 35.08
N MET A 330 -22.21 -8.48 35.01
CA MET A 330 -21.40 -9.48 34.35
C MET A 330 -21.46 -10.87 34.95
N MET A 331 -21.48 -10.97 36.28
CA MET A 331 -21.54 -12.28 36.93
C MET A 331 -22.92 -12.91 36.69
N GLU A 332 -23.97 -12.10 36.76
CA GLU A 332 -25.31 -12.60 36.53
C GLU A 332 -25.37 -13.16 35.11
N ALA A 333 -25.04 -12.32 34.14
CA ALA A 333 -25.08 -12.73 32.74
C ALA A 333 -24.31 -14.02 32.47
N ASP A 334 -23.17 -14.20 33.13
CA ASP A 334 -22.40 -15.42 32.89
C ASP A 334 -22.91 -16.62 33.68
N LEU A 335 -23.64 -16.40 34.76
CA LEU A 335 -24.19 -17.50 35.52
C LEU A 335 -25.34 -18.04 34.66
N LYS A 336 -25.99 -17.13 33.95
CA LYS A 336 -27.09 -17.49 33.07
C LYS A 336 -26.60 -18.22 31.82
N ARG A 337 -25.52 -17.73 31.23
CA ARG A 337 -24.94 -18.35 30.03
C ARG A 337 -24.48 -19.78 30.26
N VAL A 338 -23.80 -20.01 31.38
CA VAL A 338 -23.28 -21.35 31.68
C VAL A 338 -24.39 -22.36 31.94
N ARG A 339 -25.50 -21.92 32.52
CA ARG A 339 -26.61 -22.83 32.78
C ARG A 339 -27.13 -23.37 31.45
N ASP A 340 -27.29 -22.47 30.48
CA ASP A 340 -27.75 -22.86 29.16
C ASP A 340 -26.54 -23.13 28.25
N GLY B 3 5.05 -36.14 7.29
CA GLY B 3 3.87 -35.39 6.75
C GLY B 3 4.24 -33.99 6.29
N LYS B 4 4.13 -33.74 4.98
CA LYS B 4 4.47 -32.45 4.44
C LYS B 4 3.52 -31.39 4.97
N ARG B 5 3.92 -30.12 4.88
CA ARG B 5 3.11 -29.02 5.39
C ARG B 5 2.57 -28.18 4.24
N ALA B 6 1.25 -27.96 4.24
CA ALA B 6 0.61 -27.18 3.19
C ALA B 6 -0.21 -25.99 3.72
N LEU B 7 -0.18 -24.89 2.97
CA LEU B 7 -0.90 -23.67 3.31
C LEU B 7 -1.94 -23.35 2.22
N ILE B 8 -3.20 -23.26 2.63
CA ILE B 8 -4.28 -22.98 1.69
C ILE B 8 -5.06 -21.69 1.97
N THR B 9 -4.98 -20.74 1.04
CA THR B 9 -5.74 -19.51 1.22
C THR B 9 -7.08 -19.84 0.62
N GLY B 10 -8.14 -19.22 1.13
CA GLY B 10 -9.48 -19.51 0.63
C GLY B 10 -9.91 -20.89 1.08
N ILE B 11 -9.54 -21.24 2.31
CA ILE B 11 -9.85 -22.55 2.89
C ILE B 11 -11.34 -22.89 3.04
N ARG B 12 -12.17 -21.88 3.27
CA ARG B 12 -13.59 -22.15 3.46
C ARG B 12 -14.39 -22.35 2.18
N GLY B 13 -13.73 -22.25 1.04
CA GLY B 13 -14.45 -22.41 -0.21
C GLY B 13 -14.50 -23.87 -0.67
N GLN B 14 -15.33 -24.12 -1.67
CA GLN B 14 -15.47 -25.47 -2.21
C GLN B 14 -14.12 -26.13 -2.47
N ASP B 15 -13.26 -25.50 -3.26
CA ASP B 15 -11.97 -26.09 -3.56
C ASP B 15 -11.09 -26.27 -2.33
N GLY B 16 -10.98 -25.21 -1.52
CA GLY B 16 -10.17 -25.28 -0.31
C GLY B 16 -10.57 -26.45 0.57
N ALA B 17 -11.88 -26.65 0.73
CA ALA B 17 -12.39 -27.74 1.56
C ALA B 17 -11.94 -29.11 1.02
N TYR B 18 -12.13 -29.33 -0.27
CA TYR B 18 -11.76 -30.58 -0.90
C TYR B 18 -10.25 -30.80 -0.98
N LEU B 19 -9.49 -29.73 -1.17
CA LEU B 19 -8.04 -29.88 -1.24
C LEU B 19 -7.49 -30.31 0.12
N ALA B 20 -8.03 -29.71 1.18
CA ALA B 20 -7.59 -30.02 2.53
C ALA B 20 -7.90 -31.46 2.85
N LYS B 21 -9.04 -31.95 2.37
CA LYS B 21 -9.41 -33.34 2.62
C LYS B 21 -8.44 -34.27 1.87
N LEU B 22 -8.11 -33.91 0.64
CA LEU B 22 -7.20 -34.70 -0.18
C LEU B 22 -5.80 -34.68 0.46
N LEU B 23 -5.35 -33.50 0.89
CA LEU B 23 -4.04 -33.37 1.49
C LEU B 23 -3.95 -34.08 2.84
N LEU B 24 -5.04 -34.13 3.58
CA LEU B 24 -5.04 -34.80 4.87
C LEU B 24 -4.94 -36.31 4.69
N GLU B 25 -5.65 -36.84 3.70
CA GLU B 25 -5.60 -38.27 3.45
C GLU B 25 -4.19 -38.71 3.05
N LYS B 26 -3.41 -37.78 2.51
CA LYS B 26 -2.05 -38.08 2.09
C LYS B 26 -0.99 -37.78 3.15
N GLY B 27 -1.42 -37.53 4.38
CA GLY B 27 -0.49 -37.28 5.47
C GLY B 27 0.03 -35.86 5.70
N TYR B 28 -0.52 -34.89 4.99
CA TYR B 28 -0.10 -33.50 5.14
C TYR B 28 -0.54 -32.84 6.44
N GLU B 29 0.14 -31.76 6.77
CA GLU B 29 -0.25 -30.94 7.91
C GLU B 29 -0.92 -29.82 7.13
N VAL B 30 -2.22 -29.62 7.34
CA VAL B 30 -2.92 -28.59 6.59
C VAL B 30 -3.22 -27.31 7.38
N TYR B 31 -2.75 -26.19 6.85
CA TYR B 31 -2.97 -24.87 7.44
C TYR B 31 -3.87 -24.09 6.48
N GLY B 32 -4.95 -23.55 7.02
CA GLY B 32 -5.88 -22.78 6.19
C GLY B 32 -5.96 -21.33 6.62
N ALA B 33 -5.68 -20.43 5.68
CA ALA B 33 -5.73 -19.00 5.94
C ALA B 33 -7.15 -18.48 5.74
N ASP B 34 -7.61 -17.65 6.67
CA ASP B 34 -8.96 -17.08 6.58
C ASP B 34 -8.95 -15.58 6.95
N ALA B 41 -16.30 -20.26 11.78
CA ALA B 41 -16.42 -21.66 11.36
C ALA B 41 -16.88 -21.77 9.90
N SER B 42 -16.66 -22.93 9.30
CA SER B 42 -17.04 -23.16 7.92
C SER B 42 -17.84 -24.45 7.78
N TRP B 43 -19.05 -24.32 7.25
CA TRP B 43 -19.91 -25.49 7.08
C TRP B 43 -19.30 -26.56 6.19
N ARG B 44 -18.42 -26.17 5.27
CA ARG B 44 -17.80 -27.13 4.36
C ARG B 44 -16.81 -28.04 5.07
N LEU B 45 -15.90 -27.45 5.83
CA LEU B 45 -14.91 -28.24 6.54
C LEU B 45 -15.63 -29.22 7.47
N LYS B 46 -16.67 -28.74 8.12
CA LYS B 46 -17.44 -29.58 9.04
C LYS B 46 -18.21 -30.67 8.31
N GLU B 47 -18.64 -30.37 7.09
CA GLU B 47 -19.38 -31.35 6.32
C GLU B 47 -18.49 -32.45 5.76
N LEU B 48 -17.19 -32.17 5.66
CA LEU B 48 -16.27 -33.17 5.17
C LEU B 48 -15.66 -33.88 6.37
N GLY B 49 -15.99 -33.35 7.56
CA GLY B 49 -15.51 -33.92 8.80
C GLY B 49 -14.06 -33.60 9.12
N ILE B 50 -13.52 -32.56 8.49
CA ILE B 50 -12.13 -32.19 8.73
C ILE B 50 -11.96 -30.89 9.48
N GLU B 51 -13.02 -30.40 10.11
CA GLU B 51 -12.95 -29.14 10.85
C GLU B 51 -11.90 -29.14 11.95
N ASN B 52 -11.75 -30.26 12.66
CA ASN B 52 -10.76 -30.34 13.75
C ASN B 52 -9.37 -30.70 13.29
N ASP B 53 -9.21 -31.03 12.01
CA ASP B 53 -7.91 -31.44 11.49
C ASP B 53 -7.19 -30.37 10.67
N VAL B 54 -7.88 -29.27 10.37
CA VAL B 54 -7.27 -28.19 9.62
C VAL B 54 -6.88 -27.08 10.60
N LYS B 55 -5.60 -26.75 10.65
CA LYS B 55 -5.11 -25.72 11.55
C LYS B 55 -5.41 -24.35 10.93
N ILE B 56 -6.38 -23.64 11.50
CA ILE B 56 -6.75 -22.33 10.98
C ILE B 56 -5.84 -21.21 11.50
N ILE B 57 -5.34 -20.39 10.57
CA ILE B 57 -4.48 -19.26 10.92
C ILE B 57 -4.89 -18.02 10.13
N HIS B 58 -4.40 -16.86 10.57
CA HIS B 58 -4.74 -15.60 9.91
C HIS B 58 -3.72 -15.19 8.87
N MET B 59 -4.24 -14.64 7.78
CA MET B 59 -3.43 -14.14 6.68
C MET B 59 -4.35 -13.31 5.81
N ASP B 60 -3.90 -12.10 5.45
CA ASP B 60 -4.71 -11.21 4.63
C ASP B 60 -3.91 -10.82 3.40
N LEU B 61 -4.45 -11.09 2.22
CA LEU B 61 -3.76 -10.78 0.98
C LEU B 61 -3.63 -9.29 0.64
N LEU B 62 -4.34 -8.43 1.37
CA LEU B 62 -4.26 -6.98 1.12
C LEU B 62 -3.05 -6.30 1.76
N GLU B 63 -2.38 -6.98 2.68
CA GLU B 63 -1.21 -6.40 3.35
C GLU B 63 -0.06 -7.40 3.27
N PHE B 64 1.14 -6.90 3.05
CA PHE B 64 2.31 -7.74 2.88
C PHE B 64 3.02 -8.33 4.11
N SER B 65 3.25 -7.52 5.13
CA SER B 65 3.97 -8.02 6.30
C SER B 65 3.36 -9.22 6.99
N ASN B 66 2.03 -9.26 7.09
CA ASN B 66 1.39 -10.38 7.78
C ASN B 66 1.64 -11.68 7.04
N ILE B 67 1.81 -11.61 5.71
CA ILE B 67 2.06 -12.79 4.91
C ILE B 67 3.48 -13.31 5.18
N ILE B 68 4.43 -12.40 5.28
CA ILE B 68 5.84 -12.72 5.54
C ILE B 68 5.95 -13.54 6.83
N ARG B 69 5.39 -13.02 7.91
CA ARG B 69 5.44 -13.70 9.21
C ARG B 69 4.73 -15.03 9.18
N THR B 70 3.65 -15.13 8.38
CA THR B 70 2.92 -16.39 8.30
C THR B 70 3.79 -17.45 7.64
N ILE B 71 4.54 -17.04 6.61
CA ILE B 71 5.43 -17.98 5.92
C ILE B 71 6.56 -18.35 6.86
N GLU B 72 7.13 -17.35 7.54
CA GLU B 72 8.22 -17.60 8.48
C GLU B 72 7.79 -18.48 9.63
N LYS B 73 6.49 -18.48 9.93
CA LYS B 73 6.00 -19.27 11.04
C LYS B 73 5.55 -20.69 10.66
N VAL B 74 4.93 -20.82 9.48
CA VAL B 74 4.42 -22.10 9.02
C VAL B 74 5.47 -22.91 8.24
N GLN B 75 6.39 -22.21 7.60
CA GLN B 75 7.41 -22.87 6.81
C GLN B 75 6.78 -23.98 5.98
N PRO B 76 5.75 -23.64 5.18
CA PRO B 76 5.05 -24.61 4.34
C PRO B 76 5.91 -25.14 3.18
N ASP B 77 5.63 -26.37 2.76
CA ASP B 77 6.37 -26.96 1.65
C ASP B 77 5.59 -26.63 0.40
N GLU B 78 4.28 -26.51 0.56
CA GLU B 78 3.38 -26.23 -0.55
C GLU B 78 2.35 -25.16 -0.20
N VAL B 79 2.17 -24.19 -1.10
CA VAL B 79 1.21 -23.12 -0.88
C VAL B 79 0.21 -23.09 -2.03
N TYR B 80 -1.08 -23.15 -1.68
CA TYR B 80 -2.16 -23.14 -2.66
C TYR B 80 -3.02 -21.88 -2.54
N ASN B 81 -2.80 -20.93 -3.45
CA ASN B 81 -3.56 -19.69 -3.40
C ASN B 81 -4.92 -19.80 -4.06
N LEU B 82 -5.89 -20.29 -3.31
CA LEU B 82 -7.25 -20.46 -3.81
C LEU B 82 -8.16 -19.30 -3.38
N ALA B 83 -7.65 -18.37 -2.61
CA ALA B 83 -8.44 -17.24 -2.14
C ALA B 83 -8.57 -16.14 -3.19
N ALA B 84 -9.75 -15.51 -3.26
CA ALA B 84 -9.96 -14.43 -4.23
C ALA B 84 -11.35 -13.81 -4.23
N GLN B 85 -11.41 -12.58 -4.73
CA GLN B 85 -12.64 -11.82 -4.90
C GLN B 85 -13.01 -12.25 -6.33
N SER B 86 -13.63 -13.41 -6.45
CA SER B 86 -13.97 -13.96 -7.76
C SER B 86 -15.33 -13.64 -8.39
N PHE B 87 -15.82 -12.41 -8.22
CA PHE B 87 -17.10 -12.05 -8.83
C PHE B 87 -16.96 -10.97 -9.89
N VAL B 88 -17.12 -11.37 -11.15
CA VAL B 88 -17.01 -10.47 -12.29
C VAL B 88 -17.88 -9.23 -12.12
N GLY B 89 -19.14 -9.43 -11.76
CA GLY B 89 -20.03 -8.29 -11.59
C GLY B 89 -19.53 -7.33 -10.53
N VAL B 90 -19.25 -7.87 -9.35
CA VAL B 90 -18.76 -7.05 -8.26
C VAL B 90 -17.45 -6.38 -8.63
N SER B 91 -16.64 -7.02 -9.47
CA SER B 91 -15.35 -6.44 -9.86
C SER B 91 -15.48 -5.17 -10.69
N PHE B 92 -16.59 -5.02 -11.39
CA PHE B 92 -16.80 -3.81 -12.17
C PHE B 92 -17.03 -2.64 -11.22
N GLU B 93 -17.60 -2.94 -10.06
CA GLU B 93 -17.90 -1.94 -9.04
C GLU B 93 -16.74 -1.70 -8.08
N GLN B 94 -15.92 -2.72 -7.89
CA GLN B 94 -14.78 -2.60 -6.98
C GLN B 94 -13.53 -3.09 -7.70
N PRO B 95 -13.24 -2.50 -8.87
CA PRO B 95 -12.06 -2.90 -9.64
C PRO B 95 -10.73 -2.85 -8.90
N ILE B 96 -10.47 -1.76 -8.18
CA ILE B 96 -9.20 -1.62 -7.46
C ILE B 96 -9.09 -2.65 -6.36
N LEU B 97 -10.13 -2.81 -5.56
CA LEU B 97 -10.08 -3.81 -4.49
C LEU B 97 -9.80 -5.18 -5.09
N THR B 98 -10.48 -5.47 -6.21
CA THR B 98 -10.34 -6.75 -6.90
C THR B 98 -8.90 -6.99 -7.31
N ALA B 99 -8.29 -5.95 -7.87
CA ALA B 99 -6.91 -6.05 -8.32
C ALA B 99 -5.97 -6.31 -7.13
N GLU B 100 -6.20 -5.61 -6.02
CA GLU B 100 -5.34 -5.77 -4.84
C GLU B 100 -5.34 -7.20 -4.29
N VAL B 101 -6.46 -7.91 -4.43
CA VAL B 101 -6.51 -9.28 -3.93
C VAL B 101 -6.15 -10.32 -4.98
N ASP B 102 -6.81 -10.23 -6.13
CA ASP B 102 -6.61 -11.17 -7.22
C ASP B 102 -5.34 -10.96 -8.05
N ALA B 103 -4.75 -9.78 -7.99
CA ALA B 103 -3.54 -9.49 -8.75
C ALA B 103 -2.32 -9.23 -7.88
N ILE B 104 -2.36 -8.19 -7.05
CA ILE B 104 -1.24 -7.88 -6.18
C ILE B 104 -1.09 -8.91 -5.06
N GLY B 105 -2.22 -9.43 -4.59
CA GLY B 105 -2.19 -10.42 -3.53
C GLY B 105 -1.33 -11.63 -3.87
N VAL B 106 -1.44 -12.08 -5.12
CA VAL B 106 -0.67 -13.21 -5.60
C VAL B 106 0.82 -12.87 -5.52
N LEU B 107 1.18 -11.66 -5.94
CA LEU B 107 2.57 -11.20 -5.92
C LEU B 107 3.09 -11.08 -4.49
N ARG B 108 2.21 -10.71 -3.56
CA ARG B 108 2.64 -10.57 -2.17
C ARG B 108 3.07 -11.93 -1.64
N ILE B 109 2.31 -12.97 -1.97
CA ILE B 109 2.67 -14.30 -1.49
C ILE B 109 4.00 -14.71 -2.14
N LEU B 110 4.04 -14.66 -3.46
CA LEU B 110 5.26 -15.02 -4.19
C LEU B 110 6.48 -14.24 -3.68
N GLU B 111 6.31 -12.95 -3.41
CA GLU B 111 7.41 -12.13 -2.93
C GLU B 111 7.83 -12.55 -1.51
N ALA B 112 6.88 -13.03 -0.72
CA ALA B 112 7.20 -13.47 0.62
C ALA B 112 8.05 -14.74 0.52
N LEU B 113 7.58 -15.71 -0.26
CA LEU B 113 8.33 -16.94 -0.45
C LEU B 113 9.75 -16.68 -0.97
N ARG B 114 9.84 -15.79 -1.96
CA ARG B 114 11.10 -15.42 -2.59
C ARG B 114 12.06 -14.84 -1.57
N THR B 115 11.51 -14.11 -0.61
CA THR B 115 12.32 -13.47 0.42
C THR B 115 12.62 -14.35 1.63
N VAL B 116 11.66 -15.16 2.02
CA VAL B 116 11.83 -15.99 3.21
C VAL B 116 11.99 -17.52 3.05
N LYS B 117 11.42 -18.10 2.00
CA LYS B 117 11.54 -19.54 1.81
C LYS B 117 11.31 -19.86 0.34
N PRO B 118 12.29 -19.55 -0.51
CA PRO B 118 12.31 -19.73 -1.96
C PRO B 118 12.03 -21.12 -2.50
N ASP B 119 12.27 -22.15 -1.69
CA ASP B 119 12.05 -23.51 -2.17
C ASP B 119 10.61 -23.96 -1.95
N THR B 120 9.75 -23.00 -1.60
CA THR B 120 8.35 -23.29 -1.35
C THR B 120 7.62 -23.49 -2.68
N LYS B 121 6.82 -24.54 -2.76
CA LYS B 121 6.07 -24.80 -3.97
C LYS B 121 4.83 -23.93 -3.92
N PHE B 122 4.52 -23.29 -5.04
CA PHE B 122 3.40 -22.38 -5.13
C PHE B 122 2.44 -22.64 -6.28
N TYR B 123 1.15 -22.73 -5.96
CA TYR B 123 0.10 -22.94 -6.96
C TYR B 123 -0.85 -21.75 -7.00
N GLN B 124 -1.02 -21.14 -8.19
CA GLN B 124 -1.94 -20.02 -8.33
C GLN B 124 -3.22 -20.52 -9.01
N ALA B 125 -4.37 -20.07 -8.51
CA ALA B 125 -5.64 -20.49 -9.07
C ALA B 125 -6.16 -19.52 -10.11
N SER B 126 -5.90 -19.85 -11.37
CA SER B 126 -6.36 -19.02 -12.46
C SER B 126 -7.70 -19.56 -12.94
N THR B 127 -8.31 -18.84 -13.87
CA THR B 127 -9.62 -19.18 -14.37
C THR B 127 -9.78 -19.03 -15.87
N SER B 128 -10.76 -19.72 -16.42
CA SER B 128 -11.03 -19.63 -17.84
C SER B 128 -11.52 -18.22 -18.18
N GLU B 129 -11.85 -17.45 -17.16
CA GLU B 129 -12.33 -16.09 -17.34
C GLU B 129 -11.30 -15.25 -18.08
N MET B 130 -10.04 -15.67 -18.00
CA MET B 130 -8.96 -14.95 -18.66
C MET B 130 -9.01 -15.09 -20.19
N PHE B 131 -9.79 -16.06 -20.67
CA PHE B 131 -9.93 -16.24 -22.11
C PHE B 131 -10.97 -15.25 -22.63
N GLY B 132 -11.86 -14.81 -21.73
CA GLY B 132 -12.89 -13.85 -22.09
C GLY B 132 -13.36 -13.98 -23.52
N LYS B 133 -12.98 -13.04 -24.38
CA LYS B 133 -13.37 -13.14 -25.78
C LYS B 133 -12.50 -14.23 -26.37
N VAL B 134 -12.91 -15.48 -26.16
CA VAL B 134 -12.17 -16.65 -26.63
C VAL B 134 -11.54 -16.42 -27.99
N GLN B 135 -10.24 -16.67 -28.07
CA GLN B 135 -9.48 -16.50 -29.30
C GLN B 135 -9.29 -17.81 -30.05
N GLU B 136 -9.86 -18.89 -29.51
CA GLU B 136 -9.78 -20.21 -30.14
C GLU B 136 -10.83 -21.08 -29.48
N ILE B 137 -11.22 -22.15 -30.16
CA ILE B 137 -12.20 -23.07 -29.62
C ILE B 137 -11.86 -24.50 -29.99
N PRO B 138 -11.58 -25.35 -28.98
CA PRO B 138 -11.58 -25.04 -27.55
C PRO B 138 -10.33 -24.23 -27.14
N GLN B 139 -10.21 -23.91 -25.85
CA GLN B 139 -9.06 -23.14 -25.38
C GLN B 139 -7.99 -24.00 -24.72
N THR B 140 -6.72 -23.72 -25.03
CA THR B 140 -5.62 -24.47 -24.43
C THR B 140 -4.64 -23.47 -23.85
N GLU B 141 -3.58 -23.98 -23.24
CA GLU B 141 -2.55 -23.13 -22.64
C GLU B 141 -1.93 -22.20 -23.68
N LYS B 142 -2.03 -22.56 -24.94
CA LYS B 142 -1.46 -21.73 -26.01
C LYS B 142 -2.46 -20.75 -26.60
N THR B 143 -3.67 -20.72 -26.06
CA THR B 143 -4.69 -19.79 -26.57
C THR B 143 -4.48 -18.39 -26.01
N PRO B 144 -4.42 -17.39 -26.89
CA PRO B 144 -4.24 -15.99 -26.49
C PRO B 144 -5.35 -15.53 -25.55
N PHE B 145 -4.97 -14.83 -24.50
CA PHE B 145 -5.94 -14.33 -23.54
C PHE B 145 -6.64 -13.06 -24.02
N TYR B 146 -7.80 -12.78 -23.46
CA TYR B 146 -8.55 -11.57 -23.81
C TYR B 146 -9.58 -11.35 -22.69
N PRO B 147 -9.10 -10.89 -21.51
CA PRO B 147 -9.94 -10.62 -20.34
C PRO B 147 -11.01 -9.59 -20.64
N ARG B 148 -12.23 -9.83 -20.15
CA ARG B 148 -13.33 -8.90 -20.39
C ARG B 148 -13.86 -8.22 -19.13
N SER B 149 -13.10 -8.29 -18.04
CA SER B 149 -13.56 -7.67 -16.81
C SER B 149 -12.39 -7.42 -15.88
N PRO B 150 -12.49 -6.41 -15.02
CA PRO B 150 -11.40 -6.10 -14.09
C PRO B 150 -10.97 -7.37 -13.39
N TYR B 151 -11.94 -8.22 -13.07
CA TYR B 151 -11.62 -9.48 -12.41
C TYR B 151 -10.68 -10.32 -13.29
N ALA B 152 -11.10 -10.57 -14.53
CA ALA B 152 -10.28 -11.36 -15.43
C ALA B 152 -8.91 -10.70 -15.62
N VAL B 153 -8.87 -9.38 -15.74
CA VAL B 153 -7.59 -8.69 -15.93
C VAL B 153 -6.67 -8.92 -14.75
N ALA B 154 -7.22 -8.81 -13.54
CA ALA B 154 -6.45 -9.01 -12.32
C ALA B 154 -5.90 -10.44 -12.28
N LYS B 155 -6.76 -11.41 -12.53
CA LYS B 155 -6.34 -12.81 -12.52
C LYS B 155 -5.24 -13.02 -13.56
N LEU B 156 -5.30 -12.29 -14.68
CA LEU B 156 -4.28 -12.43 -15.72
C LEU B 156 -2.92 -12.03 -15.15
N PHE B 157 -2.91 -10.97 -14.35
CA PHE B 157 -1.69 -10.50 -13.72
C PHE B 157 -1.22 -11.63 -12.80
N GLY B 158 -2.18 -12.18 -12.05
CA GLY B 158 -1.85 -13.26 -11.13
C GLY B 158 -1.17 -14.39 -11.87
N HIS B 159 -1.67 -14.70 -13.05
CA HIS B 159 -1.11 -15.79 -13.86
C HIS B 159 0.32 -15.48 -14.33
N TRP B 160 0.51 -14.31 -14.94
CA TRP B 160 1.82 -13.94 -15.45
C TRP B 160 2.87 -13.67 -14.38
N ILE B 161 2.50 -13.05 -13.26
CA ILE B 161 3.48 -12.80 -12.22
C ILE B 161 3.92 -14.15 -11.68
N THR B 162 3.04 -15.15 -11.75
CA THR B 162 3.40 -16.49 -11.29
C THR B 162 4.37 -17.11 -12.28
N VAL B 163 4.13 -16.89 -13.57
CA VAL B 163 5.03 -17.44 -14.57
C VAL B 163 6.40 -16.78 -14.45
N ASN B 164 6.41 -15.47 -14.17
CA ASN B 164 7.66 -14.72 -14.06
C ASN B 164 8.54 -15.12 -12.86
N TYR B 165 7.91 -15.52 -11.75
CA TYR B 165 8.68 -15.92 -10.58
C TYR B 165 9.31 -17.29 -10.82
N ARG B 166 8.66 -18.08 -11.66
CA ARG B 166 9.18 -19.39 -12.00
C ARG B 166 10.38 -19.21 -12.91
N GLU B 167 10.23 -18.39 -13.94
CA GLU B 167 11.31 -18.16 -14.91
C GLU B 167 12.42 -17.21 -14.45
N ALA B 168 12.13 -16.31 -13.51
CA ALA B 168 13.15 -15.37 -13.06
C ALA B 168 13.92 -15.83 -11.83
N TYR B 169 13.22 -16.40 -10.87
CA TYR B 169 13.89 -16.85 -9.66
C TYR B 169 13.96 -18.35 -9.63
N ASN B 170 13.51 -18.97 -10.73
CA ASN B 170 13.53 -20.41 -10.87
C ASN B 170 12.79 -21.09 -9.72
N MET B 171 11.65 -20.51 -9.33
CA MET B 171 10.84 -21.07 -8.25
C MET B 171 9.82 -22.07 -8.80
N PHE B 172 9.36 -22.96 -7.94
CA PHE B 172 8.39 -23.95 -8.36
C PHE B 172 7.01 -23.29 -8.20
N ALA B 173 6.64 -22.49 -9.19
CA ALA B 173 5.38 -21.77 -9.21
C ALA B 173 4.52 -22.23 -10.38
N CYS B 174 3.35 -22.79 -10.05
CA CYS B 174 2.40 -23.29 -11.04
C CYS B 174 1.14 -22.45 -11.15
N SER B 175 0.52 -22.48 -12.33
CA SER B 175 -0.72 -21.75 -12.54
C SER B 175 -1.69 -22.67 -13.26
N GLY B 176 -2.77 -23.03 -12.59
CA GLY B 176 -3.76 -23.90 -13.21
C GLY B 176 -4.93 -23.10 -13.74
N ILE B 177 -5.16 -23.16 -15.04
CA ILE B 177 -6.28 -22.44 -15.64
C ILE B 177 -7.46 -23.39 -15.60
N LEU B 178 -8.21 -23.32 -14.49
CA LEU B 178 -9.36 -24.17 -14.29
C LEU B 178 -10.68 -23.62 -14.80
N PHE B 179 -11.48 -24.49 -15.41
CA PHE B 179 -12.79 -24.14 -15.92
C PHE B 179 -13.79 -24.51 -14.83
N ASN B 180 -15.08 -24.25 -15.06
CA ASN B 180 -16.11 -24.55 -14.07
C ASN B 180 -16.11 -25.96 -13.48
N HIS B 181 -16.16 -26.04 -12.15
CA HIS B 181 -16.23 -27.31 -11.45
C HIS B 181 -17.22 -27.21 -10.30
N GLU B 182 -18.08 -28.22 -10.20
CA GLU B 182 -19.13 -28.22 -9.21
C GLU B 182 -19.07 -29.38 -8.25
N SER B 183 -19.89 -29.30 -7.20
CA SER B 183 -19.97 -30.34 -6.17
C SER B 183 -21.12 -30.02 -5.21
N PRO B 184 -21.38 -30.92 -4.25
CA PRO B 184 -22.46 -30.66 -3.30
C PRO B 184 -22.06 -29.51 -2.36
N LEU B 185 -20.80 -29.06 -2.44
CA LEU B 185 -20.32 -27.97 -1.58
C LEU B 185 -20.44 -26.60 -2.22
N ARG B 186 -20.89 -26.57 -3.47
CA ARG B 186 -21.05 -25.31 -4.18
C ARG B 186 -22.08 -24.44 -3.47
N GLY B 187 -21.87 -23.12 -3.48
CA GLY B 187 -22.81 -22.22 -2.82
C GLY B 187 -24.15 -22.20 -3.54
N ILE B 188 -25.22 -21.81 -2.84
CA ILE B 188 -26.55 -21.77 -3.47
C ILE B 188 -26.68 -20.69 -4.54
N GLU B 189 -25.80 -19.70 -4.50
CA GLU B 189 -25.83 -18.61 -5.48
C GLU B 189 -25.40 -19.07 -6.87
N PHE B 190 -24.78 -20.24 -6.95
CA PHE B 190 -24.32 -20.77 -8.22
C PHE B 190 -25.39 -21.65 -8.87
N VAL B 191 -25.60 -21.46 -10.17
CA VAL B 191 -26.60 -22.18 -10.93
C VAL B 191 -26.81 -23.65 -10.60
N THR B 192 -25.73 -24.43 -10.57
CA THR B 192 -25.84 -25.85 -10.30
C THR B 192 -26.46 -26.20 -8.94
N ARG B 193 -26.00 -25.58 -7.85
CA ARG B 193 -26.60 -25.86 -6.55
C ARG B 193 -28.03 -25.33 -6.54
N LYS B 194 -28.23 -24.12 -7.05
CA LYS B 194 -29.57 -23.55 -7.07
C LYS B 194 -30.53 -24.52 -7.75
N ILE B 195 -30.07 -25.18 -8.80
CA ILE B 195 -30.92 -26.13 -9.52
C ILE B 195 -31.28 -27.32 -8.62
N THR B 196 -30.28 -28.10 -8.24
CA THR B 196 -30.54 -29.27 -7.39
C THR B 196 -31.23 -28.92 -6.07
N TYR B 197 -30.71 -27.92 -5.37
CA TYR B 197 -31.29 -27.52 -4.09
C TYR B 197 -32.75 -27.11 -4.26
N SER B 198 -33.05 -26.37 -5.32
CA SER B 198 -34.42 -25.94 -5.57
C SER B 198 -35.32 -27.12 -5.89
N LEU B 199 -34.90 -27.96 -6.83
CA LEU B 199 -35.70 -29.12 -7.21
C LEU B 199 -36.03 -29.97 -5.98
N ALA B 200 -35.05 -30.19 -5.12
CA ALA B 200 -35.26 -30.99 -3.93
C ALA B 200 -36.43 -30.42 -3.12
N ARG B 201 -36.36 -29.12 -2.83
CA ARG B 201 -37.39 -28.45 -2.05
C ARG B 201 -38.77 -28.56 -2.72
N ILE B 202 -38.82 -28.30 -4.01
CA ILE B 202 -40.07 -28.37 -4.76
C ILE B 202 -40.66 -29.78 -4.64
N LYS B 203 -39.78 -30.77 -4.59
CA LYS B 203 -40.19 -32.17 -4.47
C LYS B 203 -40.76 -32.49 -3.09
N TYR B 204 -40.46 -31.65 -2.10
CA TYR B 204 -40.95 -31.85 -0.74
C TYR B 204 -41.83 -30.70 -0.26
N GLY B 205 -42.41 -29.98 -1.21
CA GLY B 205 -43.29 -28.87 -0.89
C GLY B 205 -42.67 -27.59 -0.38
N LEU B 206 -41.46 -27.66 0.15
CA LEU B 206 -40.80 -26.47 0.69
C LEU B 206 -40.79 -25.28 -0.26
N GLN B 207 -40.80 -25.56 -1.56
CA GLN B 207 -40.78 -24.48 -2.54
C GLN B 207 -41.71 -24.78 -3.71
N ASP B 208 -42.09 -23.73 -4.44
CA ASP B 208 -43.01 -23.88 -5.56
C ASP B 208 -42.38 -24.13 -6.93
N LYS B 209 -41.59 -23.18 -7.42
CA LYS B 209 -40.96 -23.31 -8.75
C LYS B 209 -39.50 -22.86 -8.81
N LEU B 210 -38.79 -23.33 -9.84
CA LEU B 210 -37.40 -22.98 -10.05
C LEU B 210 -37.30 -21.85 -11.09
N VAL B 211 -36.73 -20.72 -10.68
CA VAL B 211 -36.58 -19.55 -11.55
C VAL B 211 -35.14 -19.33 -11.98
N LEU B 212 -34.85 -19.60 -13.25
CA LEU B 212 -33.49 -19.44 -13.78
C LEU B 212 -33.37 -18.36 -14.85
N GLY B 213 -32.23 -18.38 -15.54
CA GLY B 213 -31.97 -17.43 -16.61
C GLY B 213 -31.95 -18.19 -17.94
N ASN B 214 -31.24 -17.63 -18.92
CA ASN B 214 -31.15 -18.26 -20.24
C ASN B 214 -30.81 -19.74 -20.15
N LEU B 215 -31.80 -20.61 -20.36
CA LEU B 215 -31.57 -22.05 -20.29
C LEU B 215 -30.66 -22.56 -21.41
N ASN B 216 -30.32 -21.70 -22.36
CA ASN B 216 -29.44 -22.06 -23.48
C ASN B 216 -27.95 -21.88 -23.19
N ALA B 217 -27.64 -21.24 -22.06
CA ALA B 217 -26.25 -21.05 -21.68
C ALA B 217 -25.53 -22.40 -21.72
N LYS B 218 -24.37 -22.43 -22.36
CA LYS B 218 -23.59 -23.66 -22.48
C LYS B 218 -22.38 -23.56 -21.54
N ARG B 219 -22.04 -24.66 -20.87
CA ARG B 219 -20.91 -24.66 -19.93
C ARG B 219 -20.09 -25.94 -19.87
N ASP B 220 -18.82 -25.77 -19.55
CA ASP B 220 -17.92 -26.89 -19.39
C ASP B 220 -17.92 -27.11 -17.87
N TRP B 221 -18.68 -28.11 -17.41
CA TRP B 221 -18.78 -28.42 -15.98
C TRP B 221 -18.06 -29.69 -15.54
N GLY B 222 -17.21 -29.57 -14.53
CA GLY B 222 -16.49 -30.72 -14.00
C GLY B 222 -16.82 -30.99 -12.54
N TYR B 223 -16.15 -31.96 -11.95
CA TYR B 223 -16.36 -32.32 -10.55
C TYR B 223 -15.18 -31.81 -9.69
N ALA B 224 -15.45 -30.81 -8.85
CA ALA B 224 -14.43 -30.18 -8.00
C ALA B 224 -13.40 -31.11 -7.34
N PRO B 225 -13.84 -32.21 -6.73
CA PRO B 225 -12.83 -33.07 -6.13
C PRO B 225 -11.75 -33.50 -7.11
N GLU B 226 -12.11 -33.71 -8.38
CA GLU B 226 -11.12 -34.12 -9.37
C GLU B 226 -10.23 -32.95 -9.78
N TYR B 227 -10.78 -31.75 -9.68
CA TYR B 227 -10.02 -30.56 -10.05
C TYR B 227 -8.99 -30.14 -9.02
N VAL B 228 -9.26 -30.35 -7.74
CA VAL B 228 -8.28 -29.95 -6.74
C VAL B 228 -7.17 -30.99 -6.74
N GLU B 229 -7.47 -32.17 -7.27
CA GLU B 229 -6.49 -33.25 -7.38
C GLU B 229 -5.47 -32.90 -8.48
N ALA B 230 -5.96 -32.25 -9.54
CA ALA B 230 -5.10 -31.84 -10.62
C ALA B 230 -4.15 -30.79 -10.07
N MET B 231 -4.64 -30.02 -9.10
CA MET B 231 -3.85 -28.98 -8.46
C MET B 231 -2.66 -29.65 -7.78
N TRP B 232 -2.96 -30.62 -6.94
CA TRP B 232 -1.92 -31.36 -6.23
C TRP B 232 -0.96 -32.04 -7.22
N LEU B 233 -1.52 -32.65 -8.28
CA LEU B 233 -0.69 -33.31 -9.29
C LEU B 233 0.31 -32.32 -9.88
N MET B 234 -0.17 -31.13 -10.22
CA MET B 234 0.69 -30.10 -10.80
C MET B 234 1.87 -29.82 -9.89
N MET B 235 1.60 -29.79 -8.59
CA MET B 235 2.62 -29.51 -7.57
C MET B 235 3.60 -30.66 -7.29
N GLN B 236 3.29 -31.84 -7.81
CA GLN B 236 4.15 -33.01 -7.60
C GLN B 236 5.05 -33.35 -8.79
N GLN B 237 4.93 -32.59 -9.88
CA GLN B 237 5.73 -32.84 -11.07
C GLN B 237 7.20 -32.54 -10.88
N PRO B 238 8.05 -33.03 -11.80
CA PRO B 238 9.49 -32.78 -11.68
C PRO B 238 9.74 -31.30 -11.92
N GLU B 239 9.09 -30.78 -12.95
CA GLU B 239 9.20 -29.36 -13.32
C GLU B 239 7.86 -28.67 -13.15
N PRO B 240 7.88 -27.35 -12.82
CA PRO B 240 6.64 -26.61 -12.64
C PRO B 240 6.17 -26.15 -14.02
N ASP B 241 4.86 -26.19 -14.25
CA ASP B 241 4.28 -25.80 -15.54
C ASP B 241 2.86 -25.30 -15.30
N ASP B 242 2.21 -24.80 -16.34
CA ASP B 242 0.83 -24.34 -16.23
C ASP B 242 -0.06 -25.30 -17.01
N TYR B 243 -1.29 -25.50 -16.54
CA TYR B 243 -2.21 -26.43 -17.20
C TYR B 243 -3.67 -25.99 -17.22
N VAL B 244 -4.36 -26.39 -18.29
CA VAL B 244 -5.78 -26.12 -18.42
C VAL B 244 -6.50 -27.37 -17.87
N ILE B 245 -7.32 -27.18 -16.85
CA ILE B 245 -8.08 -28.27 -16.24
C ILE B 245 -9.56 -28.08 -16.56
N ALA B 246 -10.08 -28.95 -17.42
CA ALA B 246 -11.48 -28.87 -17.87
C ALA B 246 -11.93 -30.22 -18.37
N THR B 247 -13.20 -30.34 -18.75
CA THR B 247 -13.71 -31.61 -19.25
C THR B 247 -13.61 -31.74 -20.78
N GLY B 248 -13.54 -30.61 -21.46
CA GLY B 248 -13.45 -30.63 -22.92
C GLY B 248 -14.79 -30.64 -23.62
N GLU B 249 -15.87 -30.79 -22.86
CA GLU B 249 -17.21 -30.80 -23.42
C GLU B 249 -18.15 -29.88 -22.64
N THR B 250 -19.25 -29.49 -23.26
CA THR B 250 -20.20 -28.60 -22.62
C THR B 250 -21.65 -29.05 -22.68
N HIS B 251 -22.47 -28.48 -21.80
CA HIS B 251 -23.90 -28.80 -21.71
C HIS B 251 -24.65 -27.54 -21.36
N THR B 252 -25.93 -27.50 -21.72
CA THR B 252 -26.75 -26.34 -21.43
C THR B 252 -27.29 -26.37 -20.02
N VAL B 253 -27.77 -25.23 -19.55
CA VAL B 253 -28.35 -25.16 -18.22
C VAL B 253 -29.59 -26.05 -18.27
N ARG B 254 -30.17 -26.18 -19.46
CA ARG B 254 -31.37 -26.99 -19.64
C ARG B 254 -31.08 -28.47 -19.40
N GLU B 255 -30.00 -28.98 -19.98
CA GLU B 255 -29.63 -30.38 -19.79
C GLU B 255 -29.46 -30.68 -18.29
N PHE B 256 -28.89 -29.72 -17.57
CA PHE B 256 -28.63 -29.88 -16.14
C PHE B 256 -29.94 -29.94 -15.34
N VAL B 257 -30.79 -28.94 -15.54
CA VAL B 257 -32.09 -28.88 -14.87
C VAL B 257 -32.83 -30.19 -15.09
N GLU B 258 -32.91 -30.58 -16.36
CA GLU B 258 -33.59 -31.78 -16.81
C GLU B 258 -33.09 -33.05 -16.14
N LYS B 259 -31.81 -33.36 -16.35
CA LYS B 259 -31.21 -34.56 -15.80
C LYS B 259 -31.41 -34.67 -14.29
N ALA B 260 -31.27 -33.53 -13.60
CA ALA B 260 -31.45 -33.50 -12.16
C ALA B 260 -32.91 -33.74 -11.80
N ALA B 261 -33.81 -33.04 -12.49
CA ALA B 261 -35.23 -33.18 -12.24
C ALA B 261 -35.65 -34.64 -12.36
N LYS B 262 -35.07 -35.35 -13.33
CA LYS B 262 -35.42 -36.76 -13.52
C LYS B 262 -34.99 -37.61 -12.33
N ILE B 263 -33.97 -37.14 -11.61
CA ILE B 263 -33.49 -37.85 -10.44
C ILE B 263 -34.40 -37.50 -9.26
N ALA B 264 -35.03 -36.33 -9.35
CA ALA B 264 -35.94 -35.86 -8.30
C ALA B 264 -37.38 -36.30 -8.52
N GLY B 265 -37.56 -37.32 -9.37
CA GLY B 265 -38.89 -37.83 -9.64
C GLY B 265 -39.70 -37.12 -10.71
N PHE B 266 -39.26 -35.92 -11.09
CA PHE B 266 -39.98 -35.17 -12.13
C PHE B 266 -39.77 -35.74 -13.53
N ASP B 267 -40.52 -35.20 -14.49
CA ASP B 267 -40.43 -35.63 -15.89
C ASP B 267 -40.69 -34.39 -16.76
N ILE B 268 -39.78 -33.43 -16.66
CA ILE B 268 -39.86 -32.17 -17.38
C ILE B 268 -40.05 -32.25 -18.90
N GLU B 269 -40.95 -31.40 -19.39
CA GLU B 269 -41.25 -31.27 -20.82
C GLU B 269 -41.05 -29.78 -21.08
N TRP B 270 -40.16 -29.45 -22.00
CA TRP B 270 -39.88 -28.04 -22.27
C TRP B 270 -40.79 -27.36 -23.28
N VAL B 271 -41.40 -26.26 -22.84
CA VAL B 271 -42.32 -25.47 -23.66
C VAL B 271 -41.96 -24.00 -23.55
N GLY B 272 -42.07 -23.28 -24.67
CA GLY B 272 -41.74 -21.87 -24.67
C GLY B 272 -40.33 -21.67 -25.20
N GLU B 273 -39.88 -20.41 -25.27
CA GLU B 273 -38.56 -20.13 -25.78
C GLU B 273 -37.97 -18.89 -25.15
N GLY B 274 -36.65 -18.80 -25.16
CA GLY B 274 -35.98 -17.65 -24.58
C GLY B 274 -36.47 -17.31 -23.19
N ILE B 275 -36.82 -16.05 -22.97
CA ILE B 275 -37.30 -15.63 -21.66
C ILE B 275 -38.68 -16.20 -21.31
N ASN B 276 -39.30 -16.88 -22.26
CA ASN B 276 -40.63 -17.46 -22.03
C ASN B 276 -40.63 -18.97 -21.97
N GLU B 277 -39.45 -19.55 -21.71
CA GLU B 277 -39.32 -21.00 -21.65
C GLU B 277 -39.77 -21.51 -20.27
N LYS B 278 -40.40 -22.68 -20.25
CA LYS B 278 -40.88 -23.26 -19.00
C LYS B 278 -40.80 -24.78 -19.05
N GLY B 279 -40.51 -25.38 -17.89
CA GLY B 279 -40.42 -26.82 -17.81
C GLY B 279 -41.64 -27.37 -17.11
N ILE B 280 -42.21 -28.45 -17.65
CA ILE B 280 -43.39 -29.04 -17.04
C ILE B 280 -43.19 -30.51 -16.68
N ASP B 281 -43.65 -30.88 -15.49
CA ASP B 281 -43.53 -32.24 -15.03
C ASP B 281 -44.76 -33.00 -15.50
N ARG B 282 -44.57 -33.85 -16.50
CA ARG B 282 -45.68 -34.64 -17.04
C ARG B 282 -46.34 -35.45 -15.93
N ASN B 283 -45.53 -36.16 -15.16
CA ASN B 283 -46.03 -36.98 -14.06
C ASN B 283 -47.15 -36.27 -13.32
N THR B 284 -47.02 -34.96 -13.14
CA THR B 284 -48.03 -34.18 -12.42
C THR B 284 -48.54 -32.97 -13.18
N GLY B 285 -48.24 -32.89 -14.48
CA GLY B 285 -48.69 -31.76 -15.28
C GLY B 285 -48.64 -30.42 -14.56
N LYS B 286 -47.44 -29.97 -14.19
CA LYS B 286 -47.29 -28.69 -13.51
C LYS B 286 -46.00 -27.99 -13.93
N VAL B 287 -46.03 -26.66 -13.96
CA VAL B 287 -44.89 -25.86 -14.34
C VAL B 287 -43.91 -25.73 -13.17
N ILE B 288 -42.75 -26.35 -13.31
CA ILE B 288 -41.71 -26.34 -12.27
C ILE B 288 -40.60 -25.34 -12.55
N VAL B 289 -40.07 -25.36 -13.78
CA VAL B 289 -38.99 -24.46 -14.17
C VAL B 289 -39.45 -23.29 -15.03
N GLU B 290 -39.03 -22.08 -14.65
CA GLU B 290 -39.39 -20.90 -15.43
C GLU B 290 -38.28 -19.86 -15.46
N VAL B 291 -38.20 -19.14 -16.57
CA VAL B 291 -37.18 -18.12 -16.79
C VAL B 291 -37.72 -16.73 -16.49
N SER B 292 -36.85 -15.85 -15.98
CA SER B 292 -37.26 -14.49 -15.67
C SER B 292 -36.26 -13.46 -16.15
N GLU B 293 -36.78 -12.28 -16.48
CA GLU B 293 -36.02 -11.15 -16.98
C GLU B 293 -34.89 -10.75 -16.03
N GLU B 294 -35.03 -11.14 -14.77
CA GLU B 294 -34.04 -10.83 -13.74
C GLU B 294 -32.73 -11.58 -13.95
N PHE B 295 -32.85 -12.86 -14.28
CA PHE B 295 -31.68 -13.71 -14.48
C PHE B 295 -31.34 -13.96 -15.95
N PHE B 296 -32.09 -13.36 -16.86
CA PHE B 296 -31.85 -13.58 -18.28
C PHE B 296 -30.80 -12.70 -18.95
N ARG B 297 -29.86 -13.36 -19.62
CA ARG B 297 -28.80 -12.67 -20.35
C ARG B 297 -28.69 -13.39 -21.70
N PRO B 298 -28.35 -12.67 -22.76
CA PRO B 298 -28.23 -13.28 -24.08
C PRO B 298 -27.15 -14.38 -24.16
N ALA B 299 -27.40 -15.36 -25.03
CA ALA B 299 -26.49 -16.49 -25.21
C ALA B 299 -25.09 -16.01 -25.52
N GLU B 300 -24.17 -16.19 -24.56
CA GLU B 300 -22.78 -15.77 -24.72
C GLU B 300 -22.24 -16.17 -26.10
N VAL B 301 -21.54 -15.24 -26.75
CA VAL B 301 -20.98 -15.52 -28.06
C VAL B 301 -19.64 -16.24 -27.83
N ASP B 302 -19.01 -15.97 -26.69
CA ASP B 302 -17.73 -16.59 -26.34
C ASP B 302 -17.93 -17.99 -25.77
N ILE B 303 -17.82 -19.01 -26.63
CA ILE B 303 -17.97 -20.40 -26.21
C ILE B 303 -16.74 -20.81 -25.37
N LEU B 304 -16.95 -21.02 -24.07
CA LEU B 304 -15.86 -21.39 -23.17
C LEU B 304 -15.77 -22.89 -22.92
N VAL B 305 -14.75 -23.53 -23.47
CA VAL B 305 -14.57 -24.97 -23.31
C VAL B 305 -13.07 -25.29 -23.34
N GLY B 306 -12.59 -26.03 -22.35
CA GLY B 306 -11.18 -26.34 -22.33
C GLY B 306 -10.73 -27.68 -22.87
N ASN B 307 -9.57 -27.69 -23.52
CA ASN B 307 -8.98 -28.92 -24.08
C ASN B 307 -7.89 -29.29 -23.06
N PRO B 308 -8.18 -30.24 -22.17
CA PRO B 308 -7.23 -30.67 -21.14
C PRO B 308 -6.19 -31.71 -21.54
N GLU B 309 -5.85 -31.81 -22.83
CA GLU B 309 -4.89 -32.83 -23.21
C GLU B 309 -3.48 -32.67 -22.63
N LYS B 310 -3.00 -31.43 -22.49
CA LYS B 310 -1.69 -31.24 -21.91
C LYS B 310 -1.67 -31.80 -20.50
N ALA B 311 -2.80 -31.72 -19.81
CA ALA B 311 -2.90 -32.23 -18.45
C ALA B 311 -2.80 -33.76 -18.45
N MET B 312 -3.25 -34.38 -19.53
CA MET B 312 -3.22 -35.84 -19.66
C MET B 312 -1.78 -36.31 -19.89
N LYS B 313 -1.15 -35.69 -20.89
CA LYS B 313 0.21 -35.96 -21.30
C LYS B 313 1.26 -35.86 -20.17
N LYS B 314 1.21 -34.77 -19.42
CA LYS B 314 2.19 -34.55 -18.35
C LYS B 314 1.73 -34.94 -16.93
N LEU B 315 0.44 -34.81 -16.64
CA LEU B 315 -0.05 -35.14 -15.31
C LEU B 315 -0.79 -36.46 -15.30
N GLY B 316 -1.29 -36.86 -16.47
CA GLY B 316 -2.04 -38.10 -16.52
C GLY B 316 -3.40 -37.83 -15.91
N TRP B 317 -3.82 -36.57 -15.94
CA TRP B 317 -5.11 -36.15 -15.41
C TRP B 317 -6.16 -36.06 -16.50
N LYS B 318 -7.39 -36.42 -16.14
CA LYS B 318 -8.51 -36.36 -17.07
C LYS B 318 -9.78 -36.50 -16.24
N PRO B 319 -10.91 -36.01 -16.75
CA PRO B 319 -12.14 -36.16 -15.95
C PRO B 319 -12.45 -37.64 -15.75
N ARG B 320 -12.89 -38.02 -14.56
CA ARG B 320 -13.22 -39.42 -14.31
C ARG B 320 -14.62 -39.55 -13.77
N THR B 321 -15.44 -38.55 -14.08
CA THR B 321 -16.83 -38.49 -13.67
C THR B 321 -17.57 -37.93 -14.87
N THR B 322 -18.69 -38.55 -15.21
CA THR B 322 -19.48 -38.11 -16.36
C THR B 322 -20.38 -36.95 -15.92
N PHE B 323 -20.83 -36.16 -16.89
CA PHE B 323 -21.70 -35.04 -16.60
C PHE B 323 -22.92 -35.59 -15.85
N ASP B 324 -23.42 -36.74 -16.31
CA ASP B 324 -24.57 -37.38 -15.69
C ASP B 324 -24.31 -37.72 -14.22
N GLU B 325 -23.15 -38.30 -13.95
CA GLU B 325 -22.78 -38.66 -12.58
C GLU B 325 -22.66 -37.40 -11.72
N LEU B 326 -22.14 -36.32 -12.31
CA LEU B 326 -21.99 -35.05 -11.60
C LEU B 326 -23.35 -34.54 -11.19
N VAL B 327 -24.29 -34.56 -12.13
CA VAL B 327 -25.65 -34.09 -11.84
C VAL B 327 -26.26 -34.97 -10.75
N GLU B 328 -26.03 -36.27 -10.85
CA GLU B 328 -26.55 -37.23 -9.89
C GLU B 328 -25.97 -37.02 -8.50
N ILE B 329 -24.65 -36.86 -8.42
CA ILE B 329 -23.98 -36.65 -7.14
C ILE B 329 -24.60 -35.44 -6.44
N MET B 330 -24.81 -34.37 -7.18
CA MET B 330 -25.39 -33.16 -6.61
C MET B 330 -26.88 -33.28 -6.30
N MET B 331 -27.64 -33.81 -7.25
CA MET B 331 -29.08 -33.92 -7.02
C MET B 331 -29.34 -34.86 -5.83
N GLU B 332 -28.70 -36.04 -5.83
CA GLU B 332 -28.88 -36.98 -4.72
C GLU B 332 -28.51 -36.34 -3.39
N ALA B 333 -27.36 -35.66 -3.36
CA ALA B 333 -26.90 -35.00 -2.15
C ALA B 333 -27.88 -33.99 -1.60
N ASP B 334 -28.48 -33.18 -2.47
CA ASP B 334 -29.43 -32.18 -2.00
C ASP B 334 -30.81 -32.76 -1.69
N LEU B 335 -31.07 -33.96 -2.14
CA LEU B 335 -32.34 -34.60 -1.84
C LEU B 335 -32.21 -35.09 -0.42
N LYS B 336 -31.06 -35.66 -0.11
CA LYS B 336 -30.83 -36.17 1.23
C LYS B 336 -30.85 -35.04 2.25
N ARG B 337 -30.25 -33.91 1.90
CA ARG B 337 -30.22 -32.77 2.80
C ARG B 337 -31.62 -32.27 3.10
N VAL B 338 -32.43 -32.08 2.06
CA VAL B 338 -33.80 -31.60 2.23
C VAL B 338 -34.60 -32.54 3.14
N ARG B 339 -34.42 -33.85 2.96
CA ARG B 339 -35.12 -34.83 3.79
C ARG B 339 -34.75 -34.59 5.27
N ASP B 340 -33.48 -34.81 5.59
CA ASP B 340 -33.01 -34.62 6.95
C ASP B 340 -33.12 -33.15 7.37
N GLY C 3 36.67 -2.51 10.06
CA GLY C 3 36.01 -1.27 9.53
C GLY C 3 34.50 -1.25 9.71
N LYS C 4 33.96 -0.10 10.11
CA LYS C 4 32.51 0.02 10.30
C LYS C 4 31.83 0.31 8.98
N ARG C 5 30.53 0.02 8.93
CA ARG C 5 29.76 0.24 7.71
C ARG C 5 28.41 0.88 8.02
N ALA C 6 28.10 1.96 7.32
CA ALA C 6 26.84 2.65 7.55
C ALA C 6 25.93 2.62 6.34
N LEU C 7 24.63 2.57 6.61
CA LEU C 7 23.61 2.58 5.56
C LEU C 7 22.79 3.84 5.81
N ILE C 8 22.80 4.73 4.83
CA ILE C 8 22.08 6.01 4.92
C ILE C 8 20.96 6.13 3.88
N THR C 9 19.73 6.33 4.34
CA THR C 9 18.61 6.52 3.43
C THR C 9 18.54 8.02 3.14
N GLY C 10 18.25 8.37 1.89
CA GLY C 10 18.18 9.78 1.50
C GLY C 10 19.61 10.27 1.29
N ILE C 11 20.48 9.34 0.90
CA ILE C 11 21.90 9.64 0.68
C ILE C 11 22.15 10.90 -0.14
N ARG C 12 21.37 11.10 -1.20
CA ARG C 12 21.54 12.23 -2.09
C ARG C 12 21.00 13.57 -1.61
N GLY C 13 20.48 13.60 -0.39
CA GLY C 13 19.94 14.85 0.14
C GLY C 13 20.99 15.60 0.94
N GLN C 14 20.64 16.79 1.41
CA GLN C 14 21.57 17.59 2.19
C GLN C 14 22.22 16.81 3.34
N ASP C 15 21.41 16.31 4.26
CA ASP C 15 21.94 15.57 5.39
C ASP C 15 22.68 14.30 5.02
N GLY C 16 22.12 13.55 4.09
CA GLY C 16 22.73 12.30 3.68
C GLY C 16 24.12 12.49 3.12
N ALA C 17 24.29 13.53 2.30
CA ALA C 17 25.56 13.84 1.68
C ALA C 17 26.60 14.24 2.73
N TYR C 18 26.23 15.12 3.66
CA TYR C 18 27.18 15.53 4.69
C TYR C 18 27.52 14.37 5.62
N LEU C 19 26.52 13.56 5.97
CA LEU C 19 26.77 12.43 6.85
C LEU C 19 27.75 11.47 6.17
N ALA C 20 27.55 11.26 4.87
CA ALA C 20 28.42 10.37 4.12
C ALA C 20 29.84 10.90 4.11
N LYS C 21 29.97 12.21 3.88
CA LYS C 21 31.27 12.85 3.86
C LYS C 21 31.94 12.70 5.21
N LEU C 22 31.18 12.90 6.27
CA LEU C 22 31.71 12.80 7.62
C LEU C 22 32.16 11.38 7.97
N LEU C 23 31.31 10.39 7.72
CA LEU C 23 31.65 9.01 8.05
C LEU C 23 32.79 8.51 7.19
N LEU C 24 32.87 8.98 5.95
CA LEU C 24 33.96 8.55 5.08
C LEU C 24 35.27 9.02 5.70
N GLU C 25 35.28 10.25 6.20
CA GLU C 25 36.46 10.81 6.84
C GLU C 25 36.85 10.01 8.06
N LYS C 26 35.88 9.31 8.66
CA LYS C 26 36.18 8.52 9.86
C LYS C 26 36.55 7.08 9.54
N GLY C 27 36.76 6.79 8.26
CA GLY C 27 37.14 5.44 7.86
C GLY C 27 35.99 4.50 7.57
N TYR C 28 34.76 4.98 7.71
CA TYR C 28 33.58 4.16 7.44
C TYR C 28 33.43 3.70 6.00
N GLU C 29 32.65 2.63 5.81
CA GLU C 29 32.29 2.12 4.50
C GLU C 29 30.85 2.63 4.42
N VAL C 30 30.53 3.43 3.41
CA VAL C 30 29.20 4.02 3.32
C VAL C 30 28.28 3.57 2.19
N TYR C 31 27.17 2.93 2.54
CA TYR C 31 26.17 2.48 1.57
C TYR C 31 25.00 3.44 1.70
N GLY C 32 24.40 3.81 0.57
CA GLY C 32 23.27 4.73 0.61
C GLY C 32 22.14 4.35 -0.32
N ALA C 33 21.01 5.01 -0.14
CA ALA C 33 19.83 4.79 -0.96
C ALA C 33 19.00 6.06 -1.00
N ASP C 34 18.52 6.43 -2.18
CA ASP C 34 17.68 7.62 -2.32
C ASP C 34 16.66 7.37 -3.43
N ARG C 35 15.44 7.83 -3.22
CA ARG C 35 14.38 7.67 -4.21
C ARG C 35 14.68 8.51 -5.45
N ARG C 36 15.21 9.71 -5.25
CA ARG C 36 15.53 10.61 -6.37
C ARG C 36 16.75 10.14 -7.18
N SER C 37 16.51 9.55 -8.34
CA SER C 37 17.61 9.09 -9.21
C SER C 37 17.62 10.00 -10.44
N GLY C 38 18.52 9.73 -11.37
CA GLY C 38 18.61 10.55 -12.57
C GLY C 38 20.05 10.94 -12.87
N GLU C 39 20.26 11.94 -13.72
CA GLU C 39 21.61 12.34 -14.05
C GLU C 39 22.14 13.55 -13.30
N PHE C 40 21.27 14.21 -12.53
CA PHE C 40 21.68 15.38 -11.75
C PHE C 40 21.37 15.13 -10.27
N ALA C 41 20.84 13.95 -9.98
CA ALA C 41 20.44 13.59 -8.62
C ALA C 41 21.57 13.48 -7.60
N SER C 42 22.71 12.95 -8.01
CA SER C 42 23.85 12.80 -7.11
C SER C 42 24.72 14.05 -7.08
N TRP C 43 24.14 15.18 -7.46
CA TRP C 43 24.90 16.43 -7.51
C TRP C 43 25.50 16.85 -6.17
N ARG C 44 24.85 16.52 -5.07
CA ARG C 44 25.41 16.89 -3.77
C ARG C 44 26.63 16.03 -3.50
N LEU C 45 26.62 14.81 -4.01
CA LEU C 45 27.74 13.91 -3.82
C LEU C 45 28.90 14.35 -4.69
N LYS C 46 28.60 14.85 -5.89
CA LYS C 46 29.65 15.33 -6.77
C LYS C 46 30.29 16.58 -6.17
N GLU C 47 29.44 17.50 -5.70
CA GLU C 47 29.90 18.75 -5.12
C GLU C 47 30.70 18.62 -3.81
N LEU C 48 30.73 17.43 -3.23
CA LEU C 48 31.49 17.22 -2.00
C LEU C 48 32.63 16.28 -2.33
N GLY C 49 32.61 15.79 -3.57
CA GLY C 49 33.66 14.90 -4.06
C GLY C 49 33.70 13.50 -3.46
N ILE C 50 32.54 12.93 -3.17
CA ILE C 50 32.49 11.59 -2.60
C ILE C 50 31.63 10.65 -3.44
N GLU C 51 31.28 11.08 -4.64
CA GLU C 51 30.42 10.27 -5.49
C GLU C 51 30.91 8.85 -5.75
N ASN C 52 32.21 8.67 -5.94
CA ASN C 52 32.76 7.33 -6.20
C ASN C 52 33.18 6.59 -4.94
N ASP C 53 32.90 7.18 -3.78
CA ASP C 53 33.26 6.58 -2.50
C ASP C 53 32.05 6.10 -1.74
N VAL C 54 30.89 6.22 -2.37
CA VAL C 54 29.66 5.79 -1.74
C VAL C 54 28.99 4.72 -2.61
N LYS C 55 28.65 3.60 -2.00
CA LYS C 55 27.98 2.52 -2.74
C LYS C 55 26.47 2.79 -2.72
N ILE C 56 25.91 3.02 -3.90
CA ILE C 56 24.49 3.29 -4.04
C ILE C 56 23.70 2.02 -4.31
N ILE C 57 22.70 1.73 -3.47
CA ILE C 57 21.86 0.56 -3.67
C ILE C 57 20.40 0.97 -3.77
N HIS C 58 19.56 0.05 -4.23
CA HIS C 58 18.13 0.33 -4.36
C HIS C 58 17.36 -0.20 -3.16
N MET C 59 16.78 0.71 -2.40
CA MET C 59 15.99 0.33 -1.25
C MET C 59 14.91 1.37 -1.03
N ASP C 60 13.68 1.01 -1.34
CA ASP C 60 12.58 1.94 -1.17
C ASP C 60 11.89 1.67 0.14
N LEU C 61 11.63 2.72 0.92
CA LEU C 61 10.99 2.59 2.22
C LEU C 61 9.59 1.97 2.21
N LEU C 62 9.01 1.82 1.02
CA LEU C 62 7.69 1.24 0.90
C LEU C 62 7.73 -0.27 0.56
N GLU C 63 8.90 -0.78 0.17
CA GLU C 63 9.02 -2.19 -0.19
C GLU C 63 9.69 -2.99 0.92
N PHE C 64 8.90 -3.59 1.80
CA PHE C 64 9.45 -4.35 2.92
C PHE C 64 10.46 -5.44 2.50
N SER C 65 10.09 -6.27 1.52
CA SER C 65 10.98 -7.33 1.07
C SER C 65 12.32 -6.77 0.58
N ASN C 66 12.28 -5.59 -0.04
CA ASN C 66 13.49 -4.93 -0.54
C ASN C 66 14.35 -4.49 0.64
N ILE C 67 13.72 -3.91 1.66
CA ILE C 67 14.45 -3.46 2.84
C ILE C 67 15.12 -4.67 3.50
N ILE C 68 14.35 -5.74 3.69
CA ILE C 68 14.89 -6.95 4.31
C ILE C 68 16.10 -7.46 3.54
N ARG C 69 15.98 -7.63 2.24
CA ARG C 69 17.11 -8.10 1.44
C ARG C 69 18.33 -7.17 1.64
N THR C 70 18.09 -5.87 1.62
CA THR C 70 19.17 -4.89 1.77
C THR C 70 19.95 -5.06 3.07
N ILE C 71 19.23 -5.21 4.19
CA ILE C 71 19.89 -5.39 5.48
C ILE C 71 20.70 -6.69 5.45
N GLU C 72 20.12 -7.75 4.91
CA GLU C 72 20.82 -9.03 4.82
C GLU C 72 22.12 -8.93 4.06
N LYS C 73 22.07 -8.30 2.89
CA LYS C 73 23.22 -8.14 2.02
C LYS C 73 24.27 -7.16 2.52
N VAL C 74 23.82 -6.00 2.99
CA VAL C 74 24.74 -4.97 3.48
C VAL C 74 25.26 -5.21 4.90
N GLN C 75 24.44 -5.83 5.76
CA GLN C 75 24.87 -6.09 7.15
C GLN C 75 25.48 -4.83 7.75
N PRO C 76 24.70 -3.75 7.87
CA PRO C 76 25.26 -2.52 8.45
C PRO C 76 25.46 -2.55 9.95
N ASP C 77 26.31 -1.64 10.45
CA ASP C 77 26.57 -1.51 11.88
C ASP C 77 25.73 -0.32 12.37
N GLU C 78 25.53 0.64 11.47
CA GLU C 78 24.77 1.84 11.76
C GLU C 78 23.84 2.19 10.60
N VAL C 79 22.58 2.46 10.91
CA VAL C 79 21.61 2.85 9.89
C VAL C 79 21.02 4.22 10.23
N TYR C 80 21.11 5.14 9.27
CA TYR C 80 20.60 6.49 9.48
C TYR C 80 19.45 6.71 8.50
N ASN C 81 18.23 6.80 9.03
CA ASN C 81 17.07 7.00 8.17
C ASN C 81 16.86 8.49 7.91
N LEU C 82 17.48 9.01 6.86
CA LEU C 82 17.37 10.42 6.54
C LEU C 82 16.55 10.77 5.30
N ALA C 83 15.80 9.81 4.77
CA ALA C 83 14.98 10.03 3.58
C ALA C 83 13.74 10.88 3.84
N ALA C 84 12.61 10.43 3.31
CA ALA C 84 11.33 11.12 3.49
C ALA C 84 10.86 12.15 2.48
N GLN C 85 9.54 12.20 2.33
CA GLN C 85 8.86 13.16 1.43
C GLN C 85 8.58 14.35 2.35
N SER C 86 9.69 14.86 2.90
CA SER C 86 9.71 15.97 3.84
C SER C 86 9.06 17.29 3.44
N PHE C 87 7.86 17.24 2.89
CA PHE C 87 7.19 18.46 2.51
C PHE C 87 5.85 18.63 3.21
N VAL C 88 5.83 19.51 4.20
CA VAL C 88 4.62 19.78 4.96
C VAL C 88 3.46 20.03 4.01
N GLY C 89 3.66 20.95 3.07
CA GLY C 89 2.62 21.29 2.12
C GLY C 89 2.06 20.11 1.35
N VAL C 90 2.91 19.35 0.70
CA VAL C 90 2.48 18.21 -0.10
C VAL C 90 1.78 17.12 0.73
N SER C 91 2.11 17.02 2.02
CA SER C 91 1.49 16.01 2.88
C SER C 91 -0.02 16.19 2.99
N PHE C 92 -0.52 17.40 2.76
CA PHE C 92 -1.97 17.62 2.81
C PHE C 92 -2.59 17.06 1.55
N GLU C 93 -1.81 16.99 0.49
CA GLU C 93 -2.30 16.50 -0.79
C GLU C 93 -2.03 15.00 -0.99
N GLN C 94 -1.11 14.46 -0.20
CA GLN C 94 -0.75 13.04 -0.26
C GLN C 94 -0.54 12.50 1.16
N PRO C 95 -1.53 12.70 2.05
CA PRO C 95 -1.41 12.22 3.43
C PRO C 95 -1.07 10.75 3.65
N ILE C 96 -1.72 9.84 2.94
CA ILE C 96 -1.44 8.42 3.14
C ILE C 96 -0.04 8.02 2.67
N LEU C 97 0.36 8.50 1.50
CA LEU C 97 1.69 8.18 0.99
C LEU C 97 2.74 8.71 1.97
N THR C 98 2.44 9.85 2.57
CA THR C 98 3.33 10.49 3.54
C THR C 98 3.46 9.60 4.77
N ALA C 99 2.35 9.05 5.23
CA ALA C 99 2.35 8.18 6.39
C ALA C 99 3.06 6.86 6.07
N GLU C 100 2.84 6.34 4.86
CA GLU C 100 3.46 5.10 4.45
C GLU C 100 4.98 5.19 4.40
N VAL C 101 5.49 6.37 4.08
CA VAL C 101 6.94 6.57 3.98
C VAL C 101 7.62 7.05 5.27
N ASP C 102 7.10 8.13 5.87
CA ASP C 102 7.68 8.72 7.07
C ASP C 102 7.30 8.11 8.40
N ALA C 103 6.22 7.33 8.43
CA ALA C 103 5.79 6.69 9.66
C ALA C 103 6.03 5.18 9.59
N ILE C 104 5.36 4.52 8.64
CA ILE C 104 5.50 3.07 8.50
C ILE C 104 6.86 2.67 7.94
N GLY C 105 7.47 3.55 7.15
CA GLY C 105 8.78 3.24 6.61
C GLY C 105 9.78 3.06 7.74
N VAL C 106 9.56 3.80 8.83
CA VAL C 106 10.43 3.75 10.00
C VAL C 106 10.29 2.37 10.66
N LEU C 107 9.05 1.91 10.77
CA LEU C 107 8.79 0.62 11.39
C LEU C 107 9.29 -0.54 10.51
N ARG C 108 9.28 -0.36 9.19
CA ARG C 108 9.75 -1.41 8.28
C ARG C 108 11.24 -1.62 8.45
N ILE C 109 11.99 -0.53 8.57
CA ILE C 109 13.43 -0.64 8.76
C ILE C 109 13.70 -1.32 10.11
N LEU C 110 13.07 -0.81 11.17
CA LEU C 110 13.26 -1.36 12.51
C LEU C 110 12.92 -2.84 12.59
N GLU C 111 11.81 -3.25 11.98
CA GLU C 111 11.36 -4.63 12.00
C GLU C 111 12.27 -5.56 11.20
N ALA C 112 12.87 -5.05 10.13
CA ALA C 112 13.77 -5.86 9.33
C ALA C 112 15.10 -5.93 10.09
N LEU C 113 15.39 -4.91 10.89
CA LEU C 113 16.61 -4.94 11.66
C LEU C 113 16.47 -5.94 12.80
N ARG C 114 15.32 -5.89 13.47
CA ARG C 114 15.08 -6.80 14.57
C ARG C 114 15.19 -8.25 14.10
N THR C 115 14.72 -8.49 12.89
CA THR C 115 14.73 -9.83 12.30
C THR C 115 16.02 -10.28 11.63
N VAL C 116 16.69 -9.39 10.91
CA VAL C 116 17.89 -9.77 10.20
C VAL C 116 19.20 -9.55 10.94
N LYS C 117 19.33 -8.41 11.61
CA LYS C 117 20.55 -8.05 12.34
C LYS C 117 20.17 -7.11 13.47
N PRO C 118 19.55 -7.66 14.52
CA PRO C 118 19.09 -6.94 15.71
C PRO C 118 20.09 -6.08 16.47
N ASP C 119 21.38 -6.25 16.21
CA ASP C 119 22.40 -5.49 16.92
C ASP C 119 22.82 -4.22 16.16
N THR C 120 22.01 -3.84 15.17
CA THR C 120 22.29 -2.67 14.35
C THR C 120 21.80 -1.39 15.05
N LYS C 121 22.63 -0.35 15.05
CA LYS C 121 22.24 0.92 15.65
C LYS C 121 21.34 1.59 14.65
N PHE C 122 20.34 2.32 15.13
CA PHE C 122 19.40 3.00 14.25
C PHE C 122 19.15 4.44 14.65
N TYR C 123 19.23 5.33 13.68
CA TYR C 123 18.97 6.74 13.92
C TYR C 123 17.77 7.15 13.07
N GLN C 124 16.79 7.77 13.69
CA GLN C 124 15.58 8.23 13.02
C GLN C 124 15.61 9.76 12.95
N ALA C 125 15.47 10.29 11.73
CA ALA C 125 15.47 11.74 11.54
C ALA C 125 14.13 12.37 11.89
N SER C 126 13.93 12.64 13.16
CA SER C 126 12.68 13.28 13.58
C SER C 126 12.85 14.77 13.31
N THR C 127 11.82 15.56 13.57
CA THR C 127 11.89 16.99 13.29
C THR C 127 11.16 17.90 14.28
N SER C 128 11.60 19.15 14.37
CA SER C 128 10.98 20.12 15.27
C SER C 128 9.53 20.35 14.82
N GLU C 129 9.18 19.86 13.63
CA GLU C 129 7.83 20.02 13.13
C GLU C 129 6.84 19.29 14.03
N MET C 130 7.33 18.32 14.78
CA MET C 130 6.47 17.54 15.68
C MET C 130 5.92 18.42 16.81
N PHE C 131 6.64 19.49 17.14
CA PHE C 131 6.18 20.41 18.18
C PHE C 131 5.02 21.27 17.67
N GLY C 132 5.03 21.56 16.36
CA GLY C 132 3.97 22.35 15.78
C GLY C 132 3.55 23.48 16.70
N LYS C 133 2.31 23.43 17.17
CA LYS C 133 1.82 24.45 18.09
C LYS C 133 2.58 24.27 19.40
N VAL C 134 3.78 24.83 19.45
CA VAL C 134 4.66 24.74 20.60
C VAL C 134 3.97 24.85 21.95
N GLN C 135 4.17 23.83 22.80
CA GLN C 135 3.57 23.80 24.12
C GLN C 135 4.44 24.47 25.20
N GLU C 136 5.72 24.64 24.88
CA GLU C 136 6.68 25.29 25.79
C GLU C 136 7.66 26.07 24.93
N ILE C 137 8.18 27.16 25.47
CA ILE C 137 9.16 27.95 24.73
C ILE C 137 10.32 28.25 25.68
N PRO C 138 11.52 27.76 25.34
CA PRO C 138 11.84 26.97 24.16
C PRO C 138 11.33 25.53 24.26
N GLN C 139 11.65 24.70 23.27
CA GLN C 139 11.23 23.30 23.27
C GLN C 139 12.40 22.37 23.57
N THR C 140 12.16 21.40 24.45
CA THR C 140 13.17 20.41 24.82
C THR C 140 12.61 19.03 24.52
N GLU C 141 13.41 17.99 24.77
CA GLU C 141 12.97 16.63 24.54
C GLU C 141 11.71 16.36 25.36
N LYS C 142 11.50 17.14 26.41
CA LYS C 142 10.33 16.97 27.27
C LYS C 142 9.09 17.76 26.86
N THR C 143 9.20 18.63 25.86
CA THR C 143 8.03 19.39 25.44
C THR C 143 7.00 18.51 24.74
N PRO C 144 5.74 18.54 25.22
CA PRO C 144 4.69 17.72 24.61
C PRO C 144 4.58 18.05 23.13
N PHE C 145 4.45 17.03 22.30
CA PHE C 145 4.34 17.25 20.87
C PHE C 145 2.94 17.68 20.49
N TYR C 146 2.80 18.39 19.36
CA TYR C 146 1.49 18.82 18.86
C TYR C 146 1.59 19.06 17.35
N PRO C 147 1.60 17.97 16.57
CA PRO C 147 1.69 18.00 15.11
C PRO C 147 0.53 18.75 14.44
N ARG C 148 0.84 19.49 13.36
CA ARG C 148 -0.20 20.24 12.67
C ARG C 148 -0.31 19.92 11.18
N SER C 149 0.16 18.74 10.79
CA SER C 149 0.08 18.34 9.39
C SER C 149 0.34 16.85 9.26
N PRO C 150 -0.22 16.21 8.23
CA PRO C 150 0.02 14.77 8.05
C PRO C 150 1.50 14.44 8.16
N TYR C 151 2.36 15.32 7.66
CA TYR C 151 3.80 15.09 7.74
C TYR C 151 4.25 15.07 9.20
N ALA C 152 3.84 16.07 9.97
CA ALA C 152 4.20 16.15 11.37
C ALA C 152 3.67 14.94 12.16
N VAL C 153 2.43 14.55 11.88
CA VAL C 153 1.82 13.42 12.57
C VAL C 153 2.53 12.10 12.26
N ALA C 154 2.90 11.89 10.99
CA ALA C 154 3.59 10.69 10.56
C ALA C 154 4.94 10.62 11.28
N LYS C 155 5.68 11.72 11.23
CA LYS C 155 6.98 11.81 11.89
C LYS C 155 6.85 11.51 13.39
N LEU C 156 5.73 11.90 13.97
CA LEU C 156 5.51 11.65 15.38
C LEU C 156 5.45 10.13 15.62
N PHE C 157 4.83 9.41 14.71
CA PHE C 157 4.73 7.96 14.80
C PHE C 157 6.15 7.42 14.67
N GLY C 158 6.86 7.92 13.66
CA GLY C 158 8.23 7.52 13.40
C GLY C 158 9.14 7.69 14.61
N HIS C 159 8.89 8.75 15.39
CA HIS C 159 9.68 9.04 16.59
C HIS C 159 9.34 8.04 17.71
N TRP C 160 8.05 7.89 17.98
CA TRP C 160 7.58 7.00 19.04
C TRP C 160 7.82 5.52 18.76
N ILE C 161 7.69 5.11 17.49
CA ILE C 161 7.89 3.71 17.15
C ILE C 161 9.37 3.41 17.40
N THR C 162 10.21 4.41 17.16
CA THR C 162 11.64 4.28 17.38
C THR C 162 11.92 4.17 18.89
N VAL C 163 11.22 4.98 19.69
CA VAL C 163 11.41 4.93 21.13
C VAL C 163 10.97 3.55 21.63
N ASN C 164 9.81 3.12 21.17
CA ASN C 164 9.26 1.85 21.60
C ASN C 164 10.20 0.69 21.31
N TYR C 165 10.87 0.69 20.15
CA TYR C 165 11.77 -0.40 19.84
C TYR C 165 13.00 -0.36 20.70
N ARG C 166 13.35 0.82 21.19
CA ARG C 166 14.49 0.92 22.07
C ARG C 166 14.10 0.38 23.43
N GLU C 167 12.91 0.75 23.89
CA GLU C 167 12.43 0.33 25.20
C GLU C 167 11.88 -1.09 25.25
N ALA C 168 11.29 -1.55 24.16
CA ALA C 168 10.71 -2.88 24.14
C ALA C 168 11.66 -4.01 23.73
N TYR C 169 12.47 -3.76 22.71
CA TYR C 169 13.41 -4.77 22.20
C TYR C 169 14.85 -4.48 22.57
N ASN C 170 15.03 -3.48 23.42
CA ASN C 170 16.36 -3.07 23.85
C ASN C 170 17.28 -2.90 22.66
N MET C 171 16.76 -2.32 21.59
CA MET C 171 17.56 -2.09 20.40
C MET C 171 18.19 -0.71 20.50
N PHE C 172 19.36 -0.56 19.92
CA PHE C 172 20.00 0.73 19.97
C PHE C 172 19.32 1.57 18.90
N ALA C 173 18.32 2.35 19.32
CA ALA C 173 17.57 3.19 18.39
C ALA C 173 17.49 4.61 18.93
N CYS C 174 17.92 5.56 18.11
CA CYS C 174 17.94 6.98 18.44
C CYS C 174 17.01 7.82 17.60
N SER C 175 16.45 8.86 18.21
CA SER C 175 15.56 9.79 17.52
C SER C 175 16.09 11.20 17.71
N GLY C 176 16.57 11.79 16.62
CA GLY C 176 17.09 13.14 16.69
C GLY C 176 16.04 14.13 16.24
N ILE C 177 15.62 14.99 17.15
CA ILE C 177 14.62 16.02 16.86
C ILE C 177 15.38 17.26 16.41
N LEU C 178 15.66 17.34 15.12
CA LEU C 178 16.41 18.47 14.58
C LEU C 178 15.58 19.62 14.08
N PHE C 179 16.00 20.83 14.41
CA PHE C 179 15.33 22.02 13.95
C PHE C 179 16.01 22.40 12.64
N ASN C 180 15.47 23.39 11.93
CA ASN C 180 16.04 23.81 10.65
C ASN C 180 17.56 23.92 10.65
N HIS C 181 18.19 23.30 9.67
CA HIS C 181 19.64 23.39 9.50
C HIS C 181 19.90 23.62 8.02
N GLU C 182 20.57 24.73 7.72
CA GLU C 182 20.85 25.12 6.34
C GLU C 182 22.28 24.87 5.88
N SER C 183 22.47 24.99 4.57
CA SER C 183 23.78 24.80 3.95
C SER C 183 23.70 25.14 2.47
N PRO C 184 24.85 25.13 1.78
CA PRO C 184 24.80 25.45 0.36
C PRO C 184 24.08 24.32 -0.37
N LEU C 185 23.99 23.17 0.31
CA LEU C 185 23.34 22.00 -0.27
C LEU C 185 21.84 21.96 -0.05
N ARG C 186 21.34 22.90 0.74
CA ARG C 186 19.91 23.00 1.03
C ARG C 186 19.16 23.09 -0.29
N GLY C 187 17.92 22.60 -0.31
CA GLY C 187 17.14 22.63 -1.53
C GLY C 187 16.52 24.00 -1.80
N ILE C 188 16.59 24.44 -3.05
CA ILE C 188 16.03 25.74 -3.45
C ILE C 188 14.65 26.03 -2.89
N GLU C 189 13.87 24.98 -2.64
CA GLU C 189 12.51 25.14 -2.13
C GLU C 189 12.46 25.89 -0.81
N PHE C 190 13.49 25.73 0.01
CA PHE C 190 13.55 26.39 1.30
C PHE C 190 13.92 27.87 1.22
N VAL C 191 13.38 28.66 2.13
CA VAL C 191 13.59 30.11 2.15
C VAL C 191 15.06 30.49 2.03
N THR C 192 15.92 29.80 2.76
CA THR C 192 17.34 30.11 2.72
C THR C 192 17.93 30.03 1.32
N ARG C 193 17.86 28.89 0.65
CA ARG C 193 18.41 28.80 -0.72
C ARG C 193 17.66 29.75 -1.63
N LYS C 194 16.35 29.85 -1.44
CA LYS C 194 15.56 30.73 -2.27
C LYS C 194 16.15 32.14 -2.22
N ILE C 195 16.39 32.63 -1.02
CA ILE C 195 16.96 33.96 -0.86
C ILE C 195 18.31 34.11 -1.56
N THR C 196 19.31 33.32 -1.13
CA THR C 196 20.64 33.41 -1.74
C THR C 196 20.68 33.14 -3.23
N TYR C 197 20.01 32.08 -3.68
CA TYR C 197 20.02 31.77 -5.11
C TYR C 197 19.39 32.90 -5.92
N SER C 198 18.40 33.58 -5.34
CA SER C 198 17.70 34.67 -6.02
C SER C 198 18.54 35.95 -6.09
N LEU C 199 19.14 36.34 -4.97
CA LEU C 199 19.97 37.54 -4.93
C LEU C 199 21.12 37.38 -5.92
N ALA C 200 21.67 36.17 -5.98
CA ALA C 200 22.78 35.89 -6.88
C ALA C 200 22.35 36.08 -8.34
N ARG C 201 21.12 35.66 -8.66
CA ARG C 201 20.61 35.83 -10.02
C ARG C 201 20.20 37.27 -10.28
N ILE C 202 19.89 38.00 -9.20
CA ILE C 202 19.52 39.40 -9.33
C ILE C 202 20.76 40.25 -9.58
N LYS C 203 21.79 40.02 -8.78
CA LYS C 203 23.04 40.76 -8.92
C LYS C 203 23.60 40.60 -10.34
N TYR C 204 23.52 39.39 -10.87
CA TYR C 204 24.02 39.13 -12.22
C TYR C 204 22.97 39.32 -13.31
N GLY C 205 21.93 40.09 -13.00
CA GLY C 205 20.88 40.37 -13.97
C GLY C 205 20.07 39.20 -14.50
N LEU C 206 20.39 37.98 -14.10
CA LEU C 206 19.66 36.81 -14.56
C LEU C 206 18.24 36.78 -13.99
N GLN C 207 18.02 37.57 -12.95
CA GLN C 207 16.70 37.62 -12.34
C GLN C 207 16.25 39.01 -11.96
N ASP C 208 14.93 39.17 -11.92
CA ASP C 208 14.25 40.41 -11.60
C ASP C 208 14.24 40.75 -10.11
N LYS C 209 13.26 40.22 -9.40
CA LYS C 209 13.13 40.49 -7.97
C LYS C 209 13.06 39.22 -7.13
N LEU C 210 12.97 39.42 -5.82
CA LEU C 210 12.87 38.33 -4.87
C LEU C 210 11.53 38.46 -4.16
N VAL C 211 10.64 37.50 -4.40
CA VAL C 211 9.32 37.51 -3.78
C VAL C 211 9.26 36.58 -2.58
N LEU C 212 8.92 37.12 -1.42
CA LEU C 212 8.86 36.35 -0.20
C LEU C 212 7.56 36.56 0.57
N GLY C 213 7.41 35.83 1.68
CA GLY C 213 6.23 35.96 2.51
C GLY C 213 6.51 36.94 3.64
N ASN C 214 5.91 36.72 4.81
CA ASN C 214 6.10 37.62 5.95
C ASN C 214 7.57 37.66 6.35
N LEU C 215 8.16 38.85 6.24
CA LEU C 215 9.57 39.07 6.56
C LEU C 215 9.85 39.07 8.06
N ASN C 216 8.82 38.86 8.86
CA ASN C 216 8.96 38.84 10.31
C ASN C 216 9.05 37.42 10.86
N ALA C 217 8.82 36.43 9.99
CA ALA C 217 8.87 35.02 10.39
C ALA C 217 10.22 34.68 11.04
N LYS C 218 10.15 34.26 12.30
CA LYS C 218 11.34 33.91 13.07
C LYS C 218 11.68 32.42 12.88
N ARG C 219 12.96 32.11 12.71
CA ARG C 219 13.42 30.74 12.51
C ARG C 219 14.74 30.42 13.23
N ASP C 220 14.85 29.19 13.71
CA ASP C 220 16.06 28.75 14.39
C ASP C 220 16.87 28.02 13.32
N TRP C 221 17.76 28.74 12.66
CA TRP C 221 18.59 28.17 11.59
C TRP C 221 19.96 27.73 12.10
N GLY C 222 20.34 26.51 11.73
CA GLY C 222 21.63 25.98 12.15
C GLY C 222 22.38 25.60 10.91
N TYR C 223 23.62 25.14 11.07
CA TYR C 223 24.45 24.75 9.95
C TYR C 223 24.41 23.24 9.79
N ALA C 224 23.89 22.77 8.66
CA ALA C 224 23.74 21.35 8.39
C ALA C 224 24.90 20.44 8.81
N PRO C 225 26.12 20.70 8.30
CA PRO C 225 27.27 19.87 8.63
C PRO C 225 27.43 19.61 10.14
N GLU C 226 27.08 20.60 10.95
CA GLU C 226 27.19 20.44 12.40
C GLU C 226 26.09 19.54 12.94
N TYR C 227 24.93 19.55 12.29
CA TYR C 227 23.82 18.75 12.75
C TYR C 227 24.00 17.24 12.47
N VAL C 228 24.53 16.90 11.30
CA VAL C 228 24.73 15.48 11.02
C VAL C 228 25.81 14.95 11.97
N GLU C 229 26.70 15.83 12.41
CA GLU C 229 27.76 15.45 13.31
C GLU C 229 27.13 15.03 14.64
N ALA C 230 26.04 15.69 14.98
CA ALA C 230 25.32 15.39 16.21
C ALA C 230 24.68 13.99 16.08
N MET C 231 24.25 13.63 14.88
CA MET C 231 23.65 12.33 14.63
C MET C 231 24.68 11.23 14.94
N TRP C 232 25.87 11.38 14.39
CA TRP C 232 26.95 10.42 14.62
C TRP C 232 27.27 10.36 16.11
N LEU C 233 27.28 11.51 16.78
CA LEU C 233 27.59 11.55 18.21
C LEU C 233 26.62 10.69 19.00
N MET C 234 25.32 10.92 18.80
CA MET C 234 24.28 10.15 19.49
C MET C 234 24.53 8.65 19.35
N MET C 235 24.84 8.23 18.13
CA MET C 235 25.09 6.83 17.83
C MET C 235 26.34 6.24 18.47
N GLN C 236 27.23 7.09 18.97
CA GLN C 236 28.47 6.61 19.60
C GLN C 236 28.37 6.57 21.11
N GLN C 237 27.20 6.87 21.66
CA GLN C 237 27.02 6.85 23.11
C GLN C 237 26.81 5.44 23.63
N PRO C 238 27.12 5.19 24.91
CA PRO C 238 26.97 3.88 25.53
C PRO C 238 25.51 3.44 25.48
N GLU C 239 24.61 4.39 25.71
CA GLU C 239 23.18 4.13 25.70
C GLU C 239 22.45 5.03 24.70
N PRO C 240 21.51 4.45 23.94
CA PRO C 240 20.76 5.24 22.95
C PRO C 240 19.84 6.24 23.67
N ASP C 241 19.37 7.23 22.94
CA ASP C 241 18.51 8.25 23.53
C ASP C 241 18.04 9.19 22.43
N ASP C 242 17.28 10.21 22.80
CA ASP C 242 16.79 11.18 21.83
C ASP C 242 17.29 12.56 22.20
N TYR C 243 17.59 13.37 21.19
CA TYR C 243 18.12 14.71 21.44
C TYR C 243 17.58 15.81 20.56
N VAL C 244 17.39 16.98 21.15
CA VAL C 244 16.94 18.16 20.42
C VAL C 244 18.22 18.82 19.92
N ILE C 245 18.32 19.01 18.61
CA ILE C 245 19.49 19.62 17.99
C ILE C 245 19.05 20.93 17.32
N ALA C 246 19.43 22.06 17.94
CA ALA C 246 19.08 23.37 17.41
C ALA C 246 20.14 24.39 17.84
N THR C 247 19.99 25.64 17.41
CA THR C 247 20.95 26.67 17.80
C THR C 247 20.46 27.32 19.10
N GLY C 248 19.15 27.33 19.27
CA GLY C 248 18.60 27.91 20.48
C GLY C 248 18.27 29.38 20.37
N GLU C 249 18.42 29.93 19.17
CA GLU C 249 18.12 31.33 18.97
C GLU C 249 17.52 31.55 17.59
N THR C 250 16.58 32.47 17.50
CA THR C 250 15.94 32.73 16.23
C THR C 250 16.38 34.01 15.53
N HIS C 251 16.10 34.07 14.24
CA HIS C 251 16.41 35.21 13.40
C HIS C 251 15.25 35.33 12.43
N THR C 252 14.96 36.56 11.99
CA THR C 252 13.85 36.78 11.08
C THR C 252 14.29 36.56 9.65
N VAL C 253 13.32 36.23 8.79
CA VAL C 253 13.61 36.01 7.39
C VAL C 253 14.21 37.29 6.84
N ARG C 254 13.87 38.41 7.49
CA ARG C 254 14.39 39.70 7.06
C ARG C 254 15.90 39.78 7.27
N GLU C 255 16.36 39.45 8.47
CA GLU C 255 17.78 39.47 8.79
C GLU C 255 18.55 38.65 7.78
N PHE C 256 18.00 37.50 7.43
CA PHE C 256 18.67 36.63 6.48
C PHE C 256 18.83 37.34 5.14
N VAL C 257 17.79 38.03 4.70
CA VAL C 257 17.85 38.74 3.43
C VAL C 257 18.87 39.87 3.48
N GLU C 258 18.82 40.67 4.56
CA GLU C 258 19.75 41.79 4.72
C GLU C 258 21.22 41.38 4.65
N LYS C 259 21.65 40.57 5.61
CA LYS C 259 23.04 40.10 5.64
C LYS C 259 23.44 39.48 4.32
N ALA C 260 22.51 38.74 3.71
CA ALA C 260 22.77 38.10 2.44
C ALA C 260 22.86 39.11 1.31
N ALA C 261 21.95 40.08 1.33
CA ALA C 261 21.92 41.13 0.32
C ALA C 261 23.29 41.80 0.23
N LYS C 262 23.78 42.31 1.36
CA LYS C 262 25.08 42.95 1.40
C LYS C 262 26.11 42.09 0.70
N ILE C 263 26.37 40.89 1.24
CA ILE C 263 27.35 39.99 0.66
C ILE C 263 27.26 39.92 -0.87
N ALA C 264 26.09 40.26 -1.42
CA ALA C 264 25.89 40.22 -2.85
C ALA C 264 26.07 41.57 -3.55
N GLY C 265 26.20 42.64 -2.77
CA GLY C 265 26.38 43.96 -3.36
C GLY C 265 25.12 44.80 -3.36
N PHE C 266 24.37 44.73 -2.26
CA PHE C 266 23.13 45.48 -2.14
C PHE C 266 23.00 46.13 -0.77
N ASP C 267 22.63 47.40 -0.77
CA ASP C 267 22.43 48.13 0.48
C ASP C 267 20.92 48.25 0.62
N ILE C 268 20.29 47.20 1.12
CA ILE C 268 18.85 47.15 1.27
C ILE C 268 18.28 48.06 2.36
N GLU C 269 17.21 48.75 2.01
CA GLU C 269 16.49 49.65 2.91
C GLU C 269 15.05 49.15 2.85
N TRP C 270 14.44 48.90 4.00
CA TRP C 270 13.09 48.39 4.03
C TRP C 270 11.97 49.43 4.05
N VAL C 271 11.39 49.66 2.88
CA VAL C 271 10.31 50.64 2.73
C VAL C 271 8.95 49.94 2.59
N GLY C 272 8.15 49.98 3.66
CA GLY C 272 6.85 49.36 3.63
C GLY C 272 6.42 48.74 4.94
N GLU C 273 5.20 48.25 5.00
CA GLU C 273 4.66 47.62 6.20
C GLU C 273 4.07 46.25 5.90
N GLY C 274 4.67 45.21 6.49
CA GLY C 274 4.17 43.85 6.30
C GLY C 274 4.04 43.37 4.87
N ILE C 275 2.79 43.28 4.40
CA ILE C 275 2.50 42.82 3.04
C ILE C 275 2.81 43.90 2.01
N ASN C 276 3.08 45.11 2.49
CA ASN C 276 3.39 46.24 1.63
C ASN C 276 4.89 46.54 1.69
N GLU C 277 5.57 45.87 2.62
CA GLU C 277 7.00 46.06 2.80
C GLU C 277 7.75 45.75 1.50
N LYS C 278 8.77 46.55 1.22
CA LYS C 278 9.57 46.37 0.02
C LYS C 278 11.05 46.63 0.31
N GLY C 279 11.92 45.96 -0.43
CA GLY C 279 13.35 46.11 -0.24
C GLY C 279 13.98 46.89 -1.36
N ILE C 280 14.35 48.14 -1.08
CA ILE C 280 14.95 49.01 -2.08
C ILE C 280 16.44 49.20 -1.82
N ASP C 281 17.25 48.84 -2.82
CA ASP C 281 18.70 48.97 -2.73
C ASP C 281 19.10 50.43 -2.95
N ARG C 282 19.46 51.12 -1.88
CA ARG C 282 19.87 52.52 -1.98
C ARG C 282 20.98 52.64 -3.02
N ASN C 283 21.83 51.62 -3.07
CA ASN C 283 22.94 51.58 -4.00
C ASN C 283 22.53 51.94 -5.44
N THR C 284 21.32 51.56 -5.83
CA THR C 284 20.82 51.84 -7.19
C THR C 284 19.36 52.30 -7.20
N GLY C 285 18.80 52.53 -6.02
CA GLY C 285 17.41 52.96 -5.93
C GLY C 285 16.41 52.00 -6.55
N LYS C 286 16.86 50.78 -6.85
CA LYS C 286 15.98 49.77 -7.46
C LYS C 286 15.32 48.91 -6.39
N VAL C 287 14.26 48.19 -6.78
CA VAL C 287 13.53 47.32 -5.87
C VAL C 287 14.02 45.88 -6.04
N ILE C 288 14.55 45.31 -4.95
CA ILE C 288 15.06 43.95 -4.99
C ILE C 288 14.14 42.94 -4.30
N VAL C 289 13.47 43.37 -3.24
CA VAL C 289 12.58 42.49 -2.49
C VAL C 289 11.19 43.06 -2.25
N GLU C 290 10.17 42.23 -2.45
CA GLU C 290 8.78 42.62 -2.23
C GLU C 290 8.03 41.41 -1.71
N VAL C 291 7.05 41.63 -0.84
CA VAL C 291 6.28 40.54 -0.25
C VAL C 291 4.96 40.25 -0.96
N SER C 292 4.87 39.07 -1.57
CA SER C 292 3.66 38.64 -2.29
C SER C 292 2.66 37.98 -1.35
N GLU C 293 1.40 38.34 -1.47
CA GLU C 293 0.35 37.77 -0.62
C GLU C 293 0.25 36.27 -0.91
N GLU C 294 0.97 35.81 -1.93
CA GLU C 294 0.95 34.39 -2.32
C GLU C 294 1.63 33.53 -1.27
N PHE C 295 2.58 34.11 -0.55
CA PHE C 295 3.31 33.38 0.48
C PHE C 295 3.03 33.92 1.89
N PHE C 296 2.72 35.20 1.97
CA PHE C 296 2.47 35.84 3.26
C PHE C 296 1.60 35.00 4.18
N ARG C 297 1.88 35.12 5.48
CA ARG C 297 1.14 34.39 6.51
C ARG C 297 1.22 35.27 7.76
N PRO C 298 0.06 35.63 8.33
CA PRO C 298 0.04 36.48 9.52
C PRO C 298 1.01 36.06 10.61
N ALA C 299 1.42 37.03 11.42
CA ALA C 299 2.35 36.78 12.52
C ALA C 299 2.01 35.47 13.23
N GLU C 300 2.97 34.54 13.25
CA GLU C 300 2.78 33.24 13.89
C GLU C 300 2.95 33.36 15.41
N VAL C 301 1.95 32.91 16.15
CA VAL C 301 1.99 32.98 17.61
C VAL C 301 2.92 31.91 18.20
N ASP C 302 3.16 30.84 17.43
CA ASP C 302 4.03 29.74 17.86
C ASP C 302 5.50 30.00 17.50
N ILE C 303 6.36 30.04 18.51
CA ILE C 303 7.79 30.26 18.26
C ILE C 303 8.58 28.94 18.34
N LEU C 304 9.04 28.46 17.20
CA LEU C 304 9.83 27.23 17.13
C LEU C 304 11.28 27.54 17.45
N VAL C 305 11.72 27.23 18.65
CA VAL C 305 13.11 27.48 19.04
C VAL C 305 13.55 26.39 20.00
N GLY C 306 14.60 25.66 19.64
CA GLY C 306 15.05 24.56 20.48
C GLY C 306 16.12 24.83 21.52
N ASN C 307 16.04 24.12 22.64
CA ASN C 307 17.01 24.22 23.72
C ASN C 307 17.84 22.93 23.65
N PRO C 308 19.01 22.99 23.02
CA PRO C 308 19.86 21.80 22.91
C PRO C 308 20.86 21.64 24.04
N GLU C 309 20.46 22.00 25.26
CA GLU C 309 21.38 21.88 26.38
C GLU C 309 21.70 20.44 26.73
N LYS C 310 20.75 19.54 26.51
CA LYS C 310 20.97 18.13 26.80
C LYS C 310 22.02 17.56 25.83
N ALA C 311 22.01 18.04 24.59
CA ALA C 311 22.98 17.57 23.61
C ALA C 311 24.36 18.00 24.05
N MET C 312 24.42 19.18 24.65
CA MET C 312 25.66 19.75 25.15
C MET C 312 26.23 18.93 26.28
N LYS C 313 25.36 18.56 27.22
CA LYS C 313 25.75 17.79 28.40
C LYS C 313 26.21 16.35 28.11
N LYS C 314 25.44 15.61 27.32
CA LYS C 314 25.78 14.22 27.02
C LYS C 314 26.67 14.01 25.81
N LEU C 315 26.41 14.74 24.74
CA LEU C 315 27.19 14.58 23.52
C LEU C 315 28.27 15.64 23.40
N GLY C 316 28.21 16.65 24.27
CA GLY C 316 29.18 17.73 24.22
C GLY C 316 29.04 18.44 22.88
N TRP C 317 27.80 18.52 22.39
CA TRP C 317 27.52 19.17 21.12
C TRP C 317 26.87 20.54 21.32
N LYS C 318 27.26 21.50 20.48
CA LYS C 318 26.69 22.85 20.51
C LYS C 318 26.94 23.51 19.17
N PRO C 319 26.13 24.53 18.82
CA PRO C 319 26.35 25.20 17.54
C PRO C 319 27.70 25.90 17.55
N ARG C 320 28.48 25.73 16.50
CA ARG C 320 29.78 26.39 16.43
C ARG C 320 29.68 27.54 15.43
N THR C 321 29.30 27.23 14.20
CA THR C 321 29.14 28.25 13.18
C THR C 321 28.12 29.29 13.64
N THR C 322 28.30 30.53 13.21
CA THR C 322 27.40 31.62 13.61
C THR C 322 26.40 31.90 12.50
N PHE C 323 25.31 32.58 12.86
CA PHE C 323 24.29 32.92 11.89
C PHE C 323 24.91 33.73 10.75
N ASP C 324 25.81 34.66 11.09
CA ASP C 324 26.45 35.46 10.04
C ASP C 324 27.33 34.58 9.16
N GLU C 325 28.01 33.61 9.77
CA GLU C 325 28.87 32.71 9.01
C GLU C 325 28.02 31.85 8.08
N LEU C 326 26.86 31.41 8.57
CA LEU C 326 25.95 30.59 7.77
C LEU C 326 25.43 31.35 6.55
N VAL C 327 24.88 32.54 6.80
CA VAL C 327 24.34 33.38 5.73
C VAL C 327 25.43 33.60 4.70
N GLU C 328 26.60 33.97 5.18
CA GLU C 328 27.74 34.22 4.30
C GLU C 328 28.18 32.99 3.52
N ILE C 329 28.25 31.83 4.17
CA ILE C 329 28.66 30.60 3.49
C ILE C 329 27.70 30.30 2.34
N MET C 330 26.41 30.43 2.59
CA MET C 330 25.39 30.17 1.56
C MET C 330 25.43 31.18 0.41
N MET C 331 25.44 32.47 0.72
CA MET C 331 25.46 33.51 -0.31
C MET C 331 26.69 33.38 -1.22
N GLU C 332 27.84 33.08 -0.63
CA GLU C 332 29.05 32.91 -1.40
C GLU C 332 28.95 31.72 -2.35
N ALA C 333 28.41 30.61 -1.84
CA ALA C 333 28.26 29.40 -2.64
C ALA C 333 27.39 29.63 -3.88
N ASP C 334 26.31 30.39 -3.74
CA ASP C 334 25.42 30.66 -4.88
C ASP C 334 25.94 31.76 -5.81
N LEU C 335 26.71 32.71 -5.27
CA LEU C 335 27.29 33.77 -6.10
C LEU C 335 28.27 33.04 -7.00
N LYS C 336 28.98 32.08 -6.42
CA LYS C 336 29.96 31.29 -7.15
C LYS C 336 29.26 30.41 -8.20
N ARG C 337 28.14 29.80 -7.84
CA ARG C 337 27.38 28.95 -8.76
C ARG C 337 26.87 29.77 -9.94
N VAL C 338 26.46 31.00 -9.66
CA VAL C 338 25.95 31.88 -10.70
C VAL C 338 27.06 32.37 -11.62
N ARG C 339 28.28 32.48 -11.09
CA ARG C 339 29.41 32.91 -11.89
C ARG C 339 29.89 31.78 -12.78
N ASP C 340 28.98 30.91 -13.18
CA ASP C 340 29.33 29.78 -14.05
C ASP C 340 28.16 29.46 -14.98
N GLY D 3 -9.08 26.94 -25.80
CA GLY D 3 -7.96 26.04 -26.26
C GLY D 3 -7.86 24.71 -25.51
N LYS D 4 -7.42 23.67 -26.22
CA LYS D 4 -7.28 22.33 -25.66
C LYS D 4 -6.39 22.27 -24.42
N ARG D 5 -6.79 21.44 -23.46
CA ARG D 5 -6.04 21.27 -22.21
C ARG D 5 -5.64 19.81 -21.98
N ALA D 6 -4.34 19.56 -21.85
CA ALA D 6 -3.82 18.22 -21.64
C ALA D 6 -3.10 18.04 -20.30
N LEU D 7 -3.28 16.87 -19.68
CA LEU D 7 -2.64 16.54 -18.41
C LEU D 7 -1.70 15.35 -18.67
N ILE D 8 -0.40 15.59 -18.46
CA ILE D 8 0.60 14.56 -18.71
C ILE D 8 1.31 14.09 -17.44
N THR D 9 1.38 12.77 -17.23
CA THR D 9 2.09 12.24 -16.06
C THR D 9 3.50 11.91 -16.56
N GLY D 10 4.48 12.00 -15.68
CA GLY D 10 5.87 11.74 -16.06
C GLY D 10 6.37 12.92 -16.87
N ILE D 11 5.84 14.10 -16.56
CA ILE D 11 6.17 15.34 -17.27
C ILE D 11 7.65 15.62 -17.44
N ARG D 12 8.44 15.29 -16.43
CA ARG D 12 9.88 15.53 -16.47
C ARG D 12 10.66 14.41 -17.12
N GLY D 13 9.96 13.33 -17.46
CA GLY D 13 10.63 12.21 -18.11
C GLY D 13 10.94 12.58 -19.55
N GLN D 14 11.47 11.62 -20.30
CA GLN D 14 11.79 11.88 -21.70
C GLN D 14 10.52 12.18 -22.50
N ASP D 15 9.69 11.16 -22.69
CA ASP D 15 8.48 11.35 -23.48
C ASP D 15 7.59 12.45 -22.94
N GLY D 16 7.58 12.63 -21.64
CA GLY D 16 6.76 13.68 -21.06
C GLY D 16 7.16 15.06 -21.52
N ALA D 17 8.46 15.29 -21.60
CA ALA D 17 8.99 16.59 -22.03
C ALA D 17 8.62 16.84 -23.49
N TYR D 18 8.99 15.92 -24.38
CA TYR D 18 8.69 16.08 -25.79
C TYR D 18 7.21 16.29 -26.08
N LEU D 19 6.36 15.53 -25.40
CA LEU D 19 4.92 15.67 -25.61
C LEU D 19 4.48 17.08 -25.23
N ALA D 20 5.11 17.63 -24.18
CA ALA D 20 4.79 18.97 -23.71
C ALA D 20 5.12 20.00 -24.78
N LYS D 21 6.28 19.80 -25.39
CA LYS D 21 6.76 20.68 -26.44
C LYS D 21 5.76 20.65 -27.59
N LEU D 22 5.52 19.46 -28.12
CA LEU D 22 4.59 19.27 -29.24
C LEU D 22 3.19 19.81 -28.97
N LEU D 23 2.62 19.47 -27.82
CA LEU D 23 1.27 19.94 -27.49
C LEU D 23 1.22 21.46 -27.31
N LEU D 24 2.29 22.05 -26.79
CA LEU D 24 2.32 23.50 -26.64
C LEU D 24 2.32 24.08 -28.06
N GLU D 25 3.14 23.50 -28.91
CA GLU D 25 3.24 23.93 -30.30
C GLU D 25 1.88 23.87 -31.00
N LYS D 26 1.00 23.01 -30.53
CA LYS D 26 -0.32 22.90 -31.13
C LYS D 26 -1.32 23.74 -30.35
N GLY D 27 -0.79 24.67 -29.56
CA GLY D 27 -1.63 25.57 -28.79
C GLY D 27 -2.36 25.04 -27.57
N TYR D 28 -1.91 23.89 -27.06
CA TYR D 28 -2.54 23.29 -25.87
C TYR D 28 -2.09 23.96 -24.58
N GLU D 29 -2.93 23.85 -23.55
CA GLU D 29 -2.57 24.33 -22.22
C GLU D 29 -2.02 23.04 -21.63
N VAL D 30 -0.75 23.02 -21.25
CA VAL D 30 -0.20 21.80 -20.69
C VAL D 30 -0.06 21.78 -19.18
N TYR D 31 -0.54 20.70 -18.58
CA TYR D 31 -0.48 20.49 -17.14
C TYR D 31 0.29 19.20 -16.93
N GLY D 32 1.33 19.25 -16.10
CA GLY D 32 2.13 18.07 -15.85
C GLY D 32 2.29 17.72 -14.39
N ALA D 33 2.35 16.44 -14.10
CA ALA D 33 2.50 15.96 -12.73
C ALA D 33 3.76 15.15 -12.56
N ASP D 34 4.43 15.32 -11.43
CA ASP D 34 5.66 14.58 -11.14
C ASP D 34 6.12 14.85 -9.71
N GLY D 38 12.62 18.33 -7.26
CA GLY D 38 14.03 18.36 -7.59
C GLY D 38 14.51 19.75 -8.00
N GLU D 39 15.82 19.97 -7.89
CA GLU D 39 16.44 21.26 -8.25
C GLU D 39 16.92 21.27 -9.70
N PHE D 40 17.09 20.07 -10.26
CA PHE D 40 17.55 19.90 -11.64
C PHE D 40 16.62 18.94 -12.38
N ALA D 41 15.57 18.53 -11.69
CA ALA D 41 14.59 17.59 -12.22
C ALA D 41 14.00 18.03 -13.56
N SER D 42 13.68 19.32 -13.65
CA SER D 42 13.10 19.85 -14.88
C SER D 42 14.21 20.19 -15.87
N TRP D 43 15.33 19.50 -15.80
CA TRP D 43 16.42 19.79 -16.73
C TRP D 43 15.97 19.56 -18.16
N ARG D 44 15.07 18.59 -18.36
CA ARG D 44 14.57 18.29 -19.69
C ARG D 44 13.68 19.42 -20.20
N LEU D 45 12.83 19.95 -19.33
CA LEU D 45 11.94 21.05 -19.72
C LEU D 45 12.79 22.26 -20.05
N LYS D 46 13.87 22.44 -19.31
CA LYS D 46 14.77 23.56 -19.56
C LYS D 46 15.43 23.35 -20.92
N GLU D 47 15.93 22.15 -21.19
CA GLU D 47 16.58 21.86 -22.47
C GLU D 47 15.72 22.10 -23.69
N LEU D 48 14.41 21.99 -23.54
CA LEU D 48 13.51 22.22 -24.66
C LEU D 48 12.85 23.59 -24.47
N GLY D 49 13.36 24.31 -23.47
CA GLY D 49 12.88 25.65 -23.17
C GLY D 49 11.38 25.86 -23.06
N ILE D 50 10.70 25.01 -22.31
CA ILE D 50 9.26 25.14 -22.15
C ILE D 50 8.95 25.13 -20.66
N GLU D 51 10.00 25.00 -19.86
CA GLU D 51 9.89 24.95 -18.42
C GLU D 51 8.90 25.95 -17.80
N ASN D 52 8.70 27.09 -18.45
CA ASN D 52 7.79 28.09 -17.92
C ASN D 52 6.41 28.15 -18.56
N ASP D 53 6.15 27.26 -19.52
CA ASP D 53 4.87 27.20 -20.22
C ASP D 53 4.06 26.00 -19.73
N VAL D 54 4.67 25.22 -18.86
CA VAL D 54 4.02 24.03 -18.31
C VAL D 54 3.66 24.26 -16.84
N LYS D 55 2.38 24.09 -16.52
CA LYS D 55 1.89 24.24 -15.16
C LYS D 55 2.06 22.89 -14.46
N ILE D 56 2.83 22.88 -13.37
CA ILE D 56 3.10 21.67 -12.62
C ILE D 56 2.15 21.52 -11.43
N ILE D 57 1.64 20.30 -11.23
CA ILE D 57 0.74 20.01 -10.12
C ILE D 57 1.18 18.72 -9.45
N HIS D 58 0.95 18.61 -8.15
CA HIS D 58 1.33 17.40 -7.43
C HIS D 58 0.28 16.33 -7.47
N MET D 59 0.60 15.23 -8.13
CA MET D 59 -0.28 14.08 -8.23
C MET D 59 0.61 12.85 -8.29
N ASP D 60 0.45 11.96 -7.32
CA ASP D 60 1.24 10.73 -7.30
C ASP D 60 0.35 9.53 -7.64
N LEU D 61 0.79 8.73 -8.60
CA LEU D 61 0.02 7.56 -9.02
C LEU D 61 -0.41 6.61 -7.91
N LEU D 62 0.12 6.78 -6.70
CA LEU D 62 -0.26 5.91 -5.60
C LEU D 62 -1.37 6.48 -4.72
N GLU D 63 -1.54 7.81 -4.74
CA GLU D 63 -2.55 8.44 -3.91
C GLU D 63 -3.87 8.69 -4.67
N PHE D 64 -4.76 7.70 -4.67
CA PHE D 64 -6.05 7.79 -5.37
C PHE D 64 -6.83 9.10 -5.10
N SER D 65 -6.96 9.47 -3.82
CA SER D 65 -7.69 10.69 -3.49
C SER D 65 -7.04 11.90 -4.14
N ASN D 66 -5.72 11.86 -4.24
CA ASN D 66 -4.92 12.93 -4.85
C ASN D 66 -5.20 13.00 -6.36
N ILE D 67 -5.33 11.85 -7.01
CA ILE D 67 -5.59 11.79 -8.43
C ILE D 67 -6.95 12.38 -8.74
N ILE D 68 -7.92 12.07 -7.88
CA ILE D 68 -9.28 12.57 -8.06
C ILE D 68 -9.28 14.10 -7.95
N ARG D 69 -8.76 14.64 -6.86
CA ARG D 69 -8.72 16.09 -6.74
C ARG D 69 -8.08 16.76 -7.96
N THR D 70 -7.09 16.11 -8.56
CA THR D 70 -6.38 16.64 -9.73
C THR D 70 -7.27 16.76 -10.98
N ILE D 71 -8.00 15.70 -11.29
CA ILE D 71 -8.89 15.73 -12.45
C ILE D 71 -9.90 16.84 -12.17
N GLU D 72 -10.39 16.84 -10.94
CA GLU D 72 -11.37 17.80 -10.46
C GLU D 72 -10.89 19.26 -10.55
N LYS D 73 -9.58 19.45 -10.36
CA LYS D 73 -8.97 20.77 -10.38
C LYS D 73 -8.53 21.21 -11.78
N VAL D 74 -8.02 20.27 -12.55
CA VAL D 74 -7.54 20.53 -13.89
C VAL D 74 -8.60 20.44 -14.99
N GLN D 75 -9.51 19.48 -14.86
CA GLN D 75 -10.56 19.30 -15.85
C GLN D 75 -9.97 19.15 -17.25
N PRO D 76 -9.00 18.23 -17.41
CA PRO D 76 -8.32 17.98 -18.69
C PRO D 76 -9.20 17.38 -19.77
N ASP D 77 -8.87 17.69 -21.03
CA ASP D 77 -9.59 17.17 -22.20
C ASP D 77 -8.90 15.86 -22.54
N GLU D 78 -7.57 15.90 -22.47
CA GLU D 78 -6.76 14.74 -22.79
C GLU D 78 -5.81 14.42 -21.64
N VAL D 79 -5.67 13.14 -21.35
CA VAL D 79 -4.77 12.69 -20.29
C VAL D 79 -3.79 11.64 -20.85
N TYR D 80 -2.50 11.96 -20.78
CA TYR D 80 -1.44 11.07 -21.25
C TYR D 80 -0.68 10.53 -20.03
N ASN D 81 -0.79 9.24 -19.77
CA ASN D 81 -0.10 8.68 -18.61
C ASN D 81 1.27 8.13 -18.97
N LEU D 82 2.29 8.98 -18.82
CA LEU D 82 3.65 8.61 -19.16
C LEU D 82 4.57 8.41 -17.97
N ALA D 83 4.00 8.42 -16.76
CA ALA D 83 4.81 8.24 -15.55
C ALA D 83 4.94 6.75 -15.23
N ALA D 84 6.03 6.37 -14.56
CA ALA D 84 6.25 4.97 -14.20
C ALA D 84 7.60 4.65 -13.56
N GLN D 85 7.63 3.50 -12.88
CA GLN D 85 8.83 2.97 -12.25
C GLN D 85 9.28 2.10 -13.41
N SER D 86 9.82 2.73 -14.44
CA SER D 86 10.22 2.03 -15.64
C SER D 86 11.64 1.53 -15.72
N PHE D 87 11.97 0.58 -14.85
CA PHE D 87 13.29 -0.01 -14.87
C PHE D 87 13.10 -1.51 -14.71
N VAL D 88 13.22 -2.23 -15.82
CA VAL D 88 13.09 -3.68 -15.80
C VAL D 88 13.95 -4.20 -14.65
N GLY D 89 15.15 -3.67 -14.52
CA GLY D 89 16.04 -4.09 -13.45
C GLY D 89 15.47 -3.84 -12.07
N VAL D 90 15.19 -2.57 -11.74
CA VAL D 90 14.64 -2.23 -10.43
C VAL D 90 13.36 -3.03 -10.19
N SER D 91 12.68 -3.34 -11.29
CA SER D 91 11.43 -4.08 -11.26
C SER D 91 11.51 -5.35 -10.40
N PHE D 92 12.59 -6.12 -10.57
CA PHE D 92 12.80 -7.35 -9.81
C PHE D 92 13.09 -7.13 -8.34
N GLU D 93 13.61 -5.95 -8.02
CA GLU D 93 13.95 -5.61 -6.64
C GLU D 93 12.77 -4.99 -5.91
N GLN D 94 11.87 -4.39 -6.67
CA GLN D 94 10.70 -3.75 -6.10
C GLN D 94 9.49 -4.12 -6.96
N PRO D 95 9.12 -5.41 -6.96
CA PRO D 95 7.98 -5.87 -7.76
C PRO D 95 6.60 -5.36 -7.31
N ILE D 96 6.39 -5.26 -6.01
CA ILE D 96 5.10 -4.78 -5.53
C ILE D 96 4.91 -3.30 -5.85
N LEU D 97 5.91 -2.49 -5.52
CA LEU D 97 5.82 -1.06 -5.79
C LEU D 97 5.61 -0.83 -7.29
N THR D 98 6.32 -1.59 -8.11
CA THR D 98 6.20 -1.46 -9.56
C THR D 98 4.76 -1.73 -10.02
N ALA D 99 4.12 -2.74 -9.45
CA ALA D 99 2.75 -3.08 -9.80
C ALA D 99 1.79 -1.95 -9.38
N GLU D 100 1.93 -1.50 -8.13
CA GLU D 100 1.07 -0.44 -7.62
C GLU D 100 1.10 0.80 -8.50
N VAL D 101 2.27 1.13 -9.05
CA VAL D 101 2.39 2.30 -9.89
C VAL D 101 2.07 2.07 -11.38
N ASP D 102 2.68 1.06 -11.98
CA ASP D 102 2.49 0.79 -13.40
C ASP D 102 1.28 -0.05 -13.79
N ALA D 103 0.61 -0.64 -12.81
CA ALA D 103 -0.56 -1.47 -13.06
C ALA D 103 -1.80 -0.87 -12.43
N ILE D 104 -1.81 -0.81 -11.11
CA ILE D 104 -2.95 -0.26 -10.41
C ILE D 104 -3.03 1.25 -10.65
N GLY D 105 -1.87 1.89 -10.75
CA GLY D 105 -1.85 3.32 -11.01
C GLY D 105 -2.67 3.73 -12.21
N VAL D 106 -2.66 2.88 -13.24
CA VAL D 106 -3.42 3.14 -14.47
C VAL D 106 -4.92 3.08 -14.14
N LEU D 107 -5.29 2.07 -13.36
CA LEU D 107 -6.66 1.88 -12.96
C LEU D 107 -7.18 3.05 -12.12
N ARG D 108 -6.34 3.60 -11.25
CA ARG D 108 -6.76 4.72 -10.41
C ARG D 108 -7.12 5.92 -11.29
N ILE D 109 -6.32 6.16 -12.33
CA ILE D 109 -6.62 7.28 -13.22
C ILE D 109 -7.94 6.98 -13.92
N LEU D 110 -8.04 5.83 -14.60
CA LEU D 110 -9.27 5.47 -15.30
C LEU D 110 -10.51 5.60 -14.43
N GLU D 111 -10.41 5.12 -13.20
CA GLU D 111 -11.52 5.16 -12.26
C GLU D 111 -11.81 6.61 -11.85
N ALA D 112 -10.76 7.42 -11.72
CA ALA D 112 -10.94 8.82 -11.34
C ALA D 112 -11.59 9.57 -12.48
N LEU D 113 -11.25 9.17 -13.71
CA LEU D 113 -11.83 9.80 -14.91
C LEU D 113 -13.28 9.37 -15.08
N ARG D 114 -13.56 8.10 -14.83
CA ARG D 114 -14.91 7.58 -14.95
C ARG D 114 -15.89 8.34 -14.04
N THR D 115 -15.47 8.61 -12.80
CA THR D 115 -16.37 9.30 -11.86
C THR D 115 -16.27 10.81 -11.77
N VAL D 116 -15.21 11.40 -12.32
CA VAL D 116 -15.09 12.85 -12.24
C VAL D 116 -15.25 13.58 -13.59
N LYS D 117 -14.85 12.91 -14.67
CA LYS D 117 -14.94 13.51 -15.99
C LYS D 117 -14.74 12.42 -17.07
N PRO D 118 -15.76 11.58 -17.29
CA PRO D 118 -15.80 10.47 -18.26
C PRO D 118 -15.46 10.83 -19.71
N ASP D 119 -15.85 12.03 -20.13
CA ASP D 119 -15.60 12.46 -21.50
C ASP D 119 -14.14 12.79 -21.77
N THR D 120 -13.27 12.50 -20.82
CA THR D 120 -11.85 12.79 -21.01
C THR D 120 -11.17 11.70 -21.83
N LYS D 121 -10.37 12.11 -22.81
CA LYS D 121 -9.64 11.13 -23.63
C LYS D 121 -8.50 10.64 -22.75
N PHE D 122 -8.14 9.38 -22.88
CA PHE D 122 -7.07 8.80 -22.08
C PHE D 122 -6.08 7.98 -22.88
N TYR D 123 -4.80 8.13 -22.54
CA TYR D 123 -3.74 7.41 -23.22
C TYR D 123 -2.86 6.66 -22.23
N GLN D 124 -2.71 5.36 -22.43
CA GLN D 124 -1.88 4.54 -21.57
C GLN D 124 -0.55 4.27 -22.27
N ALA D 125 0.55 4.59 -21.59
CA ALA D 125 1.85 4.36 -22.19
C ALA D 125 2.23 2.88 -22.05
N SER D 126 1.77 2.05 -22.98
CA SER D 126 2.11 0.63 -22.91
C SER D 126 3.48 0.48 -23.57
N THR D 127 4.02 -0.73 -23.62
CA THR D 127 5.35 -0.91 -24.17
C THR D 127 5.55 -2.27 -24.83
N SER D 128 6.52 -2.35 -25.73
CA SER D 128 6.82 -3.60 -26.41
C SER D 128 7.43 -4.64 -25.45
N GLU D 129 7.81 -4.21 -24.24
CA GLU D 129 8.35 -5.15 -23.26
C GLU D 129 7.28 -6.18 -22.90
N MET D 130 6.04 -5.86 -23.22
CA MET D 130 4.94 -6.77 -22.93
C MET D 130 5.04 -8.01 -23.84
N PHE D 131 5.71 -7.88 -24.99
CA PHE D 131 5.84 -9.01 -25.90
C PHE D 131 6.90 -9.97 -25.37
N GLY D 132 7.75 -9.48 -24.49
CA GLY D 132 8.80 -10.30 -23.89
C GLY D 132 9.36 -11.34 -24.84
N LYS D 133 9.20 -12.62 -24.50
CA LYS D 133 9.69 -13.69 -25.36
C LYS D 133 8.68 -13.70 -26.52
N VAL D 134 8.97 -12.93 -27.57
CA VAL D 134 8.10 -12.80 -28.73
C VAL D 134 7.50 -14.10 -29.26
N GLN D 135 6.23 -14.03 -29.61
CA GLN D 135 5.50 -15.18 -30.12
C GLN D 135 5.34 -15.05 -31.64
N GLU D 136 5.81 -13.93 -32.18
CA GLU D 136 5.76 -13.69 -33.61
C GLU D 136 6.84 -12.68 -33.95
N ILE D 137 7.28 -12.70 -35.21
CA ILE D 137 8.29 -11.76 -35.66
C ILE D 137 7.92 -11.33 -37.07
N PRO D 138 7.67 -10.03 -37.26
CA PRO D 138 7.71 -9.01 -36.21
C PRO D 138 6.47 -9.11 -35.32
N GLN D 139 6.39 -8.25 -34.31
CA GLN D 139 5.23 -8.24 -33.41
C GLN D 139 4.24 -7.18 -33.85
N THR D 140 2.96 -7.49 -33.72
CA THR D 140 1.91 -6.54 -34.09
C THR D 140 0.91 -6.46 -32.94
N GLU D 141 -0.15 -5.68 -33.12
CA GLU D 141 -1.18 -5.55 -32.09
C GLU D 141 -1.73 -6.94 -31.75
N LYS D 142 -1.61 -7.87 -32.68
CA LYS D 142 -2.15 -9.22 -32.53
C LYS D 142 -1.18 -10.29 -32.04
N THR D 143 0.04 -9.91 -31.69
CA THR D 143 1.00 -10.88 -31.22
C THR D 143 0.78 -11.21 -29.74
N PRO D 144 0.44 -12.46 -29.41
CA PRO D 144 0.24 -12.73 -27.98
C PRO D 144 1.40 -12.19 -27.13
N PHE D 145 1.06 -11.62 -25.99
CA PHE D 145 2.06 -11.08 -25.08
C PHE D 145 2.66 -12.21 -24.26
N TYR D 146 3.84 -11.98 -23.72
CA TYR D 146 4.55 -12.95 -22.89
C TYR D 146 5.57 -12.14 -22.08
N PRO D 147 5.10 -11.48 -21.00
CA PRO D 147 5.95 -10.65 -20.12
C PRO D 147 7.09 -11.42 -19.46
N ARG D 148 8.24 -10.77 -19.36
CA ARG D 148 9.41 -11.39 -18.78
C ARG D 148 9.93 -10.68 -17.54
N SER D 149 9.14 -9.75 -17.00
CA SER D 149 9.56 -9.04 -15.79
C SER D 149 8.37 -8.44 -15.08
N PRO D 150 8.54 -8.11 -13.79
CA PRO D 150 7.43 -7.51 -13.04
C PRO D 150 6.95 -6.24 -13.74
N TYR D 151 7.89 -5.54 -14.38
CA TYR D 151 7.58 -4.32 -15.11
C TYR D 151 6.63 -4.67 -16.25
N ALA D 152 7.03 -5.64 -17.05
CA ALA D 152 6.22 -6.08 -18.18
C ALA D 152 4.84 -6.55 -17.73
N VAL D 153 4.81 -7.42 -16.72
CA VAL D 153 3.54 -7.91 -16.23
C VAL D 153 2.63 -6.77 -15.76
N ALA D 154 3.17 -5.85 -14.97
CA ALA D 154 2.37 -4.72 -14.49
C ALA D 154 1.83 -3.91 -15.67
N LYS D 155 2.68 -3.65 -16.66
CA LYS D 155 2.26 -2.90 -17.84
C LYS D 155 1.16 -3.65 -18.59
N LEU D 156 1.28 -4.98 -18.63
CA LEU D 156 0.30 -5.78 -19.33
C LEU D 156 -1.08 -5.57 -18.70
N PHE D 157 -1.10 -5.35 -17.38
CA PHE D 157 -2.33 -5.09 -16.66
C PHE D 157 -2.85 -3.72 -17.08
N GLY D 158 -1.95 -2.75 -17.17
CA GLY D 158 -2.32 -1.41 -17.57
C GLY D 158 -2.90 -1.38 -18.98
N HIS D 159 -2.39 -2.26 -19.84
CA HIS D 159 -2.87 -2.34 -21.22
C HIS D 159 -4.29 -2.92 -21.24
N TRP D 160 -4.45 -4.11 -20.66
CA TRP D 160 -5.74 -4.77 -20.61
C TRP D 160 -6.78 -3.97 -19.84
N ILE D 161 -6.38 -3.33 -18.76
CA ILE D 161 -7.32 -2.54 -17.98
C ILE D 161 -7.79 -1.32 -18.81
N THR D 162 -6.88 -0.78 -19.62
CA THR D 162 -7.23 0.34 -20.48
C THR D 162 -8.22 -0.16 -21.53
N VAL D 163 -7.93 -1.30 -22.14
CA VAL D 163 -8.80 -1.91 -23.15
C VAL D 163 -10.20 -2.19 -22.58
N ASN D 164 -10.25 -2.70 -21.37
CA ASN D 164 -11.51 -3.03 -20.74
C ASN D 164 -12.36 -1.79 -20.45
N TYR D 165 -11.73 -0.68 -20.11
CA TYR D 165 -12.47 0.54 -19.84
C TYR D 165 -13.00 1.15 -21.13
N ARG D 166 -12.40 0.74 -22.23
CA ARG D 166 -12.86 1.22 -23.53
C ARG D 166 -14.08 0.39 -23.90
N GLU D 167 -13.91 -0.93 -23.88
CA GLU D 167 -14.98 -1.85 -24.24
C GLU D 167 -16.15 -1.94 -23.27
N ALA D 168 -15.89 -1.79 -21.98
CA ALA D 168 -16.96 -1.91 -21.00
C ALA D 168 -17.64 -0.62 -20.61
N TYR D 169 -16.87 0.45 -20.44
CA TYR D 169 -17.46 1.72 -20.03
C TYR D 169 -17.66 2.68 -21.19
N ASN D 170 -17.18 2.30 -22.37
CA ASN D 170 -17.32 3.14 -23.54
C ASN D 170 -16.54 4.45 -23.39
N MET D 171 -15.32 4.37 -22.86
CA MET D 171 -14.49 5.55 -22.70
C MET D 171 -13.48 5.65 -23.82
N PHE D 172 -13.01 6.86 -24.07
CA PHE D 172 -12.01 7.03 -25.11
C PHE D 172 -10.70 6.68 -24.43
N ALA D 173 -10.30 5.42 -24.54
CA ALA D 173 -9.07 4.97 -23.93
C ALA D 173 -8.19 4.28 -24.95
N CYS D 174 -6.98 4.80 -25.12
CA CYS D 174 -6.00 4.26 -26.06
C CYS D 174 -4.84 3.66 -25.30
N SER D 175 -4.22 2.66 -25.90
CA SER D 175 -3.05 2.01 -25.36
C SER D 175 -2.01 1.98 -26.46
N GLY D 176 -0.96 2.78 -26.31
CA GLY D 176 0.08 2.82 -27.30
C GLY D 176 1.18 1.83 -26.95
N ILE D 177 1.33 0.79 -27.77
CA ILE D 177 2.36 -0.19 -27.51
C ILE D 177 3.63 0.29 -28.21
N LEU D 178 4.34 1.21 -27.57
CA LEU D 178 5.57 1.75 -28.13
C LEU D 178 6.83 0.92 -27.92
N PHE D 179 7.61 0.77 -28.98
CA PHE D 179 8.87 0.03 -28.91
C PHE D 179 9.91 1.01 -28.42
N ASN D 180 11.07 0.51 -28.02
CA ASN D 180 12.14 1.36 -27.51
C ASN D 180 12.33 2.59 -28.37
N HIS D 181 12.45 3.74 -27.73
CA HIS D 181 12.69 4.98 -28.46
C HIS D 181 13.57 5.89 -27.63
N GLU D 182 14.71 6.26 -28.20
CA GLU D 182 15.69 7.09 -27.52
C GLU D 182 15.70 8.54 -28.00
N SER D 183 16.49 9.35 -27.31
CA SER D 183 16.63 10.77 -27.64
C SER D 183 17.74 11.32 -26.75
N PRO D 184 18.04 12.63 -26.88
CA PRO D 184 19.10 13.17 -26.03
C PRO D 184 18.62 13.29 -24.57
N LEU D 185 17.31 13.25 -24.37
CA LEU D 185 16.74 13.35 -23.04
C LEU D 185 16.60 11.97 -22.40
N ARG D 186 16.93 10.94 -23.17
CA ARG D 186 16.83 9.58 -22.65
C ARG D 186 17.59 9.46 -21.33
N GLY D 187 17.05 8.65 -20.42
CA GLY D 187 17.68 8.47 -19.13
C GLY D 187 19.04 7.81 -19.23
N ILE D 188 19.98 8.26 -18.40
CA ILE D 188 21.34 7.72 -18.40
C ILE D 188 21.42 6.27 -17.96
N GLU D 189 20.29 5.71 -17.53
CA GLU D 189 20.24 4.34 -17.08
C GLU D 189 20.18 3.37 -18.26
N PHE D 190 19.48 3.76 -19.32
CA PHE D 190 19.34 2.92 -20.50
C PHE D 190 20.64 2.78 -21.27
N VAL D 191 20.79 1.65 -21.97
CA VAL D 191 22.00 1.38 -22.72
C VAL D 191 22.38 2.47 -23.71
N THR D 192 21.42 2.97 -24.50
CA THR D 192 21.72 4.01 -25.48
C THR D 192 22.35 5.26 -24.86
N ARG D 193 21.62 5.94 -24.00
CA ARG D 193 22.16 7.14 -23.36
C ARG D 193 23.43 6.84 -22.58
N LYS D 194 23.60 5.59 -22.17
CA LYS D 194 24.80 5.19 -21.44
C LYS D 194 26.00 5.27 -22.39
N ILE D 195 25.92 4.56 -23.51
CA ILE D 195 26.98 4.53 -24.52
C ILE D 195 27.42 5.94 -24.95
N THR D 196 26.47 6.82 -25.25
CA THR D 196 26.80 8.17 -25.68
C THR D 196 27.29 9.04 -24.53
N TYR D 197 26.75 8.83 -23.33
CA TYR D 197 27.20 9.63 -22.21
C TYR D 197 28.55 9.15 -21.77
N SER D 198 28.87 7.92 -22.14
CA SER D 198 30.14 7.30 -21.80
C SER D 198 31.27 7.79 -22.70
N LEU D 199 31.10 7.61 -24.01
CA LEU D 199 32.11 8.03 -24.96
C LEU D 199 32.50 9.50 -24.82
N ALA D 200 31.53 10.34 -24.50
CA ALA D 200 31.81 11.77 -24.33
C ALA D 200 32.62 11.91 -23.04
N ARG D 201 33.14 10.80 -22.55
CA ARG D 201 33.94 10.77 -21.32
C ARG D 201 35.19 9.93 -21.56
N ILE D 202 34.99 8.71 -22.06
CA ILE D 202 36.12 7.84 -22.35
C ILE D 202 37.12 8.60 -23.19
N LYS D 203 36.63 9.16 -24.29
CA LYS D 203 37.46 9.92 -25.21
C LYS D 203 37.69 11.36 -24.77
N TYR D 204 37.51 11.61 -23.47
CA TYR D 204 37.73 12.93 -22.89
C TYR D 204 38.50 12.82 -21.57
N GLY D 205 39.16 11.68 -21.38
CA GLY D 205 39.95 11.45 -20.18
C GLY D 205 39.21 11.43 -18.86
N LEU D 206 37.89 11.41 -18.89
CA LEU D 206 37.10 11.39 -17.66
C LEU D 206 36.58 9.98 -17.41
N GLN D 207 37.29 8.98 -17.94
CA GLN D 207 36.88 7.58 -17.78
C GLN D 207 37.76 6.67 -18.62
N ASP D 208 37.77 5.37 -18.29
CA ASP D 208 38.58 4.40 -19.02
C ASP D 208 37.92 3.74 -20.21
N LYS D 209 37.14 2.69 -19.96
CA LYS D 209 36.46 1.98 -21.03
C LYS D 209 34.94 1.98 -20.92
N LEU D 210 34.31 1.03 -21.59
CA LEU D 210 32.86 0.88 -21.59
C LEU D 210 32.50 -0.58 -21.37
N VAL D 211 31.87 -0.87 -20.22
CA VAL D 211 31.47 -2.23 -19.90
C VAL D 211 29.99 -2.42 -20.21
N LEU D 212 29.69 -3.44 -21.02
CA LEU D 212 28.31 -3.73 -21.40
C LEU D 212 28.00 -5.20 -21.19
N GLY D 213 26.70 -5.52 -21.10
CA GLY D 213 26.29 -6.90 -20.89
C GLY D 213 26.12 -7.67 -22.19
N ASN D 214 24.88 -7.95 -22.56
CA ASN D 214 24.59 -8.68 -23.79
C ASN D 214 24.75 -7.76 -25.00
N LEU D 215 25.77 -8.02 -25.82
CA LEU D 215 26.03 -7.22 -27.01
C LEU D 215 25.35 -7.83 -28.23
N ASN D 216 24.29 -8.57 -27.99
CA ASN D 216 23.55 -9.24 -29.07
C ASN D 216 22.06 -8.89 -29.09
N ALA D 217 21.55 -8.36 -27.98
CA ALA D 217 20.14 -7.99 -27.90
C ALA D 217 19.71 -7.08 -29.05
N LYS D 218 19.12 -7.67 -30.08
CA LYS D 218 18.66 -6.89 -31.22
C LYS D 218 17.51 -6.00 -30.74
N ARG D 219 17.64 -4.70 -30.96
CA ARG D 219 16.61 -3.75 -30.54
C ARG D 219 16.09 -2.81 -31.60
N ASP D 220 14.78 -2.63 -31.61
CA ASP D 220 14.11 -1.75 -32.53
C ASP D 220 14.18 -0.37 -31.88
N TRP D 221 15.00 0.52 -32.43
CA TRP D 221 15.17 1.86 -31.87
C TRP D 221 14.58 2.98 -32.75
N GLY D 222 13.83 3.88 -32.12
CA GLY D 222 13.22 4.99 -32.83
C GLY D 222 13.57 6.31 -32.17
N TYR D 223 13.03 7.41 -32.69
CA TYR D 223 13.32 8.75 -32.16
C TYR D 223 12.15 9.26 -31.32
N ALA D 224 12.37 9.34 -30.01
CA ALA D 224 11.35 9.78 -29.06
C ALA D 224 10.34 10.83 -29.56
N PRO D 225 10.81 11.97 -30.06
CA PRO D 225 9.89 13.00 -30.55
C PRO D 225 8.86 12.50 -31.57
N GLU D 226 9.25 11.56 -32.41
CA GLU D 226 8.32 11.04 -33.40
C GLU D 226 7.29 10.12 -32.76
N TYR D 227 7.70 9.40 -31.73
CA TYR D 227 6.79 8.48 -31.05
C TYR D 227 5.72 9.20 -30.23
N VAL D 228 6.05 10.35 -29.65
CA VAL D 228 5.05 11.08 -28.87
C VAL D 228 4.09 11.74 -29.84
N GLU D 229 4.51 11.80 -31.10
CA GLU D 229 3.66 12.36 -32.15
C GLU D 229 2.53 11.35 -32.36
N ALA D 230 2.89 10.07 -32.33
CA ALA D 230 1.95 8.98 -32.50
C ALA D 230 0.87 9.01 -31.42
N MET D 231 1.28 9.29 -30.19
CA MET D 231 0.34 9.35 -29.07
C MET D 231 -0.72 10.41 -29.36
N TRP D 232 -0.27 11.60 -29.73
CA TRP D 232 -1.19 12.69 -30.02
C TRP D 232 -2.11 12.29 -31.17
N LEU D 233 -1.54 11.65 -32.19
CA LEU D 233 -2.31 11.22 -33.35
C LEU D 233 -3.46 10.25 -33.04
N MET D 234 -3.15 9.14 -32.36
CA MET D 234 -4.21 8.20 -32.05
C MET D 234 -5.26 8.82 -31.15
N MET D 235 -4.85 9.77 -30.31
CA MET D 235 -5.78 10.43 -29.41
C MET D 235 -6.70 11.37 -30.19
N GLN D 236 -6.33 11.69 -31.42
CA GLN D 236 -7.16 12.59 -32.23
C GLN D 236 -8.11 11.83 -33.15
N GLN D 237 -8.04 10.51 -33.14
CA GLN D 237 -8.91 9.71 -33.99
C GLN D 237 -10.37 9.76 -33.56
N PRO D 238 -11.30 9.58 -34.52
CA PRO D 238 -12.74 9.61 -34.17
C PRO D 238 -13.07 8.51 -33.17
N GLU D 239 -12.37 7.38 -33.26
CA GLU D 239 -12.60 6.26 -32.37
C GLU D 239 -11.30 5.85 -31.69
N PRO D 240 -11.38 5.48 -30.40
CA PRO D 240 -10.20 5.06 -29.64
C PRO D 240 -9.78 3.66 -30.06
N ASP D 241 -8.48 3.39 -30.03
CA ASP D 241 -7.99 2.08 -30.43
C ASP D 241 -6.52 1.94 -30.02
N ASP D 242 -5.95 0.75 -30.18
CA ASP D 242 -4.55 0.53 -29.82
C ASP D 242 -3.65 0.40 -31.05
N TYR D 243 -2.41 0.86 -30.93
CA TYR D 243 -1.48 0.84 -32.05
C TYR D 243 -0.06 0.50 -31.65
N VAL D 244 0.63 -0.22 -32.53
CA VAL D 244 2.03 -0.59 -32.31
C VAL D 244 2.85 0.52 -32.98
N ILE D 245 3.83 1.06 -32.26
CA ILE D 245 4.66 2.14 -32.80
C ILE D 245 6.13 1.76 -32.71
N ALA D 246 6.72 1.54 -33.87
CA ALA D 246 8.13 1.16 -33.96
C ALA D 246 8.68 1.52 -35.34
N THR D 247 9.97 1.30 -35.53
CA THR D 247 10.60 1.58 -36.83
C THR D 247 10.44 0.37 -37.72
N GLY D 248 10.30 -0.79 -37.11
CA GLY D 248 10.15 -2.02 -37.88
C GLY D 248 11.52 -2.49 -38.31
N GLU D 249 12.54 -1.88 -37.71
CA GLU D 249 13.92 -2.21 -38.04
C GLU D 249 14.73 -2.46 -36.77
N THR D 250 15.56 -3.49 -36.79
CA THR D 250 16.37 -3.85 -35.64
C THR D 250 17.87 -3.65 -35.80
N HIS D 251 18.54 -3.45 -34.67
CA HIS D 251 19.99 -3.24 -34.62
C HIS D 251 20.48 -3.74 -33.27
N THR D 252 21.55 -4.52 -33.26
CA THR D 252 22.09 -5.04 -32.00
C THR D 252 22.87 -3.96 -31.26
N VAL D 253 22.92 -4.08 -29.93
CA VAL D 253 23.64 -3.11 -29.09
C VAL D 253 25.04 -2.91 -29.64
N ARG D 254 25.63 -4.01 -30.11
CA ARG D 254 26.98 -3.99 -30.66
C ARG D 254 27.05 -3.00 -31.82
N GLU D 255 26.13 -3.14 -32.76
CA GLU D 255 26.07 -2.28 -33.94
C GLU D 255 25.93 -0.80 -33.58
N PHE D 256 25.24 -0.51 -32.49
CA PHE D 256 25.02 0.86 -32.03
C PHE D 256 26.31 1.49 -31.55
N VAL D 257 27.05 0.76 -30.71
CA VAL D 257 28.31 1.26 -30.16
C VAL D 257 29.30 1.63 -31.27
N GLU D 258 29.41 0.75 -32.27
CA GLU D 258 30.32 0.98 -33.38
C GLU D 258 30.17 2.37 -33.96
N LYS D 259 28.96 2.68 -34.43
CA LYS D 259 28.67 3.99 -35.01
C LYS D 259 28.79 5.10 -33.98
N ALA D 260 28.23 4.88 -32.80
CA ALA D 260 28.26 5.86 -31.73
C ALA D 260 29.67 6.28 -31.35
N ALA D 261 30.61 5.34 -31.44
CA ALA D 261 32.00 5.62 -31.12
C ALA D 261 32.69 6.39 -32.25
N LYS D 262 32.33 6.03 -33.48
CA LYS D 262 32.89 6.67 -34.67
C LYS D 262 32.79 8.19 -34.58
N ILE D 263 31.62 8.69 -34.18
CA ILE D 263 31.40 10.12 -34.05
C ILE D 263 32.30 10.77 -33.00
N ALA D 264 33.16 9.96 -32.39
CA ALA D 264 34.07 10.46 -31.38
C ALA D 264 35.52 10.08 -31.69
N GLY D 265 35.68 9.15 -32.63
CA GLY D 265 37.00 8.70 -33.02
C GLY D 265 37.33 7.32 -32.48
N PHE D 266 36.89 6.29 -33.19
CA PHE D 266 37.15 4.92 -32.75
C PHE D 266 36.82 3.91 -33.84
N ASP D 267 37.69 2.91 -33.99
CA ASP D 267 37.51 1.85 -34.99
C ASP D 267 37.49 0.50 -34.28
N ILE D 268 36.28 0.00 -34.02
CA ILE D 268 36.06 -1.27 -33.34
C ILE D 268 36.98 -2.41 -33.78
N GLU D 269 37.25 -3.31 -32.84
CA GLU D 269 38.09 -4.48 -33.08
C GLU D 269 37.53 -5.61 -32.22
N TRP D 270 36.31 -6.02 -32.53
CA TRP D 270 35.62 -7.09 -31.80
C TRP D 270 36.43 -8.37 -31.75
N VAL D 271 37.14 -8.57 -30.65
CA VAL D 271 37.95 -9.77 -30.46
C VAL D 271 37.45 -10.58 -29.27
N GLY D 272 36.99 -11.79 -29.54
CA GLY D 272 36.50 -12.65 -28.48
C GLY D 272 35.00 -12.74 -28.34
N GLU D 273 34.48 -13.95 -28.44
CA GLU D 273 33.05 -14.19 -28.33
C GLU D 273 32.74 -14.61 -26.89
N GLY D 274 31.67 -14.07 -26.32
CA GLY D 274 31.31 -14.41 -24.97
C GLY D 274 31.73 -13.35 -23.96
N ILE D 275 31.64 -13.69 -22.68
CA ILE D 275 32.01 -12.77 -21.60
C ILE D 275 33.41 -12.23 -21.80
N ASN D 276 34.19 -12.91 -22.65
CA ASN D 276 35.55 -12.51 -22.94
C ASN D 276 35.58 -11.58 -24.15
N GLU D 277 34.41 -11.12 -24.56
CA GLU D 277 34.32 -10.22 -25.70
C GLU D 277 34.96 -8.88 -25.33
N LYS D 278 35.78 -8.34 -26.24
CA LYS D 278 36.44 -7.06 -26.00
C LYS D 278 36.59 -6.25 -27.28
N GLY D 279 36.20 -4.99 -27.22
CA GLY D 279 36.29 -4.12 -28.39
C GLY D 279 37.39 -3.09 -28.25
N ILE D 280 38.46 -3.24 -29.04
CA ILE D 280 39.59 -2.32 -29.01
C ILE D 280 39.58 -1.38 -30.21
N ASP D 281 40.12 -0.17 -30.01
CA ASP D 281 40.19 0.82 -31.08
C ASP D 281 41.32 0.49 -32.05
N ARG D 282 40.97 0.17 -33.30
CA ARG D 282 41.96 -0.18 -34.32
C ARG D 282 42.77 1.04 -34.74
N ASN D 283 42.88 2.01 -33.83
CA ASN D 283 43.64 3.24 -34.09
C ASN D 283 44.70 3.42 -33.00
N THR D 284 44.31 4.01 -31.88
CA THR D 284 45.24 4.23 -30.76
C THR D 284 45.52 2.92 -30.03
N GLY D 285 45.20 1.81 -30.70
CA GLY D 285 45.42 0.48 -30.13
C GLY D 285 45.10 0.31 -28.66
N LYS D 286 44.09 1.01 -28.17
CA LYS D 286 43.69 0.91 -26.77
C LYS D 286 42.28 0.37 -26.63
N VAL D 287 42.13 -0.73 -25.90
CA VAL D 287 40.81 -1.35 -25.69
C VAL D 287 39.85 -0.35 -25.03
N ILE D 288 38.69 -0.15 -25.65
CA ILE D 288 37.71 0.79 -25.12
C ILE D 288 36.35 0.17 -24.77
N VAL D 289 36.21 -1.14 -24.93
CA VAL D 289 34.94 -1.80 -24.63
C VAL D 289 35.07 -3.21 -24.07
N GLU D 290 34.51 -3.42 -22.88
CA GLU D 290 34.55 -4.71 -22.19
C GLU D 290 33.16 -5.33 -22.05
N VAL D 291 33.05 -6.32 -21.18
CA VAL D 291 31.80 -7.02 -20.91
C VAL D 291 31.80 -7.53 -19.46
N SER D 292 30.67 -8.04 -18.97
CA SER D 292 30.56 -8.54 -17.61
C SER D 292 29.17 -9.09 -17.34
N GLU D 293 29.09 -10.26 -16.72
CA GLU D 293 27.81 -10.88 -16.40
C GLU D 293 27.00 -9.91 -15.54
N GLU D 294 27.69 -8.97 -14.93
CA GLU D 294 27.06 -7.97 -14.06
C GLU D 294 25.85 -7.33 -14.72
N PHE D 295 25.84 -7.31 -16.06
CA PHE D 295 24.76 -6.70 -16.80
C PHE D 295 23.84 -7.66 -17.58
N PHE D 296 23.76 -8.89 -17.12
CA PHE D 296 22.90 -9.89 -17.75
C PHE D 296 21.63 -10.00 -16.89
N ARG D 297 20.50 -9.65 -17.47
CA ARG D 297 19.21 -9.67 -16.77
C ARG D 297 18.62 -11.07 -16.52
N PRO D 298 17.81 -11.22 -15.45
CA PRO D 298 17.15 -12.48 -15.07
C PRO D 298 16.42 -13.15 -16.22
N ALA D 299 15.42 -12.47 -16.74
CA ALA D 299 14.64 -12.97 -17.86
C ALA D 299 14.77 -11.96 -19.00
N GLU D 300 15.80 -12.15 -19.81
CA GLU D 300 16.08 -11.25 -20.92
C GLU D 300 15.11 -11.41 -22.08
N VAL D 301 14.90 -10.32 -22.82
CA VAL D 301 14.03 -10.29 -23.98
C VAL D 301 14.97 -10.17 -25.20
N ASP D 302 15.18 -11.28 -25.89
CA ASP D 302 16.06 -11.31 -27.06
C ASP D 302 15.70 -10.32 -28.16
N ILE D 303 14.93 -10.78 -29.14
CA ILE D 303 14.54 -9.95 -30.27
C ILE D 303 13.25 -9.17 -30.07
N LEU D 304 13.24 -7.94 -30.55
CA LEU D 304 12.07 -7.08 -30.47
C LEU D 304 12.05 -6.21 -31.71
N VAL D 305 11.08 -6.47 -32.58
CA VAL D 305 10.92 -5.71 -33.80
C VAL D 305 9.43 -5.63 -34.10
N GLY D 306 8.91 -4.40 -34.16
CA GLY D 306 7.50 -4.20 -34.41
C GLY D 306 7.12 -3.82 -35.83
N ASN D 307 5.87 -4.13 -36.19
CA ASN D 307 5.31 -3.85 -37.50
C ASN D 307 4.29 -2.72 -37.33
N PRO D 308 4.73 -1.45 -37.47
CA PRO D 308 3.87 -0.27 -37.33
C PRO D 308 2.93 -0.04 -38.51
N GLU D 309 2.60 -1.13 -39.21
CA GLU D 309 1.73 -1.10 -40.38
C GLU D 309 0.37 -0.47 -40.13
N LYS D 310 -0.25 -0.81 -39.00
CA LYS D 310 -1.56 -0.28 -38.67
C LYS D 310 -1.49 1.23 -38.39
N ALA D 311 -0.44 1.65 -37.68
CA ALA D 311 -0.26 3.06 -37.36
C ALA D 311 -0.16 3.84 -38.67
N MET D 312 0.41 3.20 -39.68
CA MET D 312 0.58 3.82 -40.97
C MET D 312 -0.77 4.02 -41.66
N LYS D 313 -1.50 2.93 -41.82
CA LYS D 313 -2.80 2.99 -42.49
C LYS D 313 -3.81 3.91 -41.82
N LYS D 314 -3.99 3.78 -40.51
CA LYS D 314 -4.99 4.59 -39.81
C LYS D 314 -4.58 5.96 -39.30
N LEU D 315 -3.34 6.12 -38.88
CA LEU D 315 -2.90 7.42 -38.36
C LEU D 315 -2.03 8.17 -39.36
N GLY D 316 -1.47 7.44 -40.31
CA GLY D 316 -0.59 8.05 -41.29
C GLY D 316 0.81 8.19 -40.74
N TRP D 317 0.99 7.71 -39.51
CA TRP D 317 2.28 7.77 -38.83
C TRP D 317 3.31 6.80 -39.39
N LYS D 318 4.56 7.22 -39.40
CA LYS D 318 5.68 6.41 -39.87
C LYS D 318 6.97 7.01 -39.35
N PRO D 319 8.02 6.18 -39.16
CA PRO D 319 9.30 6.69 -38.66
C PRO D 319 10.09 7.46 -39.73
N ARG D 320 10.60 8.63 -39.35
CA ARG D 320 11.37 9.46 -40.26
C ARG D 320 12.86 9.34 -39.96
N THR D 321 13.30 9.87 -38.83
CA THR D 321 14.70 9.80 -38.46
C THR D 321 15.27 8.40 -38.69
N THR D 322 16.51 8.34 -39.19
CA THR D 322 17.17 7.06 -39.45
C THR D 322 18.00 6.61 -38.26
N PHE D 323 18.29 5.31 -38.21
CA PHE D 323 19.09 4.78 -37.12
C PHE D 323 20.36 5.60 -36.92
N ASP D 324 21.04 5.92 -38.00
CA ASP D 324 22.26 6.72 -37.92
C ASP D 324 21.96 8.13 -37.45
N GLU D 325 20.92 8.73 -38.01
CA GLU D 325 20.54 10.08 -37.59
C GLU D 325 20.36 10.11 -36.08
N LEU D 326 19.77 9.04 -35.54
CA LEU D 326 19.54 8.93 -34.10
C LEU D 326 20.85 8.82 -33.32
N VAL D 327 21.71 7.89 -33.72
CA VAL D 327 22.98 7.72 -33.04
C VAL D 327 23.74 9.04 -33.01
N GLU D 328 23.68 9.77 -34.12
CA GLU D 328 24.35 11.06 -34.23
C GLU D 328 23.77 12.06 -33.25
N ILE D 329 22.44 12.23 -33.31
CA ILE D 329 21.74 13.16 -32.44
C ILE D 329 22.12 12.99 -30.97
N MET D 330 22.10 11.76 -30.50
CA MET D 330 22.43 11.46 -29.11
C MET D 330 23.91 11.66 -28.80
N MET D 331 24.78 11.16 -29.69
CA MET D 331 26.22 11.28 -29.49
C MET D 331 26.71 12.72 -29.39
N GLU D 332 26.11 13.62 -30.16
CA GLU D 332 26.53 15.02 -30.12
C GLU D 332 26.11 15.76 -28.86
N ALA D 333 24.85 15.64 -28.48
CA ALA D 333 24.34 16.33 -27.29
C ALA D 333 25.15 15.97 -26.06
N ASP D 334 25.73 14.77 -26.05
CA ASP D 334 26.53 14.31 -24.92
C ASP D 334 27.99 14.73 -25.03
N LEU D 335 28.51 14.74 -26.26
CA LEU D 335 29.89 15.19 -26.47
C LEU D 335 29.93 16.61 -25.90
N LYS D 336 28.92 17.39 -26.27
CA LYS D 336 28.79 18.77 -25.84
C LYS D 336 28.77 18.88 -24.31
N ARG D 337 27.82 18.21 -23.68
CA ARG D 337 27.70 18.23 -22.23
C ARG D 337 29.05 17.86 -21.60
PA NDP E . -12.73 -5.05 19.24
O1A NDP E . -11.36 -5.62 19.35
O2A NDP E . -13.89 -5.95 19.47
O5B NDP E . -12.93 -4.40 17.79
C5B NDP E . -12.27 -4.89 16.64
C4B NDP E . -13.22 -4.89 15.47
O4B NDP E . -12.50 -4.44 14.29
C3B NDP E . -13.77 -6.27 15.11
O3B NDP E . -15.19 -6.17 14.95
C2B NDP E . -13.05 -6.64 13.81
O2B NDP E . -13.74 -7.57 12.94
C1B NDP E . -12.83 -5.25 13.17
N9A NDP E . -11.70 -5.15 12.21
C8A NDP E . -10.41 -5.64 12.34
N7A NDP E . -9.63 -5.38 11.30
C5A NDP E . -10.46 -4.68 10.43
C6A NDP E . -10.25 -4.12 9.13
N6A NDP E . -9.09 -4.18 8.48
N1A NDP E . -11.29 -3.48 8.51
C2A NDP E . -12.48 -3.41 9.15
N3A NDP E . -12.81 -3.90 10.37
C4A NDP E . -11.74 -4.54 10.96
O3 NDP E . -12.85 -3.77 20.27
PN NDP E . -14.01 -3.06 21.22
O1N NDP E . -13.80 -3.74 22.56
O2N NDP E . -15.29 -3.40 20.48
O5D NDP E . -13.58 -1.59 21.16
C5D NDP E . -13.71 -0.82 19.95
C4D NDP E . -12.55 0.13 19.78
O4D NDP E . -12.28 0.81 21.05
C3D NDP E . -11.24 -0.52 19.35
O3D NDP E . -10.66 0.24 18.29
C2D NDP E . -10.37 -0.51 20.62
O2D NDP E . -8.98 -0.44 20.28
C1D NDP E . -10.90 0.71 21.36
N1N NDP E . -10.83 0.73 22.84
C2N NDP E . -11.38 -0.30 23.65
C3N NDP E . -11.32 -0.31 25.02
C7N NDP E . -11.93 -1.32 25.74
O7N NDP E . -11.99 -1.34 26.98
N7N NDP E . -12.50 -2.33 25.03
C4N NDP E . -10.61 0.84 25.76
C5N NDP E . -10.06 1.93 24.80
C6N NDP E . -10.18 1.84 23.44
P2B NDP E . -13.32 -9.03 12.73
O1X NDP E . -13.82 -9.25 11.32
O2X NDP E . -11.81 -9.12 12.91
O3X NDP E . -14.14 -9.75 13.82
PB GDP F . 14.96 -2.04 -21.71
O1B GDP F . 14.78 -1.65 -20.24
O2B GDP F . 15.57 -3.40 -21.98
O3B GDP F . 13.70 -1.78 -22.55
O3A GDP F . 16.08 -0.99 -22.25
PA GDP F . 17.69 -0.79 -22.06
O1A GDP F . 18.09 0.29 -23.01
O2A GDP F . 17.99 -0.56 -20.62
O5' GDP F . 18.40 -2.14 -22.50
C5' GDP F . 18.22 -2.69 -23.81
C4' GDP F . 18.93 -4.02 -23.93
O4' GDP F . 20.36 -3.80 -23.74
C3' GDP F . 18.51 -5.08 -22.90
O3' GDP F . 18.16 -6.30 -23.56
C2' GDP F . 19.74 -5.21 -21.99
O2' GDP F . 19.88 -6.51 -21.43
C1' GDP F . 20.88 -4.85 -22.93
N9 GDP F . 22.13 -4.35 -22.31
C8 GDP F . 23.40 -4.78 -22.61
N7 GDP F . 24.33 -4.19 -21.92
C5 GDP F . 23.65 -3.30 -21.10
C6 GDP F . 24.14 -2.38 -20.12
O6 GDP F . 25.32 -2.16 -19.79
N1 GDP F . 23.10 -1.64 -19.49
C2 GDP F . 21.74 -1.79 -19.79
N2 GDP F . 20.89 -1.02 -19.10
N3 GDP F . 21.27 -2.67 -20.70
C4 GDP F . 22.28 -3.39 -21.32
#